data_2WO4
# 
_entry.id   2WO4 
# 
_audit_conform.dict_name       mmcif_pdbx.dic 
_audit_conform.dict_version    5.383 
_audit_conform.dict_location   http://mmcif.pdb.org/dictionaries/ascii/mmcif_pdbx.dic 
# 
loop_
_database_2.database_id 
_database_2.database_code 
_database_2.pdbx_database_accession 
_database_2.pdbx_DOI 
PDB   2WO4         pdb_00002wo4 10.2210/pdb2wo4/pdb 
PDBE  EBI-40497    ?            ?                   
WWPDB D_1290040497 ?            ?                   
# 
loop_
_pdbx_database_related.db_name 
_pdbx_database_related.db_id 
_pdbx_database_related.content_type 
_pdbx_database_related.details 
PDB 2WNX unspecified 
;3B' CARBOHYDRATE-BINDING MODULE FROM THE CEL9V GLYCOSIDE HYDROLASE FROM CLOSTRIDIUM THERMOCELLUM
;
PDB 2WOB unspecified 
;3B' CARBOHYDRATE-BINDING MODULE FROM THE CEL9V GLYCOSIDE HYDROLASE FROM CLOSTRIDIUM THERMOCELLUM. ORTHORHOMBIC STRUCTURE
;
# 
_pdbx_database_status.status_code                     REL 
_pdbx_database_status.entry_id                        2WO4 
_pdbx_database_status.deposit_site                    PDBE 
_pdbx_database_status.process_site                    PDBE 
_pdbx_database_status.SG_entry                        . 
_pdbx_database_status.recvd_initial_deposition_date   2009-07-21 
_pdbx_database_status.pdb_format_compatible           Y 
_pdbx_database_status.status_code_sf                  REL 
_pdbx_database_status.status_code_mr                  ? 
_pdbx_database_status.status_code_cs                  ? 
_pdbx_database_status.methods_development_category    ? 
_pdbx_database_status.status_code_nmr_data            ? 
# 
loop_
_audit_author.name 
_audit_author.pdbx_ordinal 
'Petkun, S.'     1 
'Jindou, S.'     2 
'Shimon, L.J.W.' 3 
'Bayer, E.A.'    4 
'Lamed, R.'      5 
'Frolow, F.'     6 
# 
loop_
_citation.id 
_citation.title 
_citation.journal_abbrev 
_citation.journal_volume 
_citation.page_first 
_citation.page_last 
_citation.year 
_citation.journal_id_ASTM 
_citation.country 
_citation.journal_id_ISSN 
_citation.journal_id_CSD 
_citation.book_publisher 
_citation.pdbx_database_id_PubMed 
_citation.pdbx_database_id_DOI 
primary 
;Structure of a Family 3B' Carbohydrate-Binding Module from the Cel9V Glycoside Hydrolase from Clostridium Thermocellum: Structural Diversity and Implications for Carbohydrate Binding
;
'Acta Crystallogr.,Sect.D' 66  33  ? 2010 ABCRE6 DK 0907-4449 0766 ? 20057047 10.1107/S0907444909043030        
1       
;Novel Architecture of Family-9 Glycoside Hydrolases Identified in Cellulosomal Enzymes of Acetivibrio Cellulolyticus and Clostridium Thermocellum.
;
'Fems Microbiol.Lett.'     254 308 ? 2006 FMLED7 NE 0378-1097 2102 ? 16445761 10.1111/J.1574-6968.2005.00040.X 
# 
loop_
_citation_author.citation_id 
_citation_author.name 
_citation_author.ordinal 
_citation_author.identifier_ORCID 
primary 'Petkun, S.'     1  ? 
primary 'Jindou, S.'     2  ? 
primary 'Shimon, L.J.W.' 3  ? 
primary 'Bayer, E.A.'    4  ? 
primary 'Lamed, R.'      5  ? 
primary 'Frolow, F.'     6  ? 
1       'Jindou, S.'     7  ? 
1       'Xu, Q.'         8  ? 
1       'Kenig, R.'      9  ? 
1       'Shulman, M.'    10 ? 
1       'Shoham, Y.'     11 ? 
1       'Bayer, E.A.'    12 ? 
1       'Lamed, R.'      13 ? 
# 
_cell.entry_id           2WO4 
_cell.length_a           73.897 
_cell.length_b           73.897 
_cell.length_c           85.755 
_cell.angle_alpha        90.00 
_cell.angle_beta         90.00 
_cell.angle_gamma        90.00 
_cell.Z_PDB              8 
_cell.pdbx_unique_axis   ? 
# 
_symmetry.entry_id                         2WO4 
_symmetry.space_group_name_H-M             'P 41 21 2' 
_symmetry.pdbx_full_space_group_name_H-M   ? 
_symmetry.cell_setting                     ? 
_symmetry.Int_Tables_number                92 
# 
loop_
_entity.id 
_entity.type 
_entity.src_method 
_entity.pdbx_description 
_entity.formula_weight 
_entity.pdbx_number_of_molecules 
_entity.pdbx_ec 
_entity.pdbx_mutation 
_entity.pdbx_fragment 
_entity.details 
1 polymer     man 'GLYCOSIDE HYDROLASE, FAMILY 9' 18649.406 1   ? ? 
;CARBOHYDRATE-BINDING MODULE3B', RESIDUES 731-888
;
? 
2 non-polymer syn 'CALCIUM ION'                   40.078    1   ? ? ?                                                  ? 
3 non-polymer syn 'SULFATE ION'                   96.063    1   ? ? ?                                                  ? 
4 non-polymer syn 'CHLORIDE ION'                  35.453    1   ? ? ?                                                  ? 
5 water       nat water                           18.015    210 ? ? ?                                                  ? 
# 
_entity_name_com.entity_id   1 
_entity_name_com.name        'CEL9V GLYCOSIDE HYDROLASE' 
# 
_entity_poly.entity_id                      1 
_entity_poly.type                           'polypeptide(L)' 
_entity_poly.nstd_linkage                   no 
_entity_poly.nstd_monomer                   no 
_entity_poly.pdbx_seq_one_letter_code       
;MDPSQTPDANASISVSYKCGVKDGTKNTIRATINIKNTGTTPVNLSDIKVRYWFTSDGNEQNNFVCDYAAFGTDKVKGIV
KKIENSVPGADTYCEISFTEDAGRLAPGGSTGTIPFRIEGAAEYDQTDDYSYNSEMSDDFGDNTKITAYIKDKLKYGVEA
AALEHHHHHH
;
_entity_poly.pdbx_seq_one_letter_code_can   
;MDPSQTPDANASISVSYKCGVKDGTKNTIRATINIKNTGTTPVNLSDIKVRYWFTSDGNEQNNFVCDYAAFGTDKVKGIV
KKIENSVPGADTYCEISFTEDAGRLAPGGSTGTIPFRIEGAAEYDQTDDYSYNSEMSDDFGDNTKITAYIKDKLKYGVEA
AALEHHHHHH
;
_entity_poly.pdbx_strand_id                 A 
_entity_poly.pdbx_target_identifier         ? 
# 
loop_
_entity_poly_seq.entity_id 
_entity_poly_seq.num 
_entity_poly_seq.mon_id 
_entity_poly_seq.hetero 
1 1   MET n 
1 2   ASP n 
1 3   PRO n 
1 4   SER n 
1 5   GLN n 
1 6   THR n 
1 7   PRO n 
1 8   ASP n 
1 9   ALA n 
1 10  ASN n 
1 11  ALA n 
1 12  SER n 
1 13  ILE n 
1 14  SER n 
1 15  VAL n 
1 16  SER n 
1 17  TYR n 
1 18  LYS n 
1 19  CYS n 
1 20  GLY n 
1 21  VAL n 
1 22  LYS n 
1 23  ASP n 
1 24  GLY n 
1 25  THR n 
1 26  LYS n 
1 27  ASN n 
1 28  THR n 
1 29  ILE n 
1 30  ARG n 
1 31  ALA n 
1 32  THR n 
1 33  ILE n 
1 34  ASN n 
1 35  ILE n 
1 36  LYS n 
1 37  ASN n 
1 38  THR n 
1 39  GLY n 
1 40  THR n 
1 41  THR n 
1 42  PRO n 
1 43  VAL n 
1 44  ASN n 
1 45  LEU n 
1 46  SER n 
1 47  ASP n 
1 48  ILE n 
1 49  LYS n 
1 50  VAL n 
1 51  ARG n 
1 52  TYR n 
1 53  TRP n 
1 54  PHE n 
1 55  THR n 
1 56  SER n 
1 57  ASP n 
1 58  GLY n 
1 59  ASN n 
1 60  GLU n 
1 61  GLN n 
1 62  ASN n 
1 63  ASN n 
1 64  PHE n 
1 65  VAL n 
1 66  CYS n 
1 67  ASP n 
1 68  TYR n 
1 69  ALA n 
1 70  ALA n 
1 71  PHE n 
1 72  GLY n 
1 73  THR n 
1 74  ASP n 
1 75  LYS n 
1 76  VAL n 
1 77  LYS n 
1 78  GLY n 
1 79  ILE n 
1 80  VAL n 
1 81  LYS n 
1 82  LYS n 
1 83  ILE n 
1 84  GLU n 
1 85  ASN n 
1 86  SER n 
1 87  VAL n 
1 88  PRO n 
1 89  GLY n 
1 90  ALA n 
1 91  ASP n 
1 92  THR n 
1 93  TYR n 
1 94  CYS n 
1 95  GLU n 
1 96  ILE n 
1 97  SER n 
1 98  PHE n 
1 99  THR n 
1 100 GLU n 
1 101 ASP n 
1 102 ALA n 
1 103 GLY n 
1 104 ARG n 
1 105 LEU n 
1 106 ALA n 
1 107 PRO n 
1 108 GLY n 
1 109 GLY n 
1 110 SER n 
1 111 THR n 
1 112 GLY n 
1 113 THR n 
1 114 ILE n 
1 115 PRO n 
1 116 PHE n 
1 117 ARG n 
1 118 ILE n 
1 119 GLU n 
1 120 GLY n 
1 121 ALA n 
1 122 ALA n 
1 123 GLU n 
1 124 TYR n 
1 125 ASP n 
1 126 GLN n 
1 127 THR n 
1 128 ASP n 
1 129 ASP n 
1 130 TYR n 
1 131 SER n 
1 132 TYR n 
1 133 ASN n 
1 134 SER n 
1 135 GLU n 
1 136 MET n 
1 137 SER n 
1 138 ASP n 
1 139 ASP n 
1 140 PHE n 
1 141 GLY n 
1 142 ASP n 
1 143 ASN n 
1 144 THR n 
1 145 LYS n 
1 146 ILE n 
1 147 THR n 
1 148 ALA n 
1 149 TYR n 
1 150 ILE n 
1 151 LYS n 
1 152 ASP n 
1 153 LYS n 
1 154 LEU n 
1 155 LYS n 
1 156 TYR n 
1 157 GLY n 
1 158 VAL n 
1 159 GLU n 
1 160 ALA n 
1 161 ALA n 
1 162 ALA n 
1 163 LEU n 
1 164 GLU n 
1 165 HIS n 
1 166 HIS n 
1 167 HIS n 
1 168 HIS n 
1 169 HIS n 
1 170 HIS n 
# 
_entity_src_gen.entity_id                          1 
_entity_src_gen.pdbx_src_id                        1 
_entity_src_gen.pdbx_alt_source_flag               sample 
_entity_src_gen.pdbx_seq_type                      ? 
_entity_src_gen.pdbx_beg_seq_num                   ? 
_entity_src_gen.pdbx_end_seq_num                   ? 
_entity_src_gen.gene_src_common_name               ? 
_entity_src_gen.gene_src_genus                     ? 
_entity_src_gen.pdbx_gene_src_gene                 ? 
_entity_src_gen.gene_src_species                   ? 
_entity_src_gen.gene_src_strain                    ? 
_entity_src_gen.gene_src_tissue                    ? 
_entity_src_gen.gene_src_tissue_fraction           ? 
_entity_src_gen.gene_src_details                   ? 
_entity_src_gen.pdbx_gene_src_fragment             ? 
_entity_src_gen.pdbx_gene_src_scientific_name      'CLOSTRIDIUM THERMOCELLUM' 
_entity_src_gen.pdbx_gene_src_ncbi_taxonomy_id     1515 
_entity_src_gen.pdbx_gene_src_variant              ? 
_entity_src_gen.pdbx_gene_src_cell_line            ? 
_entity_src_gen.pdbx_gene_src_atcc                 ? 
_entity_src_gen.pdbx_gene_src_organ                ? 
_entity_src_gen.pdbx_gene_src_organelle            ? 
_entity_src_gen.pdbx_gene_src_cell                 ? 
_entity_src_gen.pdbx_gene_src_cellular_location    ? 
_entity_src_gen.host_org_common_name               ? 
_entity_src_gen.pdbx_host_org_scientific_name      'ESCHERICHIA COLI' 
_entity_src_gen.pdbx_host_org_ncbi_taxonomy_id     469008 
_entity_src_gen.host_org_genus                     ? 
_entity_src_gen.pdbx_host_org_gene                 ? 
_entity_src_gen.pdbx_host_org_organ                ? 
_entity_src_gen.host_org_species                   ? 
_entity_src_gen.pdbx_host_org_tissue               ? 
_entity_src_gen.pdbx_host_org_tissue_fraction      ? 
_entity_src_gen.pdbx_host_org_strain               'BL21(DE3)' 
_entity_src_gen.pdbx_host_org_variant              ? 
_entity_src_gen.pdbx_host_org_cell_line            ? 
_entity_src_gen.pdbx_host_org_atcc                 ? 
_entity_src_gen.pdbx_host_org_culture_collection   ? 
_entity_src_gen.pdbx_host_org_cell                 ? 
_entity_src_gen.pdbx_host_org_organelle            ? 
_entity_src_gen.pdbx_host_org_cellular_location    ? 
_entity_src_gen.pdbx_host_org_vector_type          PLASMID 
_entity_src_gen.pdbx_host_org_vector               PET-28A 
_entity_src_gen.host_org_details                   ? 
_entity_src_gen.expression_system_id               ? 
_entity_src_gen.plasmid_name                       ? 
_entity_src_gen.plasmid_details                    ? 
_entity_src_gen.pdbx_description                   ? 
# 
_struct_ref.id                         1 
_struct_ref.db_name                    UNP 
_struct_ref.db_code                    A3DJ30_CLOTH 
_struct_ref.entity_id                  1 
_struct_ref.pdbx_seq_one_letter_code   ? 
_struct_ref.pdbx_align_begin           ? 
_struct_ref.pdbx_db_accession          A3DJ30 
_struct_ref.pdbx_db_isoform            ? 
# 
_struct_ref_seq.align_id                      1 
_struct_ref_seq.ref_id                        1 
_struct_ref_seq.pdbx_PDB_id_code              2WO4 
_struct_ref_seq.pdbx_strand_id                A 
_struct_ref_seq.seq_align_beg                 2 
_struct_ref_seq.pdbx_seq_align_beg_ins_code   ? 
_struct_ref_seq.seq_align_end                 159 
_struct_ref_seq.pdbx_seq_align_end_ins_code   ? 
_struct_ref_seq.pdbx_db_accession             A3DJ30 
_struct_ref_seq.db_align_beg                  731 
_struct_ref_seq.pdbx_db_align_beg_ins_code    ? 
_struct_ref_seq.db_align_end                  888 
_struct_ref_seq.pdbx_db_align_end_ins_code    ? 
_struct_ref_seq.pdbx_auth_seq_align_beg       2 
_struct_ref_seq.pdbx_auth_seq_align_end       159 
# 
loop_
_struct_ref_seq_dif.align_id 
_struct_ref_seq_dif.pdbx_pdb_id_code 
_struct_ref_seq_dif.mon_id 
_struct_ref_seq_dif.pdbx_pdb_strand_id 
_struct_ref_seq_dif.seq_num 
_struct_ref_seq_dif.pdbx_pdb_ins_code 
_struct_ref_seq_dif.pdbx_seq_db_name 
_struct_ref_seq_dif.pdbx_seq_db_accession_code 
_struct_ref_seq_dif.db_mon_id 
_struct_ref_seq_dif.pdbx_seq_db_seq_num 
_struct_ref_seq_dif.details 
_struct_ref_seq_dif.pdbx_auth_seq_num 
_struct_ref_seq_dif.pdbx_ordinal 
1 2WO4 MET A 1   ? UNP A3DJ30 ? ? 'expression tag' 1   1  
1 2WO4 ALA A 160 ? UNP A3DJ30 ? ? 'expression tag' 160 2  
1 2WO4 ALA A 161 ? UNP A3DJ30 ? ? 'expression tag' 161 3  
1 2WO4 ALA A 162 ? UNP A3DJ30 ? ? 'expression tag' 162 4  
1 2WO4 LEU A 163 ? UNP A3DJ30 ? ? 'expression tag' 163 5  
1 2WO4 GLU A 164 ? UNP A3DJ30 ? ? 'expression tag' 164 6  
1 2WO4 HIS A 165 ? UNP A3DJ30 ? ? 'expression tag' 165 7  
1 2WO4 HIS A 166 ? UNP A3DJ30 ? ? 'expression tag' 166 8  
1 2WO4 HIS A 167 ? UNP A3DJ30 ? ? 'expression tag' 167 9  
1 2WO4 HIS A 168 ? UNP A3DJ30 ? ? 'expression tag' 168 10 
1 2WO4 HIS A 169 ? UNP A3DJ30 ? ? 'expression tag' 169 11 
1 2WO4 HIS A 170 ? UNP A3DJ30 ? ? 'expression tag' 170 12 
# 
loop_
_chem_comp.id 
_chem_comp.type 
_chem_comp.mon_nstd_flag 
_chem_comp.name 
_chem_comp.pdbx_synonyms 
_chem_comp.formula 
_chem_comp.formula_weight 
ALA 'L-peptide linking' y ALANINE         ? 'C3 H7 N O2'     89.093  
ARG 'L-peptide linking' y ARGININE        ? 'C6 H15 N4 O2 1' 175.209 
ASN 'L-peptide linking' y ASPARAGINE      ? 'C4 H8 N2 O3'    132.118 
ASP 'L-peptide linking' y 'ASPARTIC ACID' ? 'C4 H7 N O4'     133.103 
CA  non-polymer         . 'CALCIUM ION'   ? 'Ca 2'           40.078  
CL  non-polymer         . 'CHLORIDE ION'  ? 'Cl -1'          35.453  
CYS 'L-peptide linking' y CYSTEINE        ? 'C3 H7 N O2 S'   121.158 
GLN 'L-peptide linking' y GLUTAMINE       ? 'C5 H10 N2 O3'   146.144 
GLU 'L-peptide linking' y 'GLUTAMIC ACID' ? 'C5 H9 N O4'     147.129 
GLY 'peptide linking'   y GLYCINE         ? 'C2 H5 N O2'     75.067  
HIS 'L-peptide linking' y HISTIDINE       ? 'C6 H10 N3 O2 1' 156.162 
HOH non-polymer         . WATER           ? 'H2 O'           18.015  
ILE 'L-peptide linking' y ISOLEUCINE      ? 'C6 H13 N O2'    131.173 
LEU 'L-peptide linking' y LEUCINE         ? 'C6 H13 N O2'    131.173 
LYS 'L-peptide linking' y LYSINE          ? 'C6 H15 N2 O2 1' 147.195 
MET 'L-peptide linking' y METHIONINE      ? 'C5 H11 N O2 S'  149.211 
PHE 'L-peptide linking' y PHENYLALANINE   ? 'C9 H11 N O2'    165.189 
PRO 'L-peptide linking' y PROLINE         ? 'C5 H9 N O2'     115.130 
SER 'L-peptide linking' y SERINE          ? 'C3 H7 N O3'     105.093 
SO4 non-polymer         . 'SULFATE ION'   ? 'O4 S -2'        96.063  
THR 'L-peptide linking' y THREONINE       ? 'C4 H9 N O3'     119.119 
TRP 'L-peptide linking' y TRYPTOPHAN      ? 'C11 H12 N2 O2'  204.225 
TYR 'L-peptide linking' y TYROSINE        ? 'C9 H11 N O3'    181.189 
VAL 'L-peptide linking' y VALINE          ? 'C5 H11 N O2'    117.146 
# 
_exptl.entry_id          2WO4 
_exptl.method            'X-RAY DIFFRACTION' 
_exptl.crystals_number   1 
# 
_exptl_crystal.id                    1 
_exptl_crystal.density_meas          ? 
_exptl_crystal.density_Matthews      3.41 
_exptl_crystal.density_percent_sol   63.9 
_exptl_crystal.description           NONE 
# 
_exptl_crystal_grow.crystal_id      1 
_exptl_crystal_grow.method          ? 
_exptl_crystal_grow.temp            ? 
_exptl_crystal_grow.temp_details    ? 
_exptl_crystal_grow.pH              5.0 
_exptl_crystal_grow.pdbx_pH_range   ? 
_exptl_crystal_grow.pdbx_details    '1.8 M AMMONIUM SULFATE, 0.1 M CITRIC ACID PH 5.0' 
# 
_diffrn.id                     1 
_diffrn.ambient_temp           100 
_diffrn.ambient_temp_details   ? 
_diffrn.crystal_id             1 
# 
_diffrn_detector.diffrn_id              1 
_diffrn_detector.detector               'IMAGE PLATE' 
_diffrn_detector.type                   'RIGAKU RAXIS-IV' 
_diffrn_detector.pdbx_collection_date   2004-05-05 
_diffrn_detector.details                'OSMIC CONFOCAL MIRRORS' 
# 
_diffrn_radiation.diffrn_id                        1 
_diffrn_radiation.wavelength_id                    1 
_diffrn_radiation.pdbx_monochromatic_or_laue_m_l   M 
_diffrn_radiation.monochromator                    ? 
_diffrn_radiation.pdbx_diffrn_protocol             'SINGLE WAVELENGTH' 
_diffrn_radiation.pdbx_scattering_type             x-ray 
# 
_diffrn_radiation_wavelength.id           1 
_diffrn_radiation_wavelength.wavelength   1.5418 
_diffrn_radiation_wavelength.wt           1.0 
# 
_diffrn_source.diffrn_id                   1 
_diffrn_source.source                      'ROTATING ANODE' 
_diffrn_source.type                        'RIGAKU RUH3R' 
_diffrn_source.pdbx_synchrotron_site       ? 
_diffrn_source.pdbx_synchrotron_beamline   ? 
_diffrn_source.pdbx_wavelength             1.5418 
_diffrn_source.pdbx_wavelength_list        ? 
# 
_reflns.pdbx_diffrn_id               1 
_reflns.pdbx_ordinal                 1 
_reflns.entry_id                     2WO4 
_reflns.observed_criterion_sigma_I   0.0 
_reflns.observed_criterion_sigma_F   ? 
_reflns.d_resolution_low             30.00 
_reflns.d_resolution_high            1.79 
_reflns.number_obs                   23006 
_reflns.number_all                   ? 
_reflns.percent_possible_obs         100.0 
_reflns.pdbx_Rmerge_I_obs            0.06 
_reflns.pdbx_Rsym_value              ? 
_reflns.pdbx_netI_over_sigmaI        32.20 
_reflns.B_iso_Wilson_estimate        22.8 
_reflns.pdbx_redundancy              6.5 
# 
_reflns_shell.pdbx_diffrn_id         1 
_reflns_shell.pdbx_ordinal           1 
_reflns_shell.d_res_high             1.79 
_reflns_shell.d_res_low              1.85 
_reflns_shell.percent_possible_all   100.0 
_reflns_shell.Rmerge_I_obs           0.76 
_reflns_shell.pdbx_Rsym_value        ? 
_reflns_shell.meanI_over_sigI_obs    32.20 
_reflns_shell.pdbx_redundancy        6.5 
# 
_refine.pdbx_refine_id                           'X-RAY DIFFRACTION' 
_refine.entry_id                                 2WO4 
_refine.pdbx_diffrn_id                           1 
_refine.pdbx_TLS_residual_ADP_flag               ? 
_refine.ls_number_reflns_obs                     19775 
_refine.ls_number_reflns_all                     ? 
_refine.pdbx_ls_sigma_I                          ? 
_refine.pdbx_ls_sigma_F                          . 
_refine.pdbx_data_cutoff_high_absF               ? 
_refine.pdbx_data_cutoff_low_absF                ? 
_refine.pdbx_data_cutoff_high_rms_absF           ? 
_refine.ls_d_res_low                             55.98 
_refine.ls_d_res_high                            1.85 
_refine.ls_percent_reflns_obs                    99.55 
_refine.ls_R_factor_obs                          0.15037 
_refine.ls_R_factor_all                          ? 
_refine.ls_R_factor_R_work                       0.14820 
_refine.ls_R_factor_R_free                       0.19138 
_refine.ls_R_factor_R_free_error                 ? 
_refine.ls_R_factor_R_free_error_details         ? 
_refine.ls_percent_reflns_R_free                 5.1 
_refine.ls_number_reflns_R_free                  1063 
_refine.ls_number_parameters                     ? 
_refine.ls_number_restraints                     ? 
_refine.occupancy_min                            ? 
_refine.occupancy_max                            ? 
_refine.correlation_coeff_Fo_to_Fc               0.975 
_refine.correlation_coeff_Fo_to_Fc_free          0.962 
_refine.B_iso_mean                               26.213 
_refine.aniso_B[1][1]                            0.61 
_refine.aniso_B[2][2]                            0.61 
_refine.aniso_B[3][3]                            -1.23 
_refine.aniso_B[1][2]                            0.00 
_refine.aniso_B[1][3]                            0.00 
_refine.aniso_B[2][3]                            0.00 
_refine.solvent_model_details                    'BABINET MODEL WITH MASK' 
_refine.solvent_model_param_ksol                 ? 
_refine.solvent_model_param_bsol                 ? 
_refine.pdbx_solvent_vdw_probe_radii             1.40 
_refine.pdbx_solvent_ion_probe_radii             0.80 
_refine.pdbx_solvent_shrinkage_radii             0.80 
_refine.pdbx_ls_cross_valid_method               THROUGHOUT 
_refine.details                                  
'HYDROGENS HAVE BEEN ADDED IN THE RIDING POSITIONS.U VALUES REFINED INDIVIDUALLY. DISORDERED REGIONS WERE MODELED STEREOCHEMICALLY' 
_refine.pdbx_starting_model                      'PDB ENTRY 1NBC' 
_refine.pdbx_method_to_determine_struct          'MOLECULAR REPLACEMENT' 
_refine.pdbx_isotropic_thermal_model             ? 
_refine.pdbx_stereochemistry_target_values       'MAXIMUM LIKELIHOOD' 
_refine.pdbx_stereochem_target_val_spec_case     ? 
_refine.pdbx_R_Free_selection_details            RANDOM 
_refine.pdbx_overall_ESU_R                       0.093 
_refine.pdbx_overall_ESU_R_Free                  0.100 
_refine.overall_SU_ML                            0.066 
_refine.pdbx_overall_phase_error                 ? 
_refine.overall_SU_B                             2.206 
_refine.overall_SU_R_Cruickshank_DPI             ? 
_refine.pdbx_overall_SU_R_free_Cruickshank_DPI   ? 
_refine.pdbx_overall_SU_R_Blow_DPI               ? 
_refine.pdbx_overall_SU_R_free_Blow_DPI          ? 
# 
_refine_hist.pdbx_refine_id                   'X-RAY DIFFRACTION' 
_refine_hist.cycle_id                         LAST 
_refine_hist.pdbx_number_atoms_protein        1210 
_refine_hist.pdbx_number_atoms_nucleic_acid   0 
_refine_hist.pdbx_number_atoms_ligand         7 
_refine_hist.number_atoms_solvent             210 
_refine_hist.number_atoms_total               1427 
_refine_hist.d_res_high                       1.85 
_refine_hist.d_res_low                        55.98 
# 
loop_
_refine_ls_restr.type 
_refine_ls_restr.dev_ideal 
_refine_ls_restr.dev_ideal_target 
_refine_ls_restr.weight 
_refine_ls_restr.number 
_refine_ls_restr.pdbx_refine_id 
_refine_ls_restr.pdbx_restraint_function 
r_bond_refined_d             0.024  0.022  ? 1340 'X-RAY DIFFRACTION' ? 
r_bond_other_d               0.003  0.020  ? 873  'X-RAY DIFFRACTION' ? 
r_angle_refined_deg          1.978  1.946  ? 1830 'X-RAY DIFFRACTION' ? 
r_angle_other_deg            1.224  3.000  ? 2153 'X-RAY DIFFRACTION' ? 
r_dihedral_angle_1_deg       7.645  5.000  ? 179  'X-RAY DIFFRACTION' ? 
r_dihedral_angle_2_deg       34.643 25.806 ? 62   'X-RAY DIFFRACTION' ? 
r_dihedral_angle_3_deg       16.929 15.000 ? 222  'X-RAY DIFFRACTION' ? 
r_dihedral_angle_4_deg       24.502 15.000 ? 5    'X-RAY DIFFRACTION' ? 
r_chiral_restr               0.130  0.200  ? 201  'X-RAY DIFFRACTION' ? 
r_gen_planes_refined         0.010  0.020  ? 1571 'X-RAY DIFFRACTION' ? 
r_gen_planes_other           0.003  0.020  ? 265  'X-RAY DIFFRACTION' ? 
r_nbd_refined                ?      ?      ? ?    'X-RAY DIFFRACTION' ? 
r_nbd_other                  ?      ?      ? ?    'X-RAY DIFFRACTION' ? 
r_nbtor_refined              ?      ?      ? ?    'X-RAY DIFFRACTION' ? 
r_nbtor_other                ?      ?      ? ?    'X-RAY DIFFRACTION' ? 
r_xyhbond_nbd_refined        ?      ?      ? ?    'X-RAY DIFFRACTION' ? 
r_xyhbond_nbd_other          ?      ?      ? ?    'X-RAY DIFFRACTION' ? 
r_metal_ion_refined          ?      ?      ? ?    'X-RAY DIFFRACTION' ? 
r_metal_ion_other            ?      ?      ? ?    'X-RAY DIFFRACTION' ? 
r_symmetry_vdw_refined       ?      ?      ? ?    'X-RAY DIFFRACTION' ? 
r_symmetry_vdw_other         ?      ?      ? ?    'X-RAY DIFFRACTION' ? 
r_symmetry_hbond_refined     ?      ?      ? ?    'X-RAY DIFFRACTION' ? 
r_symmetry_hbond_other       ?      ?      ? ?    'X-RAY DIFFRACTION' ? 
r_symmetry_metal_ion_refined ?      ?      ? ?    'X-RAY DIFFRACTION' ? 
r_symmetry_metal_ion_other   ?      ?      ? ?    'X-RAY DIFFRACTION' ? 
r_mcbond_it                  3.118  3.000  ? 854  'X-RAY DIFFRACTION' ? 
r_mcbond_other               0.904  3.000  ? 350  'X-RAY DIFFRACTION' ? 
r_mcangle_it                 5.156  5.000  ? 1393 'X-RAY DIFFRACTION' ? 
r_mcangle_other              ?      ?      ? ?    'X-RAY DIFFRACTION' ? 
r_scbond_it                  6.660  7.000  ? 486  'X-RAY DIFFRACTION' ? 
r_scbond_other               ?      ?      ? ?    'X-RAY DIFFRACTION' ? 
r_scangle_it                 10.478 10.000 ? 437  'X-RAY DIFFRACTION' ? 
r_scangle_other              ?      ?      ? ?    'X-RAY DIFFRACTION' ? 
r_long_range_B_refined       ?      ?      ? ?    'X-RAY DIFFRACTION' ? 
r_long_range_B_other         ?      ?      ? ?    'X-RAY DIFFRACTION' ? 
r_rigid_bond_restr           ?      ?      ? ?    'X-RAY DIFFRACTION' ? 
r_sphericity_free            ?      ?      ? ?    'X-RAY DIFFRACTION' ? 
r_sphericity_bonded          ?      ?      ? ?    'X-RAY DIFFRACTION' ? 
# 
_refine_ls_shell.pdbx_refine_id                   'X-RAY DIFFRACTION' 
_refine_ls_shell.pdbx_total_number_of_bins_used   20 
_refine_ls_shell.d_res_high                       1.849 
_refine_ls_shell.d_res_low                        1.897 
_refine_ls_shell.number_reflns_R_work             1357 
_refine_ls_shell.R_factor_R_work                  0.267 
_refine_ls_shell.percent_reflns_obs               94.19 
_refine_ls_shell.R_factor_R_free                  0.324 
_refine_ls_shell.R_factor_R_free_error            ? 
_refine_ls_shell.percent_reflns_R_free            ? 
_refine_ls_shell.number_reflns_R_free             69 
_refine_ls_shell.number_reflns_all                ? 
_refine_ls_shell.R_factor_all                     ? 
# 
_struct.entry_id                  2WO4 
_struct.title                     
;3b' carbohydrate-binding module from the Cel9V glycoside hydrolase from Clostridium thermocellum, in-house data
;
_struct.pdbx_model_details        ? 
_struct.pdbx_CASP_flag            ? 
_struct.pdbx_model_type_details   ? 
# 
_struct_keywords.entry_id        2WO4 
_struct_keywords.pdbx_keywords   HYDROLASE 
_struct_keywords.text            'CELLULOSE DEGRADATION, HYDROLASE, GLYCOSIDE HYDROLASE' 
# 
loop_
_struct_asym.id 
_struct_asym.pdbx_blank_PDB_chainid_flag 
_struct_asym.pdbx_modified 
_struct_asym.entity_id 
_struct_asym.details 
A N N 1 ? 
B N N 2 ? 
C N N 3 ? 
D N N 4 ? 
E N N 5 ? 
# 
_struct_biol.id   1 
# 
loop_
_struct_conf.conf_type_id 
_struct_conf.id 
_struct_conf.pdbx_PDB_helix_id 
_struct_conf.beg_label_comp_id 
_struct_conf.beg_label_asym_id 
_struct_conf.beg_label_seq_id 
_struct_conf.pdbx_beg_PDB_ins_code 
_struct_conf.end_label_comp_id 
_struct_conf.end_label_asym_id 
_struct_conf.end_label_seq_id 
_struct_conf.pdbx_end_PDB_ins_code 
_struct_conf.beg_auth_comp_id 
_struct_conf.beg_auth_asym_id 
_struct_conf.beg_auth_seq_id 
_struct_conf.end_auth_comp_id 
_struct_conf.end_auth_asym_id 
_struct_conf.end_auth_seq_id 
_struct_conf.pdbx_PDB_helix_class 
_struct_conf.details 
_struct_conf.pdbx_PDB_helix_length 
HELX_P HELX_P1 1 THR A 6  ? ALA A 11 ? THR A 6  ALA A 11 1 ? 6 
HELX_P HELX_P2 2 GLY A 72 ? ASP A 74 ? GLY A 72 ASP A 74 5 ? 3 
# 
_struct_conf_type.id          HELX_P 
_struct_conf_type.criteria    ? 
_struct_conf_type.reference   ? 
# 
loop_
_struct_conn.id 
_struct_conn.conn_type_id 
_struct_conn.pdbx_leaving_atom_flag 
_struct_conn.pdbx_PDB_id 
_struct_conn.ptnr1_label_asym_id 
_struct_conn.ptnr1_label_comp_id 
_struct_conn.ptnr1_label_seq_id 
_struct_conn.ptnr1_label_atom_id 
_struct_conn.pdbx_ptnr1_label_alt_id 
_struct_conn.pdbx_ptnr1_PDB_ins_code 
_struct_conn.pdbx_ptnr1_standard_comp_id 
_struct_conn.ptnr1_symmetry 
_struct_conn.ptnr2_label_asym_id 
_struct_conn.ptnr2_label_comp_id 
_struct_conn.ptnr2_label_seq_id 
_struct_conn.ptnr2_label_atom_id 
_struct_conn.pdbx_ptnr2_label_alt_id 
_struct_conn.pdbx_ptnr2_PDB_ins_code 
_struct_conn.ptnr1_auth_asym_id 
_struct_conn.ptnr1_auth_comp_id 
_struct_conn.ptnr1_auth_seq_id 
_struct_conn.ptnr2_auth_asym_id 
_struct_conn.ptnr2_auth_comp_id 
_struct_conn.ptnr2_auth_seq_id 
_struct_conn.ptnr2_symmetry 
_struct_conn.pdbx_ptnr3_label_atom_id 
_struct_conn.pdbx_ptnr3_label_seq_id 
_struct_conn.pdbx_ptnr3_label_comp_id 
_struct_conn.pdbx_ptnr3_label_asym_id 
_struct_conn.pdbx_ptnr3_label_alt_id 
_struct_conn.pdbx_ptnr3_PDB_ins_code 
_struct_conn.details 
_struct_conn.pdbx_dist_value 
_struct_conn.pdbx_value_order 
_struct_conn.pdbx_role 
metalc1 metalc ? ? A THR 55  O   ? ? ? 1_555 B CA  . CA ? ? A THR 55   A CA  1163 1_555 ? ? ? ? ? ? ? 2.439 ? ? 
metalc2 metalc ? ? A THR 55  OG1 ? ? ? 1_555 B CA  . CA ? ? A THR 55   A CA  1163 1_555 ? ? ? ? ? ? ? 2.516 ? ? 
metalc3 metalc ? ? A ASP 57  OD2 ? ? ? 1_555 B CA  . CA ? ? A ASP 57   A CA  1163 1_555 ? ? ? ? ? ? ? 2.430 ? ? 
metalc4 metalc ? ? A ASP 57  OD1 ? ? ? 1_555 B CA  . CA ? ? A ASP 57   A CA  1163 1_555 ? ? ? ? ? ? ? 2.570 ? ? 
metalc5 metalc ? ? A ASP 125 O   ? ? ? 1_555 B CA  . CA ? ? A ASP 125  A CA  1163 1_555 ? ? ? ? ? ? ? 2.422 ? ? 
metalc6 metalc ? ? A ASP 128 OD1 ? ? ? 1_555 B CA  . CA ? ? A ASP 128  A CA  1163 1_555 ? ? ? ? ? ? ? 2.364 ? ? 
metalc7 metalc ? ? A ASP 129 OD1 ? ? ? 1_555 B CA  . CA ? ? A ASP 129  A CA  1163 1_555 ? ? ? ? ? ? ? 2.374 ? ? 
metalc8 metalc ? ? B CA  .   CA  ? ? ? 1_555 E HOH . O  ? ? A CA  1163 A HOH 2166 1_555 ? ? ? ? ? ? ? 2.545 ? ? 
# 
_struct_conn_type.id          metalc 
_struct_conn_type.criteria    ? 
_struct_conn_type.reference   ? 
# 
loop_
_struct_sheet.id 
_struct_sheet.type 
_struct_sheet.number_strands 
_struct_sheet.details 
AA ? 4 ? 
AB ? 2 ? 
AC ? 5 ? 
# 
loop_
_struct_sheet_order.sheet_id 
_struct_sheet_order.range_id_1 
_struct_sheet_order.range_id_2 
_struct_sheet_order.offset 
_struct_sheet_order.sense 
AA 1 2 ? anti-parallel 
AA 2 3 ? anti-parallel 
AA 3 4 ? anti-parallel 
AB 1 2 ? anti-parallel 
AC 1 2 ? anti-parallel 
AC 2 3 ? anti-parallel 
AC 3 4 ? anti-parallel 
AC 4 5 ? anti-parallel 
# 
loop_
_struct_sheet_range.sheet_id 
_struct_sheet_range.id 
_struct_sheet_range.beg_label_comp_id 
_struct_sheet_range.beg_label_asym_id 
_struct_sheet_range.beg_label_seq_id 
_struct_sheet_range.pdbx_beg_PDB_ins_code 
_struct_sheet_range.end_label_comp_id 
_struct_sheet_range.end_label_asym_id 
_struct_sheet_range.end_label_seq_id 
_struct_sheet_range.pdbx_end_PDB_ins_code 
_struct_sheet_range.beg_auth_comp_id 
_struct_sheet_range.beg_auth_asym_id 
_struct_sheet_range.beg_auth_seq_id 
_struct_sheet_range.end_auth_comp_id 
_struct_sheet_range.end_auth_asym_id 
_struct_sheet_range.end_auth_seq_id 
AA 1 ILE A 13  ? CYS A 19  ? ILE A 13  CYS A 19  
AA 2 THR A 28  ? ASN A 37  ? THR A 28  ASN A 37  
AA 3 ILE A 114 ? GLY A 120 ? ILE A 114 GLY A 120 
AA 4 ASN A 62  ? CYS A 66  ? ASN A 62  CYS A 66  
AB 1 VAL A 43  ? ASN A 44  ? VAL A 43  ASN A 44  
AB 2 ARG A 104 ? LEU A 105 ? ARG A 104 LEU A 105 
AC 1 VAL A 76  ? VAL A 87  ? VAL A 76  VAL A 87  
AC 2 ALA A 90  ? PHE A 98  ? ALA A 90  PHE A 98  
AC 3 ILE A 48  ? PHE A 54  ? ILE A 48  PHE A 54  
AC 4 THR A 147 ? ILE A 150 ? THR A 147 ILE A 150 
AC 5 LYS A 153 ? TYR A 156 ? LYS A 153 TYR A 156 
# 
loop_
_pdbx_struct_sheet_hbond.sheet_id 
_pdbx_struct_sheet_hbond.range_id_1 
_pdbx_struct_sheet_hbond.range_id_2 
_pdbx_struct_sheet_hbond.range_1_label_atom_id 
_pdbx_struct_sheet_hbond.range_1_label_comp_id 
_pdbx_struct_sheet_hbond.range_1_label_asym_id 
_pdbx_struct_sheet_hbond.range_1_label_seq_id 
_pdbx_struct_sheet_hbond.range_1_PDB_ins_code 
_pdbx_struct_sheet_hbond.range_1_auth_atom_id 
_pdbx_struct_sheet_hbond.range_1_auth_comp_id 
_pdbx_struct_sheet_hbond.range_1_auth_asym_id 
_pdbx_struct_sheet_hbond.range_1_auth_seq_id 
_pdbx_struct_sheet_hbond.range_2_label_atom_id 
_pdbx_struct_sheet_hbond.range_2_label_comp_id 
_pdbx_struct_sheet_hbond.range_2_label_asym_id 
_pdbx_struct_sheet_hbond.range_2_label_seq_id 
_pdbx_struct_sheet_hbond.range_2_PDB_ins_code 
_pdbx_struct_sheet_hbond.range_2_auth_atom_id 
_pdbx_struct_sheet_hbond.range_2_auth_comp_id 
_pdbx_struct_sheet_hbond.range_2_auth_asym_id 
_pdbx_struct_sheet_hbond.range_2_auth_seq_id 
AA 1 2 N LYS A 18  ? N LYS A 18  O THR A 32  ? O THR A 32  
AA 2 3 N ILE A 33  ? N ILE A 33  O ILE A 114 ? O ILE A 114 
AA 3 4 N GLU A 119 ? N GLU A 119 O ASN A 63  ? O ASN A 63  
AB 1 2 N VAL A 43  ? N VAL A 43  O LEU A 105 ? O LEU A 105 
AC 1 2 N VAL A 87  ? N VAL A 87  O ALA A 90  ? O ALA A 90  
AC 2 3 N ILE A 96  ? N ILE A 96  O VAL A 50  ? O VAL A 50  
AC 3 4 N ARG A 51  ? N ARG A 51  O THR A 147 ? O THR A 147 
AC 4 5 N ILE A 150 ? N ILE A 150 O LYS A 153 ? O LYS A 153 
# 
loop_
_struct_site.id 
_struct_site.pdbx_evidence_code 
_struct_site.pdbx_auth_asym_id 
_struct_site.pdbx_auth_comp_id 
_struct_site.pdbx_auth_seq_id 
_struct_site.pdbx_auth_ins_code 
_struct_site.pdbx_num_residues 
_struct_site.details 
AC1 Software A CA  1163 ? 6  'BINDING SITE FOR RESIDUE CA A 1163'  
AC2 Software A SO4 1164 ? 11 'BINDING SITE FOR RESIDUE SO4 A 1164' 
AC3 Software A CL  1165 ? 2  'BINDING SITE FOR RESIDUE CL A 1165'  
# 
loop_
_struct_site_gen.id 
_struct_site_gen.site_id 
_struct_site_gen.pdbx_num_res 
_struct_site_gen.label_comp_id 
_struct_site_gen.label_asym_id 
_struct_site_gen.label_seq_id 
_struct_site_gen.pdbx_auth_ins_code 
_struct_site_gen.auth_comp_id 
_struct_site_gen.auth_asym_id 
_struct_site_gen.auth_seq_id 
_struct_site_gen.label_atom_id 
_struct_site_gen.label_alt_id 
_struct_site_gen.symmetry 
_struct_site_gen.details 
1  AC1 6  THR A 55  ? THR A 55   . ? 1_555 ? 
2  AC1 6  ASP A 57  ? ASP A 57   . ? 1_555 ? 
3  AC1 6  ASP A 125 ? ASP A 125  . ? 1_555 ? 
4  AC1 6  ASP A 128 ? ASP A 128  . ? 1_555 ? 
5  AC1 6  ASP A 129 ? ASP A 129  . ? 1_555 ? 
6  AC1 6  HOH E .   ? HOH A 2166 . ? 1_555 ? 
7  AC2 11 LYS A 22  ? LYS A 22   . ? 1_555 ? 
8  AC2 11 ASP A 23  ? ASP A 23   . ? 1_555 ? 
9  AC2 11 GLY A 24  ? GLY A 24   . ? 1_555 ? 
10 AC2 11 THR A 25  ? THR A 25   . ? 1_555 ? 
11 AC2 11 LYS A 26  ? LYS A 26   . ? 1_555 ? 
12 AC2 11 ASN A 27  ? ASN A 27   . ? 1_555 ? 
13 AC2 11 THR A 28  ? THR A 28   . ? 1_555 ? 
14 AC2 11 ARG A 30  ? ARG A 30   . ? 1_555 ? 
15 AC2 11 HOH E .   ? HOH A 2035 . ? 1_555 ? 
16 AC2 11 HOH E .   ? HOH A 2209 . ? 1_555 ? 
17 AC2 11 HOH E .   ? HOH A 2210 . ? 1_555 ? 
18 AC3 2  LYS A 77  ? LYS A 77   . ? 1_555 ? 
19 AC3 2  GLU A 100 ? GLU A 100  . ? 1_555 ? 
# 
_atom_sites.entry_id                    2WO4 
_atom_sites.fract_transf_matrix[1][1]   -0.00868218 
_atom_sites.fract_transf_matrix[1][2]   -0.00732992 
_atom_sites.fract_transf_matrix[1][3]   -0.00734895 
_atom_sites.fract_transf_matrix[2][1]   0.00269769 
_atom_sites.fract_transf_matrix[2][2]   -0.01084525 
_atom_sites.fract_transf_matrix[2][3]   0.00763007 
_atom_sites.fract_transf_matrix[3][1]   -0.00863703 
_atom_sites.fract_transf_matrix[3][2]   0.00295612 
_atom_sites.fract_transf_matrix[3][3]   0.00725548 
_atom_sites.fract_transf_vector[1]      0.155457 
_atom_sites.fract_transf_vector[2]      0.320338 
_atom_sites.fract_transf_vector[3]      0.168250 
# 
loop_
_atom_type.symbol 
C  
CA 
CL 
N  
O  
S  
# 
loop_
_atom_site.group_PDB 
_atom_site.id 
_atom_site.type_symbol 
_atom_site.label_atom_id 
_atom_site.label_alt_id 
_atom_site.label_comp_id 
_atom_site.label_asym_id 
_atom_site.label_entity_id 
_atom_site.label_seq_id 
_atom_site.pdbx_PDB_ins_code 
_atom_site.Cartn_x 
_atom_site.Cartn_y 
_atom_site.Cartn_z 
_atom_site.occupancy 
_atom_site.B_iso_or_equiv 
_atom_site.pdbx_formal_charge 
_atom_site.auth_seq_id 
_atom_site.auth_comp_id 
_atom_site.auth_asym_id 
_atom_site.auth_atom_id 
_atom_site.pdbx_PDB_model_num 
ATOM   1    N  N   . SER A 1 4   ? -20.755 1.559   -22.218 1.00 123.32 ? 4    SER A N   1 
ATOM   2    C  CA  . SER A 1 4   ? -20.388 2.913   -22.736 1.00 124.34 ? 4    SER A CA  1 
ATOM   3    C  C   . SER A 1 4   ? -19.506 3.695   -21.737 1.00 125.38 ? 4    SER A C   1 
ATOM   4    O  O   . SER A 1 4   ? -18.515 4.316   -22.133 1.00 125.84 ? 4    SER A O   1 
ATOM   5    C  CB  . SER A 1 4   ? -21.648 3.713   -23.089 1.00 124.22 ? 4    SER A CB  1 
ATOM   6    O  OG  . SER A 1 4   ? -22.445 3.025   -24.040 1.00 121.88 ? 4    SER A OG  1 
ATOM   7    N  N   . GLN A 1 5   ? -19.909 3.685   -20.463 1.00 126.32 ? 5    GLN A N   1 
ATOM   8    C  CA  . GLN A 1 5   ? -19.107 4.133   -19.273 1.00 126.55 ? 5    GLN A CA  1 
ATOM   9    C  C   . GLN A 1 5   ? -18.145 5.377   -19.292 1.00 125.49 ? 5    GLN A C   1 
ATOM   10   O  O   . GLN A 1 5   ? -18.144 6.131   -18.310 1.00 126.42 ? 5    GLN A O   1 
ATOM   11   C  CB  . GLN A 1 5   ? -18.356 2.919   -18.673 1.00 127.24 ? 5    GLN A CB  1 
ATOM   12   C  CG  . GLN A 1 5   ? -19.251 1.940   -17.886 1.00 128.79 ? 5    GLN A CG  1 
ATOM   13   C  CD  . GLN A 1 5   ? -18.470 0.821   -17.188 1.00 130.35 ? 5    GLN A CD  1 
ATOM   14   O  OE1 . GLN A 1 5   ? -17.339 0.484   -17.572 1.00 131.67 ? 5    GLN A OE1 1 
ATOM   15   N  NE2 . GLN A 1 5   ? -19.084 0.239   -16.156 1.00 128.05 ? 5    GLN A NE2 1 
ATOM   16   N  N   . THR A 1 6   ? -17.345 5.576   -20.354 1.00 122.74 ? 6    THR A N   1 
ATOM   17   C  CA  . THR A 1 6   ? -16.229 6.583   -20.428 1.00 120.04 ? 6    THR A CA  1 
ATOM   18   C  C   . THR A 1 6   ? -14.908 6.058   -19.780 1.00 118.07 ? 6    THR A C   1 
ATOM   19   O  O   . THR A 1 6   ? -14.954 5.213   -18.871 1.00 117.36 ? 6    THR A O   1 
ATOM   20   C  CB  . THR A 1 6   ? -16.577 8.042   -19.868 1.00 119.81 ? 6    THR A CB  1 
ATOM   21   O  OG1 . THR A 1 6   ? -16.484 8.083   -18.436 1.00 117.28 ? 6    THR A OG1 1 
ATOM   22   C  CG2 . THR A 1 6   ? -17.951 8.531   -20.320 1.00 118.57 ? 6    THR A CG2 1 
ATOM   23   N  N   . PRO A 1 7   ? -13.731 6.556   -20.253 1.00 114.90 ? 7    PRO A N   1 
ATOM   24   C  CA  . PRO A 1 7   ? -12.394 6.096   -19.797 1.00 111.20 ? 7    PRO A CA  1 
ATOM   25   C  C   . PRO A 1 7   ? -12.188 5.818   -18.293 1.00 106.81 ? 7    PRO A C   1 
ATOM   26   O  O   . PRO A 1 7   ? -11.720 4.737   -17.953 1.00 105.73 ? 7    PRO A O   1 
ATOM   27   C  CB  . PRO A 1 7   ? -11.469 7.229   -20.254 1.00 111.26 ? 7    PRO A CB  1 
ATOM   28   C  CG  . PRO A 1 7   ? -12.097 7.720   -21.505 1.00 112.77 ? 7    PRO A CG  1 
ATOM   29   C  CD  . PRO A 1 7   ? -13.602 7.533   -21.361 1.00 115.03 ? 7    PRO A CD  1 
ATOM   30   N  N   . ASP A 1 8   ? -12.534 6.771   -17.422 1.00 103.05 ? 8    ASP A N   1 
ATOM   31   C  CA  . ASP A 1 8   ? -12.277 6.671   -15.952 1.00 100.95 ? 8    ASP A CA  1 
ATOM   32   C  C   . ASP A 1 8   ? -13.064 5.554   -15.184 1.00 95.47  ? 8    ASP A C   1 
ATOM   33   O  O   . ASP A 1 8   ? -12.690 5.180   -14.058 1.00 94.64  ? 8    ASP A O   1 
ATOM   34   C  CB  . ASP A 1 8   ? -12.508 8.046   -15.270 1.00 102.30 ? 8    ASP A CB  1 
ATOM   35   C  CG  . ASP A 1 8   ? -11.377 9.069   -15.541 1.00 106.88 ? 8    ASP A CG  1 
ATOM   36   O  OD1 . ASP A 1 8   ? -10.874 9.190   -16.692 1.00 109.79 ? 8    ASP A OD1 1 
ATOM   37   O  OD2 . ASP A 1 8   ? -11.009 9.780   -14.580 1.00 111.48 ? 8    ASP A OD2 1 
ATOM   38   N  N   . ALA A 1 9   ? -14.136 5.036   -15.795 1.00 89.25  ? 9    ALA A N   1 
ATOM   39   C  CA  . ALA A 1 9   ? -14.896 3.897   -15.253 1.00 83.90  ? 9    ALA A CA  1 
ATOM   40   C  C   . ALA A 1 9   ? -14.352 2.531   -15.720 1.00 78.23  ? 9    ALA A C   1 
ATOM   41   O  O   . ALA A 1 9   ? -14.549 1.534   -15.030 1.00 77.69  ? 9    ALA A O   1 
ATOM   42   C  CB  . ALA A 1 9   ? -16.382 4.030   -15.602 1.00 83.28  ? 9    ALA A CB  1 
ATOM   43   N  N   . ASN A 1 10  ? -13.686 2.473   -16.881 1.00 71.88  ? 10   ASN A N   1 
ATOM   44   C  CA  . ASN A 1 10  ? -12.982 1.233   -17.289 1.00 68.23  ? 10   ASN A CA  1 
ATOM   45   C  C   . ASN A 1 10  ? -11.489 1.145   -16.861 1.00 59.46  ? 10   ASN A C   1 
ATOM   46   O  O   . ASN A 1 10  ? -10.875 0.083   -17.055 1.00 60.69  ? 10   ASN A O   1 
ATOM   47   C  CB  . ASN A 1 10  ? -13.131 0.894   -18.804 1.00 71.06  ? 10   ASN A CB  1 
ATOM   48   C  CG  . ASN A 1 10  ? -12.420 1.902   -19.755 1.00 80.75  ? 10   ASN A CG  1 
ATOM   49   O  OD1 . ASN A 1 10  ? -12.800 2.031   -20.946 1.00 87.29  ? 10   ASN A OD1 1 
ATOM   50   N  ND2 . ASN A 1 10  ? -11.383 2.589   -19.250 1.00 81.58  ? 10   ASN A ND2 1 
ATOM   51   N  N   . ALA A 1 11  ? -10.924 2.237   -16.319 1.00 44.23  ? 11   ALA A N   1 
ATOM   52   C  CA  . ALA A 1 11  ? -9.533  2.218   -15.778 1.00 41.81  ? 11   ALA A CA  1 
ATOM   53   C  C   . ALA A 1 11  ? -9.446  1.198   -14.670 1.00 37.68  ? 11   ALA A C   1 
ATOM   54   O  O   . ALA A 1 11  ? -10.365 1.091   -13.843 1.00 33.69  ? 11   ALA A O   1 
ATOM   55   C  CB  . ALA A 1 11  ? -9.104  3.560   -15.289 1.00 41.71  ? 11   ALA A CB  1 
ATOM   56   N  N   . SER A 1 12  ? -8.367  0.401   -14.679 1.00 27.37  ? 12   SER A N   1 
ATOM   57   C  CA  . SER A 1 12  ? -8.212  -0.662  -13.665 1.00 25.45  ? 12   SER A CA  1 
ATOM   58   C  C   . SER A 1 12  ? -6.741  -0.754  -13.360 1.00 26.30  ? 12   SER A C   1 
ATOM   59   O  O   . SER A 1 12  ? -5.928  -0.564  -14.229 1.00 22.37  ? 12   SER A O   1 
ATOM   60   C  CB  . SER A 1 12  ? -8.679  -2.034  -14.132 1.00 31.91  ? 12   SER A CB  1 
ATOM   61   O  OG  . SER A 1 12  ? -8.222  -2.303  -15.391 1.00 42.86  ? 12   SER A OG  1 
ATOM   62   N  N   . ILE A 1 13  ? -6.457  -0.973  -12.094 1.00 24.81  ? 13   ILE A N   1 
ATOM   63   C  CA  . ILE A 1 13  ? -5.119  -1.296  -11.629 1.00 23.83  ? 13   ILE A CA  1 
ATOM   64   C  C   . ILE A 1 13  ? -5.161  -2.538  -10.747 1.00 27.53  ? 13   ILE A C   1 
ATOM   65   O  O   . ILE A 1 13  ? -6.257  -2.971  -10.295 1.00 26.82  ? 13   ILE A O   1 
ATOM   66   C  CB  . ILE A 1 13  ? -4.540  -0.045  -10.909 1.00 20.65  ? 13   ILE A CB  1 
ATOM   67   C  CG1 . ILE A 1 13  ? -5.415  0.350   -9.706  1.00 26.25  ? 13   ILE A CG1 1 
ATOM   68   C  CG2 . ILE A 1 13  ? -4.208  1.079   -11.932 1.00 26.51  ? 13   ILE A CG2 1 
ATOM   69   C  CD1 . ILE A 1 13  ? -4.797  1.337   -8.802  1.00 26.17  ? 13   ILE A CD1 1 
ATOM   70   N  N   . SER A 1 14  ? -3.995  -3.162  -10.558 1.00 22.78  ? 14   SER A N   1 
ATOM   71   C  CA  . SER A 1 14  ? -3.808  -4.198  -9.578  1.00 23.16  ? 14   SER A CA  1 
ATOM   72   C  C   . SER A 1 14  ? -2.512  -3.965  -8.861  1.00 23.89  ? 14   SER A C   1 
ATOM   73   O  O   . SER A 1 14  ? -1.659  -3.287  -9.361  1.00 22.26  ? 14   SER A O   1 
ATOM   74   C  CB  . SER A 1 14  ? -3.864  -5.576  -10.255 1.00 25.65  ? 14   SER A CB  1 
ATOM   75   O  OG  . SER A 1 14  ? -2.721  -5.783  -11.003 1.00 38.66  ? 14   SER A OG  1 
ATOM   76   N  N   . VAL A 1 15  ? -2.414  -4.432  -7.629  1.00 20.21  ? 15   VAL A N   1 
ATOM   77   C  CA  . VAL A 1 15  ? -1.206  -4.306  -6.835  1.00 18.65  ? 15   VAL A CA  1 
ATOM   78   C  C   . VAL A 1 15  ? -0.702  -5.740  -6.546  1.00 25.07  ? 15   VAL A C   1 
ATOM   79   O  O   . VAL A 1 15  ? -1.480  -6.642  -6.253  1.00 23.29  ? 15   VAL A O   1 
ATOM   80   C  CB  . VAL A 1 15  ? -1.465  -3.583  -5.517  1.00 22.28  ? 15   VAL A CB  1 
ATOM   81   C  CG1 . VAL A 1 15  ? -0.180  -3.425  -4.720  1.00 16.68  ? 15   VAL A CG1 1 
ATOM   82   C  CG2 . VAL A 1 15  ? -2.122  -2.217  -5.815  1.00 20.57  ? 15   VAL A CG2 1 
ATOM   83   N  N   . SER A 1 16  ? 0.591   -5.930  -6.630  1.00 18.34  ? 16   SER A N   1 
ATOM   84   C  CA  . SER A 1 16  ? 1.216   -7.158  -6.126  1.00 19.20  ? 16   SER A CA  1 
ATOM   85   C  C   . SER A 1 16  ? 2.169   -6.787  -5.000  1.00 20.46  ? 16   SER A C   1 
ATOM   86   O  O   . SER A 1 16  ? 2.567   -5.612  -4.821  1.00 21.42  ? 16   SER A O   1 
ATOM   87   C  CB  . SER A 1 16  ? 1.881   -7.957  -7.244  1.00 23.30  ? 16   SER A CB  1 
ATOM   88   O  OG  . SER A 1 16  ? 2.955   -7.247  -7.725  1.00 27.85  ? 16   SER A OG  1 
ATOM   89   N  N   . TYR A 1 17  ? 2.377   -7.751  -4.119  1.00 18.64  ? 17   TYR A N   1 
ATOM   90   C  CA  . TYR A 1 17  ? 2.995   -7.543  -2.817  1.00 19.32  ? 17   TYR A CA  1 
ATOM   91   C  C   . TYR A 1 17  ? 3.967   -8.611  -2.428  1.00 22.06  ? 17   TYR A C   1 
ATOM   92   O  O   . TYR A 1 17  ? 3.733   -9.774  -2.754  1.00 21.93  ? 17   TYR A O   1 
ATOM   93   C  CB  . TYR A 1 17  ? 1.877   -7.532  -1.811  1.00 21.50  ? 17   TYR A CB  1 
ATOM   94   C  CG  . TYR A 1 17  ? 2.211   -7.835  -0.384  1.00 18.82  ? 17   TYR A CG  1 
ATOM   95   C  CD1 . TYR A 1 17  ? 2.514   -6.798  0.513   1.00 18.75  ? 17   TYR A CD1 1 
ATOM   96   C  CD2 . TYR A 1 17  ? 2.131   -9.127  0.106   1.00 21.25  ? 17   TYR A CD2 1 
ATOM   97   C  CE1 . TYR A 1 17  ? 2.757   -7.070  1.865   1.00 20.98  ? 17   TYR A CE1 1 
ATOM   98   C  CE2 . TYR A 1 17  ? 2.364   -9.426  1.457   1.00 20.06  ? 17   TYR A CE2 1 
ATOM   99   C  CZ  . TYR A 1 17  ? 2.667   -8.436  2.336   1.00 20.33  ? 17   TYR A CZ  1 
ATOM   100  O  OH  . TYR A 1 17  ? 2.877   -8.707  3.680   1.00 21.77  ? 17   TYR A OH  1 
ATOM   101  N  N   A LYS A 1 18  ? 5.041   -8.179  -1.755  0.50 18.16  ? 18   LYS A N   1 
ATOM   102  N  N   B LYS A 1 18  ? 5.027   -8.242  -1.722  0.50 19.18  ? 18   LYS A N   1 
ATOM   103  C  CA  A LYS A 1 18  ? 6.113   -9.035  -1.163  0.50 21.40  ? 18   LYS A CA  1 
ATOM   104  C  CA  B LYS A 1 18  ? 5.935   -9.225  -1.079  0.50 22.29  ? 18   LYS A CA  1 
ATOM   105  C  C   A LYS A 1 18  ? 6.274   -8.624  0.297   0.50 21.10  ? 18   LYS A C   1 
ATOM   106  C  C   B LYS A 1 18  ? 6.243   -8.709  0.302   0.50 23.75  ? 18   LYS A C   1 
ATOM   107  O  O   A LYS A 1 18  ? 6.506   -7.446  0.630   0.50 20.57  ? 18   LYS A O   1 
ATOM   108  O  O   B LYS A 1 18  ? 6.696   -7.565  0.464   0.50 24.77  ? 18   LYS A O   1 
ATOM   109  C  CB  A LYS A 1 18  ? 7.437   -8.893  -1.950  0.50 18.86  ? 18   LYS A CB  1 
ATOM   110  C  CB  B LYS A 1 18  ? 7.208   -9.425  -1.901  0.50 18.77  ? 18   LYS A CB  1 
ATOM   111  C  CG  A LYS A 1 18  ? 8.605   -9.907  -1.586  0.50 33.94  ? 18   LYS A CG  1 
ATOM   112  C  CG  B LYS A 1 18  ? 8.157   -10.520 -1.380  0.50 22.03  ? 18   LYS A CG  1 
ATOM   113  C  CD  A LYS A 1 18  ? 9.782   -9.961  -2.656  0.50 37.44  ? 18   LYS A CD  1 
ATOM   114  C  CD  B LYS A 1 18  ? 9.472   -10.562 -2.185  0.50 25.61  ? 18   LYS A CD  1 
ATOM   115  C  CE  A LYS A 1 18  ? 10.924  -8.936  -2.411  0.50 48.10  ? 18   LYS A CE  1 
ATOM   116  C  CE  B LYS A 1 18  ? 10.632  -11.162 -1.382  0.50 29.50  ? 18   LYS A CE  1 
ATOM   117  N  NZ  A LYS A 1 18  ? 11.830  -8.593  -3.613  0.50 43.01  ? 18   LYS A NZ  1 
ATOM   118  N  NZ  B LYS A 1 18  ? 10.551  -10.839 0.095   0.50 37.16  ? 18   LYS A NZ  1 
ATOM   119  N  N   A CYS A 1 19  ? 6.146   -9.595  1.192   0.50 18.51  ? 19   CYS A N   1 
ATOM   120  N  N   B CYS A 1 19  ? 5.996   -9.518  1.328   0.50 24.09  ? 19   CYS A N   1 
ATOM   121  C  CA  A CYS A 1 19  ? 6.402   -9.378  2.616   0.50 17.37  ? 19   CYS A CA  1 
ATOM   122  C  CA  B CYS A 1 19  ? 6.336   -9.066  2.677   0.50 24.95  ? 19   CYS A CA  1 
ATOM   123  C  C   A CYS A 1 19  ? 7.914   -9.171  2.775   0.50 23.89  ? 19   CYS A C   1 
ATOM   124  C  C   B CYS A 1 19  ? 7.830   -9.151  2.826   0.50 26.98  ? 19   CYS A C   1 
ATOM   125  O  O   A CYS A 1 19  ? 8.677   -9.843  2.116   0.50 24.03  ? 19   CYS A O   1 
ATOM   126  O  O   B CYS A 1 19  ? 8.469   -10.022 2.269   0.50 27.38  ? 19   CYS A O   1 
ATOM   127  C  CB  A CYS A 1 19  ? 5.831   -10.604 3.370   0.50 24.92  ? 19   CYS A CB  1 
ATOM   128  C  CB  B CYS A 1 19  ? 5.612   -9.872  3.740   0.50 32.33  ? 19   CYS A CB  1 
ATOM   129  S  SG  A CYS A 1 19  ? 5.814   -10.432 5.131   0.50 24.22  ? 19   CYS A SG  1 
ATOM   130  S  SG  B CYS A 1 19  ? 6.073   -11.535 3.727   0.50 35.02  ? 19   CYS A SG  1 
ATOM   131  N  N   . GLY A 1 20  ? 8.372   -8.212  3.587   1.00 23.54  ? 20   GLY A N   1 
ATOM   132  C  CA  . GLY A 1 20  ? 9.765   -8.050  3.810   1.00 26.32  ? 20   GLY A CA  1 
ATOM   133  C  C   . GLY A 1 20  ? 10.304  -8.811  5.018   1.00 30.56  ? 20   GLY A C   1 
ATOM   134  O  O   . GLY A 1 20  ? 9.591   -9.564  5.665   1.00 28.15  ? 20   GLY A O   1 
ATOM   135  N  N   . VAL A 1 21  ? 11.577  -8.554  5.327   1.00 31.37  ? 21   VAL A N   1 
ATOM   136  C  CA  . VAL A 1 21  ? 12.252  -9.233  6.456   1.00 31.84  ? 21   VAL A CA  1 
ATOM   137  C  C   . VAL A 1 21  ? 11.902  -8.585  7.804   1.00 34.46  ? 21   VAL A C   1 
ATOM   138  O  O   . VAL A 1 21  ? 11.544  -7.383  7.920   1.00 28.55  ? 21   VAL A O   1 
ATOM   139  C  CB  . VAL A 1 21  ? 13.799  -9.254  6.230   1.00 34.02  ? 21   VAL A CB  1 
ATOM   140  C  CG1 . VAL A 1 21  ? 14.124  -9.782  4.792   1.00 34.50  ? 21   VAL A CG1 1 
ATOM   141  C  CG2 . VAL A 1 21  ? 14.341  -7.851  6.380   1.00 29.39  ? 21   VAL A CG2 1 
ATOM   142  N  N   . LYS A 1 22  ? 11.956  -9.403  8.847   1.00 41.33  ? 22   LYS A N   1 
ATOM   143  C  CA  . LYS A 1 22  ? 11.924  -8.890  10.228  1.00 49.66  ? 22   LYS A CA  1 
ATOM   144  C  C   . LYS A 1 22  ? 13.186  -9.346  10.991  1.00 50.51  ? 22   LYS A C   1 
ATOM   145  O  O   . LYS A 1 22  ? 13.698  -10.426 10.715  1.00 55.88  ? 22   LYS A O   1 
ATOM   146  C  CB  . LYS A 1 22  ? 10.585  -9.237  10.940  1.00 54.61  ? 22   LYS A CB  1 
ATOM   147  C  CG  . LYS A 1 22  ? 10.055  -10.669 10.891  1.00 66.72  ? 22   LYS A CG  1 
ATOM   148  C  CD  . LYS A 1 22  ? 8.918   -10.860 11.981  1.00 78.98  ? 22   LYS A CD  1 
ATOM   149  C  CE  . LYS A 1 22  ? 8.898   -12.257 12.652  1.00 85.71  ? 22   LYS A CE  1 
ATOM   150  N  NZ  . LYS A 1 22  ? 8.168   -13.316 11.877  1.00 87.58  ? 22   LYS A NZ  1 
ATOM   151  N  N   . ASP A 1 23  ? 13.728  -8.491  11.857  1.00 52.39  ? 23   ASP A N   1 
ATOM   152  C  CA  . ASP A 1 23  ? 14.920  -8.809  12.675  1.00 56.74  ? 23   ASP A CA  1 
ATOM   153  C  C   . ASP A 1 23  ? 14.562  -8.988  14.174  1.00 53.67  ? 23   ASP A C   1 
ATOM   154  O  O   . ASP A 1 23  ? 13.519  -9.544  14.506  1.00 52.37  ? 23   ASP A O   1 
ATOM   155  C  CB  . ASP A 1 23  ? 16.004  -7.727  12.471  1.00 59.11  ? 23   ASP A CB  1 
ATOM   156  C  CG  . ASP A 1 23  ? 16.876  -7.492  13.738  1.00 66.80  ? 23   ASP A CG  1 
ATOM   157  O  OD1 . ASP A 1 23  ? 16.858  -6.384  14.324  1.00 80.29  ? 23   ASP A OD1 1 
ATOM   158  O  OD2 . ASP A 1 23  ? 17.568  -8.435  14.180  1.00 82.64  ? 23   ASP A OD2 1 
ATOM   159  N  N   . GLY A 1 24  ? 15.432  -8.513  15.056  1.00 52.81  ? 24   GLY A N   1 
ATOM   160  C  CA  . GLY A 1 24  ? 15.330  -8.740  16.493  1.00 54.23  ? 24   GLY A CA  1 
ATOM   161  C  C   . GLY A 1 24  ? 14.869  -7.521  17.266  1.00 53.59  ? 24   GLY A C   1 
ATOM   162  O  O   . GLY A 1 24  ? 14.561  -7.665  18.442  1.00 58.58  ? 24   GLY A O   1 
ATOM   163  N  N   . THR A 1 25  ? 14.847  -6.330  16.647  1.00 46.75  ? 25   THR A N   1 
ATOM   164  C  CA  . THR A 1 25  ? 14.202  -5.144  17.254  1.00 47.53  ? 25   THR A CA  1 
ATOM   165  C  C   . THR A 1 25  ? 12.648  -5.189  17.058  1.00 44.93  ? 25   THR A C   1 
ATOM   166  O  O   . THR A 1 25  ? 11.873  -4.805  17.942  1.00 43.21  ? 25   THR A O   1 
ATOM   167  C  CB  . THR A 1 25  ? 14.718  -3.851  16.649  1.00 47.69  ? 25   THR A CB  1 
ATOM   168  O  OG1 . THR A 1 25  ? 16.083  -4.016  16.288  1.00 63.13  ? 25   THR A OG1 1 
ATOM   169  C  CG2 . THR A 1 25  ? 14.605  -2.723  17.652  1.00 53.61  ? 25   THR A CG2 1 
ATOM   170  N  N   . LYS A 1 26  ? 12.238  -5.606  15.856  1.00 37.89  ? 26   LYS A N   1 
ATOM   171  C  CA  . LYS A 1 26  ? 10.851  -5.929  15.511  1.00 37.99  ? 26   LYS A CA  1 
ATOM   172  C  C   . LYS A 1 26  ? 9.955   -4.697  15.492  1.00 28.92  ? 26   LYS A C   1 
ATOM   173  O  O   . LYS A 1 26  ? 8.718   -4.853  15.541  1.00 34.74  ? 26   LYS A O   1 
ATOM   174  C  CB  . LYS A 1 26  ? 10.246  -7.036  16.447  1.00 42.93  ? 26   LYS A CB  1 
ATOM   175  C  CG  . LYS A 1 26  ? 11.079  -8.353  16.622  1.00 54.77  ? 26   LYS A CG  1 
ATOM   176  C  CD  . LYS A 1 26  ? 10.348  -9.623  16.135  1.00 70.14  ? 26   LYS A CD  1 
ATOM   177  C  CE  . LYS A 1 26  ? 11.129  -10.943 16.464  1.00 77.82  ? 26   LYS A CE  1 
ATOM   178  N  NZ  . LYS A 1 26  ? 11.299  -11.198 17.952  1.00 72.22  ? 26   LYS A NZ  1 
ATOM   179  N  N   . ASN A 1 27  ? 10.538  -3.503  15.409  1.00 23.40  ? 27   ASN A N   1 
ATOM   180  C  CA  . ASN A 1 27  ? 9.804   -2.243  15.332  1.00 26.49  ? 27   ASN A CA  1 
ATOM   181  C  C   . ASN A 1 27  ? 9.738   -1.640  13.928  1.00 24.54  ? 27   ASN A C   1 
ATOM   182  O  O   . ASN A 1 27  ? 9.558   -0.440  13.760  1.00 25.38  ? 27   ASN A O   1 
ATOM   183  C  CB  . ASN A 1 27  ? 10.348  -1.236  16.265  1.00 29.05  ? 27   ASN A CB  1 
ATOM   184  C  CG  . ASN A 1 27  ? 11.831  -0.918  16.015  1.00 40.23  ? 27   ASN A CG  1 
ATOM   185  O  OD1 . ASN A 1 27  ? 12.496  -1.596  15.274  1.00 37.08  ? 27   ASN A OD1 1 
ATOM   186  N  ND2 . ASN A 1 27  ? 12.326  0.084   16.690  1.00 44.00  ? 27   ASN A ND2 1 
ATOM   187  N  N   . THR A 1 28  ? 9.881   -2.496  12.942  1.00 25.01  ? 28   THR A N   1 
ATOM   188  C  CA  . THR A 1 28  ? 9.853   -2.037  11.534  1.00 21.08  ? 28   THR A CA  1 
ATOM   189  C  C   . THR A 1 28  ? 9.012   -2.936  10.681  1.00 20.93  ? 28   THR A C   1 
ATOM   190  O  O   . THR A 1 28  ? 9.282   -4.115  10.573  1.00 25.26  ? 28   THR A O   1 
ATOM   191  C  CB  . THR A 1 28  ? 11.266  -2.036  10.909  1.00 24.77  ? 28   THR A CB  1 
ATOM   192  O  OG1 . THR A 1 28  ? 12.142  -1.244  11.715  1.00 27.18  ? 28   THR A OG1 1 
ATOM   193  C  CG2 . THR A 1 28  ? 11.220  -1.335  9.482   1.00 21.69  ? 28   THR A CG2 1 
ATOM   194  N  N   . ILE A 1 29  ? 7.994   -2.384  10.024  1.00 19.76  ? 29   ILE A N   1 
ATOM   195  C  CA  . ILE A 1 29  ? 7.200   -3.156  9.069   1.00 18.38  ? 29   ILE A CA  1 
ATOM   196  C  C   . ILE A 1 29  ? 7.867   -2.956  7.709   1.00 20.34  ? 29   ILE A C   1 
ATOM   197  O  O   . ILE A 1 29  ? 7.995   -1.807  7.300   1.00 20.89  ? 29   ILE A O   1 
ATOM   198  C  CB  . ILE A 1 29  ? 5.740   -2.660  9.026   1.00 20.77  ? 29   ILE A CB  1 
ATOM   199  C  CG1 . ILE A 1 29  ? 5.047   -2.984  10.333  1.00 22.73  ? 29   ILE A CG1 1 
ATOM   200  C  CG2 . ILE A 1 29  ? 4.973   -3.323  7.904   1.00 22.04  ? 29   ILE A CG2 1 
ATOM   201  C  CD1 . ILE A 1 29  ? 3.668   -2.263  10.498  1.00 19.77  ? 29   ILE A CD1 1 
ATOM   202  N  N   . ARG A 1 30  ? 8.245   -4.015  7.011   1.00 21.35  ? 30   ARG A N   1 
ATOM   203  C  CA  . ARG A 1 30  ? 8.850   -3.885  5.671   1.00 20.43  ? 30   ARG A CA  1 
ATOM   204  C  C   . ARG A 1 30  ? 7.976   -4.544  4.706   1.00 20.01  ? 30   ARG A C   1 
ATOM   205  O  O   . ARG A 1 30  ? 7.566   -5.681  4.907   1.00 19.25  ? 30   ARG A O   1 
ATOM   206  C  CB  . ARG A 1 30  ? 10.238  -4.588  5.649   1.00 21.10  ? 30   ARG A CB  1 
ATOM   207  C  CG  . ARG A 1 30  ? 11.299  -3.855  6.453   1.00 24.63  ? 30   ARG A CG  1 
ATOM   208  C  CD  . ARG A 1 30  ? 12.702  -4.558  6.310   1.00 23.95  ? 30   ARG A CD  1 
ATOM   209  N  NE  . ARG A 1 30  ? 13.680  -3.868  7.147   1.00 23.09  ? 30   ARG A NE  1 
ATOM   210  C  CZ  . ARG A 1 30  ? 13.843  -4.119  8.444   1.00 28.18  ? 30   ARG A CZ  1 
ATOM   211  N  NH1 . ARG A 1 30  ? 13.108  -5.060  9.010   1.00 25.81  ? 30   ARG A NH1 1 
ATOM   212  N  NH2 . ARG A 1 30  ? 14.689  -3.411  9.167   1.00 26.76  ? 30   ARG A NH2 1 
ATOM   213  N  N   . ALA A 1 31  ? 7.704   -3.905  3.555   1.00 19.66  ? 31   ALA A N   1 
ATOM   214  C  CA  . ALA A 1 31  ? 6.941   -4.554  2.499   1.00 17.78  ? 31   ALA A CA  1 
ATOM   215  C  C   . ALA A 1 31  ? 7.317   -3.887  1.185   1.00 17.82  ? 31   ALA A C   1 
ATOM   216  O  O   . ALA A 1 31  ? 7.878   -2.800  1.194   1.00 18.60  ? 31   ALA A O   1 
ATOM   217  C  CB  . ALA A 1 31  ? 5.442   -4.408  2.702   1.00 18.94  ? 31   ALA A CB  1 
ATOM   218  N  N   . THR A 1 32  ? 7.048   -4.577  0.095   1.00 17.89  ? 32   THR A N   1 
ATOM   219  C  CA  . THR A 1 32  ? 7.305   -4.049  -1.243  1.00 20.39  ? 32   THR A CA  1 
ATOM   220  C  C   . THR A 1 32  ? 6.019   -4.244  -2.055  1.00 19.22  ? 32   THR A C   1 
ATOM   221  O  O   . THR A 1 32  ? 5.337   -5.268  -1.948  1.00 20.25  ? 32   THR A O   1 
ATOM   222  C  CB  . THR A 1 32  ? 8.444   -4.750  -1.946  1.00 24.02  ? 32   THR A CB  1 
ATOM   223  O  OG1 . THR A 1 32  ? 9.590   -4.705  -1.129  1.00 19.89  ? 32   THR A OG1 1 
ATOM   224  C  CG2 . THR A 1 32  ? 8.741   -4.087  -3.320  1.00 18.95  ? 32   THR A CG2 1 
ATOM   225  N  N   . ILE A 1 33  ? 5.630   -3.208  -2.765  1.00 16.69  ? 33   ILE A N   1 
ATOM   226  C  CA  . ILE A 1 33  ? 4.507   -3.268  -3.664  1.00 17.67  ? 33   ILE A CA  1 
ATOM   227  C  C   . ILE A 1 33  ? 4.938   -2.937  -5.117  1.00 20.22  ? 33   ILE A C   1 
ATOM   228  O  O   . ILE A 1 33  ? 5.985   -2.350  -5.389  1.00 18.97  ? 33   ILE A O   1 
ATOM   229  C  CB  . ILE A 1 33  ? 3.344   -2.365  -3.253  1.00 19.68  ? 33   ILE A CB  1 
ATOM   230  C  CG1 . ILE A 1 33  ? 3.720   -0.903  -3.218  1.00 20.44  ? 33   ILE A CG1 1 
ATOM   231  C  CG2 . ILE A 1 33  ? 2.707   -2.825  -1.850  1.00 19.73  ? 33   ILE A CG2 1 
ATOM   232  C  CD1 . ILE A 1 33  ? 2.555   0.072   -3.156  1.00 23.70  ? 33   ILE A CD1 1 
ATOM   233  N  N   . ASN A 1 34  ? 4.086   -3.332  -6.031  1.00 17.88  ? 34   ASN A N   1 
ATOM   234  C  CA  . ASN A 1 34  ? 4.223   -3.074  -7.439  1.00 16.83  ? 34   ASN A CA  1 
ATOM   235  C  C   . ASN A 1 34  ? 2.810   -2.785  -7.968  1.00 18.28  ? 34   ASN A C   1 
ATOM   236  O  O   . ASN A 1 34  ? 1.925   -3.655  -7.852  1.00 19.55  ? 34   ASN A O   1 
ATOM   237  C  CB  . ASN A 1 34  ? 4.781   -4.324  -8.073  1.00 18.19  ? 34   ASN A CB  1 
ATOM   238  C  CG  . ASN A 1 34  ? 5.102   -4.208  -9.568  1.00 22.36  ? 34   ASN A CG  1 
ATOM   239  O  OD1 . ASN A 1 34  ? 4.874   -3.194  -10.204 1.00 20.62  ? 34   ASN A OD1 1 
ATOM   240  N  ND2 . ASN A 1 34  ? 5.779   -5.244  -10.087 1.00 22.75  ? 34   ASN A ND2 1 
ATOM   241  N  N   . ILE A 1 35  ? 2.625   -1.656  -8.629  1.00 16.47  ? 35   ILE A N   1 
ATOM   242  C  CA  . ILE A 1 35  ? 1.332   -1.202  -9.121  1.00 15.65  ? 35   ILE A CA  1 
ATOM   243  C  C   . ILE A 1 35  ? 1.292   -1.407  -10.623 1.00 19.17  ? 35   ILE A C   1 
ATOM   244  O  O   . ILE A 1 35  ? 2.197   -0.945  -11.377 1.00 17.74  ? 35   ILE A O   1 
ATOM   245  C  CB  . ILE A 1 35  ? 1.086   0.269   -8.805  1.00 17.90  ? 35   ILE A CB  1 
ATOM   246  C  CG1 . ILE A 1 35  ? 1.115   0.468   -7.286  1.00 23.51  ? 35   ILE A CG1 1 
ATOM   247  C  CG2 . ILE A 1 35  ? -0.286  0.678   -9.405  1.00 21.32  ? 35   ILE A CG2 1 
ATOM   248  C  CD1 . ILE A 1 35  ? 1.073   1.958   -6.880  1.00 27.05  ? 35   ILE A CD1 1 
ATOM   249  N  N   . LYS A 1 36  ? 0.342   -2.181  -11.111 1.00 17.77  ? 36   LYS A N   1 
ATOM   250  C  CA  . LYS A 1 36  ? 0.199   -2.427  -12.557 1.00 17.23  ? 36   LYS A CA  1 
ATOM   251  C  C   . LYS A 1 36  ? -1.079  -1.879  -13.132 1.00 20.73  ? 36   LYS A C   1 
ATOM   252  O  O   . LYS A 1 36  ? -2.146  -1.988  -12.504 1.00 21.86  ? 36   LYS A O   1 
ATOM   253  C  CB  . LYS A 1 36  ? 0.137   -3.955  -12.796 1.00 21.35  ? 36   LYS A CB  1 
ATOM   254  C  CG  . LYS A 1 36  ? 0.002   -4.324  -14.252 1.00 33.93  ? 36   LYS A CG  1 
ATOM   255  C  CD  . LYS A 1 36  ? 0.288   -5.806  -14.576 1.00 49.07  ? 36   LYS A CD  1 
ATOM   256  C  CE  . LYS A 1 36  ? 0.034   -6.108  -16.073 1.00 60.36  ? 36   LYS A CE  1 
ATOM   257  N  NZ  . LYS A 1 36  ? 0.232   -7.576  -16.327 1.00 61.85  ? 36   LYS A NZ  1 
ATOM   258  N  N   . ASN A 1 37  ? -0.998  -1.402  -14.378 1.00 18.91  ? 37   ASN A N   1 
ATOM   259  C  CA  . ASN A 1 37  ? -2.153  -0.872  -15.129 1.00 19.49  ? 37   ASN A CA  1 
ATOM   260  C  C   . ASN A 1 37  ? -2.724  -2.033  -15.938 1.00 20.08  ? 37   ASN A C   1 
ATOM   261  O  O   . ASN A 1 37  ? -2.131  -2.497  -16.891 1.00 22.51  ? 37   ASN A O   1 
ATOM   262  C  CB  . ASN A 1 37  ? -1.793  0.310   -16.019 1.00 18.90  ? 37   ASN A CB  1 
ATOM   263  C  CG  . ASN A 1 37  ? -3.030  0.884   -16.753 1.00 22.24  ? 37   ASN A CG  1 
ATOM   264  O  OD1 . ASN A 1 37  ? -4.127  0.232   -16.793 1.00 23.66  ? 37   ASN A OD1 1 
ATOM   265  N  ND2 . ASN A 1 37  ? -2.862  2.032   -17.359 1.00 19.64  ? 37   ASN A ND2 1 
ATOM   266  N  N   . THR A 1 38  ? -3.805  -2.601  -15.428 1.00 22.72  ? 38   THR A N   1 
ATOM   267  C  CA  . THR A 1 38  ? -4.385  -3.757  -16.067 1.00 24.54  ? 38   THR A CA  1 
ATOM   268  C  C   . THR A 1 38  ? -5.565  -3.406  -16.999 1.00 30.34  ? 38   THR A C   1 
ATOM   269  O  O   . THR A 1 38  ? -6.240  -4.300  -17.512 1.00 30.19  ? 38   THR A O   1 
ATOM   270  C  CB  . THR A 1 38  ? -4.923  -4.741  -14.997 1.00 26.19  ? 38   THR A CB  1 
ATOM   271  O  OG1 . THR A 1 38  ? -5.827  -4.041  -14.137 1.00 26.98  ? 38   THR A OG1 1 
ATOM   272  C  CG2 . THR A 1 38  ? -3.812  -5.400  -14.164 1.00 25.35  ? 38   THR A CG2 1 
ATOM   273  N  N   . GLY A 1 39  ? -5.834  -2.136  -17.192 1.00 27.78  ? 39   GLY A N   1 
ATOM   274  C  CA  . GLY A 1 39  ? -6.931  -1.680  -18.076 1.00 26.88  ? 39   GLY A CA  1 
ATOM   275  C  C   . GLY A 1 39  ? -6.463  -1.216  -19.443 1.00 25.77  ? 39   GLY A C   1 
ATOM   276  O  O   . GLY A 1 39  ? -5.365  -1.551  -19.875 1.00 25.15  ? 39   GLY A O   1 
ATOM   277  N  N   . THR A 1 40  ? -7.283  -0.419  -20.148 1.00 27.11  ? 40   THR A N   1 
ATOM   278  C  CA  . THR A 1 40  ? -7.020  -0.165  -21.548 1.00 27.40  ? 40   THR A CA  1 
ATOM   279  C  C   . THR A 1 40  ? -6.762  1.291   -21.788 1.00 30.15  ? 40   THR A C   1 
ATOM   280  O  O   . THR A 1 40  ? -6.485  1.672   -22.907 1.00 30.81  ? 40   THR A O   1 
ATOM   281  C  CB  . THR A 1 40  ? -8.249  -0.643  -22.486 1.00 32.14  ? 40   THR A CB  1 
ATOM   282  O  OG1 . THR A 1 40  ? -9.407  0.077   -22.106 1.00 34.18  ? 40   THR A OG1 1 
ATOM   283  C  CG2 . THR A 1 40  ? -8.491  -2.080  -22.320 1.00 40.83  ? 40   THR A CG2 1 
ATOM   284  N  N   . THR A 1 41  ? -6.769  2.098   -20.738 1.00 25.22  ? 41   THR A N   1 
ATOM   285  C  CA  . THR A 1 41  ? -6.368  3.458   -20.808 1.00 26.11  ? 41   THR A CA  1 
ATOM   286  C  C   . THR A 1 41  ? -5.233  3.775   -19.810 1.00 22.92  ? 41   THR A C   1 
ATOM   287  O  O   . THR A 1 41  ? -5.122  3.135   -18.727 1.00 24.52  ? 41   THR A O   1 
ATOM   288  C  CB  . THR A 1 41  ? -7.565  4.399   -20.493 1.00 31.55  ? 41   THR A CB  1 
ATOM   289  O  OG1 . THR A 1 41  ? -8.059  4.097   -19.200 1.00 36.88  ? 41   THR A OG1 1 
ATOM   290  C  CG2 . THR A 1 41  ? -8.659  4.156   -21.502 1.00 40.52  ? 41   THR A CG2 1 
ATOM   291  N  N   . PRO A 1 42  ? -4.443  4.809   -20.150 1.00 23.09  ? 42   PRO A N   1 
ATOM   292  C  CA  . PRO A 1 42  ? -3.378  5.313   -19.268 1.00 22.09  ? 42   PRO A CA  1 
ATOM   293  C  C   . PRO A 1 42  ? -3.927  5.824   -17.989 1.00 24.40  ? 42   PRO A C   1 
ATOM   294  O  O   . PRO A 1 42  ? -5.053  6.290   -17.948 1.00 23.47  ? 42   PRO A O   1 
ATOM   295  C  CB  . PRO A 1 42  ? -2.731  6.451   -20.035 1.00 25.47  ? 42   PRO A CB  1 
ATOM   296  C  CG  . PRO A 1 42  ? -3.268  6.305   -21.482 1.00 29.22  ? 42   PRO A CG  1 
ATOM   297  C  CD  . PRO A 1 42  ? -4.529  5.563   -21.430 1.00 26.21  ? 42   PRO A CD  1 
ATOM   298  N  N   A VAL A 1 43  ? -3.203  5.587   -16.886 0.55 20.98  ? 43   VAL A N   1 
ATOM   299  N  N   B VAL A 1 43  ? -3.144  5.705   -16.924 0.45 20.89  ? 43   VAL A N   1 
ATOM   300  C  CA  A VAL A 1 43  ? -3.572  6.120   -15.556 0.55 22.21  ? 43   VAL A CA  1 
ATOM   301  C  CA  B VAL A 1 43  ? -3.560  6.284   -15.669 0.45 20.97  ? 43   VAL A CA  1 
ATOM   302  C  C   A VAL A 1 43  ? -2.432  7.063   -15.172 0.55 22.72  ? 43   VAL A C   1 
ATOM   303  C  C   B VAL A 1 43  ? -2.409  6.990   -15.008 0.45 21.12  ? 43   VAL A C   1 
ATOM   304  O  O   A VAL A 1 43  ? -1.288  6.810   -15.538 0.55 23.79  ? 43   VAL A O   1 
ATOM   305  O  O   B VAL A 1 43  ? -1.278  6.485   -14.932 0.45 14.27  ? 43   VAL A O   1 
ATOM   306  C  CB  A VAL A 1 43  ? -3.827  4.944   -14.547 0.55 26.53  ? 43   VAL A CB  1 
ATOM   307  C  CB  B VAL A 1 43  ? -4.184  5.240   -14.757 0.45 21.91  ? 43   VAL A CB  1 
ATOM   308  C  CG1 A VAL A 1 43  ? -4.108  5.408   -13.066 0.55 23.44  ? 43   VAL A CG1 1 
ATOM   309  C  CG1 B VAL A 1 43  ? -3.112  4.136   -14.377 0.45 21.33  ? 43   VAL A CG1 1 
ATOM   310  C  CG2 A VAL A 1 43  ? -4.977  4.061   -15.056 0.55 20.49  ? 43   VAL A CG2 1 
ATOM   311  C  CG2 B VAL A 1 43  ? -4.825  5.927   -13.529 0.45 26.34  ? 43   VAL A CG2 1 
ATOM   312  N  N   . ASN A 1 44  ? -2.744  8.142   -14.435 1.00 20.24  ? 44   ASN A N   1 
ATOM   313  C  CA  . ASN A 1 44  ? -1.772  9.041   -13.916 1.00 21.93  ? 44   ASN A CA  1 
ATOM   314  C  C   . ASN A 1 44  ? -1.469  8.559   -12.491 1.00 18.72  ? 44   ASN A C   1 
ATOM   315  O  O   . ASN A 1 44  ? -2.395  8.302   -11.731 1.00 20.81  ? 44   ASN A O   1 
ATOM   316  C  CB  . ASN A 1 44  ? -2.447  10.396  -13.906 1.00 25.94  ? 44   ASN A CB  1 
ATOM   317  C  CG  A ASN A 1 44  ? -1.516  11.481  -14.450 0.59 37.53  ? 44   ASN A CG  1 
ATOM   318  C  CG  B ASN A 1 44  ? -1.547  11.543  -13.585 0.41 28.03  ? 44   ASN A CG  1 
ATOM   319  O  OD1 A ASN A 1 44  ? -0.290  11.439  -14.271 0.59 54.09  ? 44   ASN A OD1 1 
ATOM   320  O  OD1 B ASN A 1 44  ? -1.854  12.711  -13.926 0.41 31.84  ? 44   ASN A OD1 1 
ATOM   321  N  ND2 A ASN A 1 44  ? -2.087  12.406  -15.185 0.59 51.63  ? 44   ASN A ND2 1 
ATOM   322  N  ND2 B ASN A 1 44  ? -0.501  11.273  -12.836 0.41 10.71  ? 44   ASN A ND2 1 
ATOM   323  N  N   . LEU A 1 45  ? -0.189  8.412   -12.151 1.00 20.35  ? 45   LEU A N   1 
ATOM   324  C  CA  . LEU A 1 45  ? 0.151   7.946   -10.788 1.00 19.31  ? 45   LEU A CA  1 
ATOM   325  C  C   . LEU A 1 45  ? -0.344  8.902   -9.737  1.00 21.60  ? 45   LEU A C   1 
ATOM   326  O  O   . LEU A 1 45  ? -0.746  8.515   -8.627  1.00 20.18  ? 45   LEU A O   1 
ATOM   327  C  CB  . LEU A 1 45  ? 1.665   7.762   -10.675 1.00 20.53  ? 45   LEU A CB  1 
ATOM   328  C  CG  . LEU A 1 45  ? 2.237   6.471   -11.300 1.00 27.12  ? 45   LEU A CG  1 
ATOM   329  C  CD1 . LEU A 1 45  ? 3.735   6.570   -11.334 1.00 31.98  ? 45   LEU A CD1 1 
ATOM   330  C  CD2 . LEU A 1 45  ? 1.872   5.355   -10.403 1.00 28.30  ? 45   LEU A CD2 1 
ATOM   331  N  N   . SER A 1 46  ? -0.495  10.188  -10.126 1.00 21.96  ? 46   SER A N   1 
ATOM   332  C  CA  . SER A 1 46  ? -1.037  11.096  -9.161  1.00 19.63  ? 46   SER A CA  1 
ATOM   333  C  C   . SER A 1 46  ? -2.471  10.888  -8.760  1.00 20.73  ? 46   SER A C   1 
ATOM   334  O  O   . SER A 1 46  ? -2.882  11.430  -7.721  1.00 23.88  ? 46   SER A O   1 
ATOM   335  C  CB  . SER A 1 46  ? -0.758  12.589  -9.578  1.00 28.47  ? 46   SER A CB  1 
ATOM   336  O  OG  . SER A 1 46  ? -1.593  12.849  -10.649 1.00 32.36  ? 46   SER A OG  1 
ATOM   337  N  N   . ASP A 1 47  ? -3.233  10.106  -9.499  1.00 19.48  ? 47   ASP A N   1 
ATOM   338  C  CA  . ASP A 1 47  ? -4.567  9.768   -9.128  1.00 20.98  ? 47   ASP A CA  1 
ATOM   339  C  C   . ASP A 1 47  ? -4.702  8.446   -8.337  1.00 24.01  ? 47   ASP A C   1 
ATOM   340  O  O   . ASP A 1 47  ? -5.799  8.035   -8.019  1.00 24.09  ? 47   ASP A O   1 
ATOM   341  C  CB  . ASP A 1 47  ? -5.399  9.576   -10.357 1.00 20.84  ? 47   ASP A CB  1 
ATOM   342  C  CG  . ASP A 1 47  ? -5.678  10.894  -11.102 1.00 32.71  ? 47   ASP A CG  1 
ATOM   343  O  OD1 . ASP A 1 47  ? -5.814  11.938  -10.424 1.00 29.57  ? 47   ASP A OD1 1 
ATOM   344  O  OD2 . ASP A 1 47  ? -5.651  10.839  -12.339 1.00 28.98  ? 47   ASP A OD2 1 
ATOM   345  N  N   . ILE A 1 48  ? -3.585  7.785   -8.056  1.00 21.40  ? 48   ILE A N   1 
ATOM   346  C  CA  . ILE A 1 48  ? -3.587  6.448   -7.417  1.00 18.98  ? 48   ILE A CA  1 
ATOM   347  C  C   . ILE A 1 48  ? -3.228  6.619   -5.949  1.00 22.93  ? 48   ILE A C   1 
ATOM   348  O  O   . ILE A 1 48  ? -2.291  7.345   -5.606  1.00 18.44  ? 48   ILE A O   1 
ATOM   349  C  CB  . ILE A 1 48  ? -2.583  5.483   -8.143  1.00 17.80  ? 48   ILE A CB  1 
ATOM   350  C  CG1 . ILE A 1 48  ? -3.056  5.163   -9.567  1.00 26.88  ? 48   ILE A CG1 1 
ATOM   351  C  CG2 . ILE A 1 48  ? -2.411  4.127   -7.251  1.00 19.34  ? 48   ILE A CG2 1 
ATOM   352  C  CD1 . ILE A 1 48  ? -2.020  4.348   -10.347 1.00 30.05  ? 48   ILE A CD1 1 
ATOM   353  N  N   . LYS A 1 49  ? -3.994  5.979   -5.068  1.00 18.60  ? 49   LYS A N   1 
ATOM   354  C  CA  . LYS A 1 49  ? -3.633  5.838   -3.676  1.00 20.70  ? 49   LYS A CA  1 
ATOM   355  C  C   . LYS A 1 49  ? -3.652  4.364   -3.312  1.00 19.52  ? 49   LYS A C   1 
ATOM   356  O  O   . LYS A 1 49  ? -4.410  3.635   -3.895  1.00 21.94  ? 49   LYS A O   1 
ATOM   357  C  CB  . LYS A 1 49  ? -4.643  6.549   -2.767  1.00 26.34  ? 49   LYS A CB  1 
ATOM   358  C  CG  . LYS A 1 49  ? -4.421  8.031   -2.737  1.00 36.09  ? 49   LYS A CG  1 
ATOM   359  C  CD  . LYS A 1 49  ? -5.664  8.670   -2.066  1.00 45.89  ? 49   LYS A CD  1 
ATOM   360  C  CE  . LYS A 1 49  ? -5.694  10.221  -2.320  1.00 59.85  ? 49   LYS A CE  1 
ATOM   361  N  NZ  . LYS A 1 49  ? -6.956  10.848  -1.759  1.00 58.71  ? 49   LYS A NZ  1 
ATOM   362  N  N   . VAL A 1 50  ? -2.798  3.967   -2.378  1.00 20.16  ? 50   VAL A N   1 
ATOM   363  C  CA  . VAL A 1 50  ? -2.711  2.598   -1.885  1.00 17.29  ? 50   VAL A CA  1 
ATOM   364  C  C   . VAL A 1 50  ? -2.835  2.673   -0.355  1.00 21.11  ? 50   VAL A C   1 
ATOM   365  O  O   . VAL A 1 50  ? -2.252  3.552   0.269   1.00 22.76  ? 50   VAL A O   1 
ATOM   366  C  CB  . VAL A 1 50  ? -1.423  1.918   -2.335  1.00 19.76  ? 50   VAL A CB  1 
ATOM   367  C  CG1 . VAL A 1 50  ? -1.313  0.485   -1.659  1.00 22.50  ? 50   VAL A CG1 1 
ATOM   368  C  CG2 . VAL A 1 50  ? -1.383  1.846   -3.867  1.00 21.60  ? 50   VAL A CG2 1 
ATOM   369  N  N   . ARG A 1 51  ? -3.594  1.754   0.243   1.00 17.40  ? 51   ARG A N   1 
ATOM   370  C  CA  . ARG A 1 51  ? -3.682  1.663   1.734   1.00 17.80  ? 51   ARG A CA  1 
ATOM   371  C  C   . ARG A 1 51  ? -3.242  0.305   2.280   1.00 17.36  ? 51   ARG A C   1 
ATOM   372  O  O   . ARG A 1 51  ? -3.657  -0.728  1.746   1.00 20.96  ? 51   ARG A O   1 
ATOM   373  C  CB  . ARG A 1 51  ? -5.078  1.932   2.202   1.00 21.75  ? 51   ARG A CB  1 
ATOM   374  C  CG  . ARG A 1 51  ? -5.519  3.363   2.023   1.00 23.52  ? 51   ARG A CG  1 
ATOM   375  C  CD  . ARG A 1 51  ? -6.939  3.561   2.594   1.00 26.11  ? 51   ARG A CD  1 
ATOM   376  N  NE  . ARG A 1 51  ? -7.263  4.940   2.322   1.00 27.35  ? 51   ARG A NE  1 
ATOM   377  C  CZ  . ARG A 1 51  ? -8.504  5.427   2.352   1.00 50.69  ? 51   ARG A CZ  1 
ATOM   378  N  NH1 . ARG A 1 51  ? -9.516  4.640   2.646   1.00 50.41  ? 51   ARG A NH1 1 
ATOM   379  N  NH2 . ARG A 1 51  ? -8.723  6.711   2.093   1.00 44.77  ? 51   ARG A NH2 1 
ATOM   380  N  N   . TYR A 1 52  ? -2.458  0.375   3.368   1.00 18.08  ? 52   TYR A N   1 
ATOM   381  C  CA  . TYR A 1 52  ? -1.894  -0.758  4.062   1.00 18.66  ? 52   TYR A CA  1 
ATOM   382  C  C   . TYR A 1 52  ? -2.493  -0.633  5.456   1.00 20.82  ? 52   TYR A C   1 
ATOM   383  O  O   . TYR A 1 52  ? -2.340  0.383   6.126   1.00 19.58  ? 52   TYR A O   1 
ATOM   384  C  CB  . TYR A 1 52  ? -0.372  -0.655  4.105   1.00 16.42  ? 52   TYR A CB  1 
ATOM   385  C  CG  . TYR A 1 52  ? 0.251   -1.915  4.742   1.00 18.03  ? 52   TYR A CG  1 
ATOM   386  C  CD1 . TYR A 1 52  ? 0.598   -2.967  3.953   1.00 19.01  ? 52   TYR A CD1 1 
ATOM   387  C  CD2 . TYR A 1 52  ? 0.434   -2.019  6.106   1.00 21.24  ? 52   TYR A CD2 1 
ATOM   388  C  CE1 . TYR A 1 52  ? 1.124   -4.146  4.499   1.00 19.51  ? 52   TYR A CE1 1 
ATOM   389  C  CE2 . TYR A 1 52  ? 0.987   -3.175  6.685   1.00 20.23  ? 52   TYR A CE2 1 
ATOM   390  C  CZ  . TYR A 1 52  ? 1.307   -4.246  5.878   1.00 19.42  ? 52   TYR A CZ  1 
ATOM   391  O  OH  . TYR A 1 52  ? 1.870   -5.427  6.392   1.00 20.93  ? 52   TYR A OH  1 
ATOM   392  N  N   . TRP A 1 53  ? -3.260  -1.641  5.845   1.00 20.26  ? 53   TRP A N   1 
ATOM   393  C  CA  . TRP A 1 53  ? -4.024  -1.626  7.089   1.00 21.19  ? 53   TRP A CA  1 
ATOM   394  C  C   . TRP A 1 53  ? -3.414  -2.483  8.170   1.00 21.60  ? 53   TRP A C   1 
ATOM   395  O  O   . TRP A 1 53  ? -3.058  -3.666  7.890   1.00 21.20  ? 53   TRP A O   1 
ATOM   396  C  CB  . TRP A 1 53  ? -5.396  -2.178  6.793   1.00 20.04  ? 53   TRP A CB  1 
ATOM   397  C  CG  . TRP A 1 53  ? -6.177  -1.570  5.590   1.00 23.66  ? 53   TRP A CG  1 
ATOM   398  C  CD1 . TRP A 1 53  ? -6.033  -1.875  4.290   1.00 21.30  ? 53   TRP A CD1 1 
ATOM   399  C  CD2 . TRP A 1 53  ? -7.221  -0.580  5.652   1.00 22.97  ? 53   TRP A CD2 1 
ATOM   400  N  NE1 . TRP A 1 53  ? -6.889  -1.130  3.522   1.00 21.51  ? 53   TRP A NE1 1 
ATOM   401  C  CE2 . TRP A 1 53  ? -7.637  -0.333  4.336   1.00 23.77  ? 53   TRP A CE2 1 
ATOM   402  C  CE3 . TRP A 1 53  ? -7.826  0.122   6.707   1.00 29.69  ? 53   TRP A CE3 1 
ATOM   403  C  CZ2 . TRP A 1 53  ? -8.654  0.596   4.014   1.00 28.42  ? 53   TRP A CZ2 1 
ATOM   404  C  CZ3 . TRP A 1 53  ? -8.826  1.051   6.406   1.00 32.49  ? 53   TRP A CZ3 1 
ATOM   405  C  CH2 . TRP A 1 53  ? -9.235  1.273   5.065   1.00 33.12  ? 53   TRP A CH2 1 
ATOM   406  N  N   . PHE A 1 54  ? -3.261  -1.949  9.390   1.00 19.30  ? 54   PHE A N   1 
ATOM   407  C  CA  . PHE A 1 54  ? -2.565  -2.685  10.457  1.00 21.59  ? 54   PHE A CA  1 
ATOM   408  C  C   . PHE A 1 54  ? -2.977  -2.249  11.851  1.00 20.48  ? 54   PHE A C   1 
ATOM   409  O  O   . PHE A 1 54  ? -3.683  -1.252  12.013  1.00 21.03  ? 54   PHE A O   1 
ATOM   410  C  CB  . PHE A 1 54  ? -1.019  -2.539  10.321  1.00 19.71  ? 54   PHE A CB  1 
ATOM   411  C  CG  . PHE A 1 54  ? -0.487  -1.114  10.487  1.00 21.42  ? 54   PHE A CG  1 
ATOM   412  C  CD1 . PHE A 1 54  ? 0.267   -0.782  11.546  1.00 22.96  ? 54   PHE A CD1 1 
ATOM   413  C  CD2 . PHE A 1 54  ? -0.663  -0.156  9.494   1.00 23.76  ? 54   PHE A CD2 1 
ATOM   414  C  CE1 . PHE A 1 54  ? 0.846   0.515   11.688  1.00 23.37  ? 54   PHE A CE1 1 
ATOM   415  C  CE2 . PHE A 1 54  ? -0.145  1.159   9.650   1.00 21.92  ? 54   PHE A CE2 1 
ATOM   416  C  CZ  . PHE A 1 54  ? 0.663   1.453   10.758  1.00 20.62  ? 54   PHE A CZ  1 
ATOM   417  N  N   . THR A 1 55  ? -2.571  -3.040  12.827  1.00 20.80  ? 55   THR A N   1 
ATOM   418  C  CA  . THR A 1 55  ? -2.705  -2.648  14.187  1.00 20.89  ? 55   THR A CA  1 
ATOM   419  C  C   . THR A 1 55  ? -1.354  -2.169  14.714  1.00 20.11  ? 55   THR A C   1 
ATOM   420  O  O   . THR A 1 55  ? -0.334  -2.896  14.694  1.00 22.42  ? 55   THR A O   1 
ATOM   421  C  CB  . THR A 1 55  ? -3.234  -3.774  15.092  1.00 20.06  ? 55   THR A CB  1 
ATOM   422  O  OG1 . THR A 1 55  ? -2.520  -5.007  14.889  1.00 20.23  ? 55   THR A OG1 1 
ATOM   423  C  CG2 . THR A 1 55  ? -4.726  -4.110  14.822  1.00 19.52  ? 55   THR A CG2 1 
ATOM   424  N  N   . SER A 1 56  ? -1.371  -0.966  15.269  1.00 20.93  ? 56   SER A N   1 
ATOM   425  C  CA  . SER A 1 56  ? -0.101  -0.326  15.650  1.00 26.23  ? 56   SER A CA  1 
ATOM   426  C  C   . SER A 1 56  ? 0.470   -0.776  17.013  1.00 25.90  ? 56   SER A C   1 
ATOM   427  O  O   . SER A 1 56  ? 1.618   -0.452  17.388  1.00 24.45  ? 56   SER A O   1 
ATOM   428  C  CB  . SER A 1 56  ? -0.238  1.190   15.544  1.00 29.60  ? 56   SER A CB  1 
ATOM   429  O  OG  . SER A 1 56  ? -1.162  1.689   16.462  1.00 31.58  ? 56   SER A OG  1 
ATOM   430  N  N   . ASP A 1 57  ? -0.304  -1.586  17.718  1.00 25.09  ? 57   ASP A N   1 
ATOM   431  C  CA  . ASP A 1 57  ? 0.136   -2.284  18.920  1.00 27.25  ? 57   ASP A CA  1 
ATOM   432  C  C   . ASP A 1 57  ? 0.655   -1.329  19.985  1.00 27.56  ? 57   ASP A C   1 
ATOM   433  O  O   . ASP A 1 57  ? 1.673   -1.579  20.594  1.00 30.06  ? 57   ASP A O   1 
ATOM   434  C  CB  . ASP A 1 57  ? 1.206   -3.343  18.578  1.00 29.05  ? 57   ASP A CB  1 
ATOM   435  C  CG  . ASP A 1 57  ? 0.792   -4.262  17.435  1.00 31.43  ? 57   ASP A CG  1 
ATOM   436  O  OD1 . ASP A 1 57  ? -0.388  -4.576  17.349  1.00 23.80  ? 57   ASP A OD1 1 
ATOM   437  O  OD2 . ASP A 1 57  ? 1.614   -4.642  16.581  1.00 29.49  ? 57   ASP A OD2 1 
ATOM   438  N  N   . GLY A 1 58  ? -0.013  -0.210  20.153  1.00 30.16  ? 58   GLY A N   1 
ATOM   439  C  CA  . GLY A 1 58  ? 0.418   0.747   21.169  1.00 37.22  ? 58   GLY A CA  1 
ATOM   440  C  C   . GLY A 1 58  ? 1.302   1.897   20.683  1.00 40.82  ? 58   GLY A C   1 
ATOM   441  O  O   . GLY A 1 58  ? 1.423   2.935   21.370  1.00 41.94  ? 58   GLY A O   1 
ATOM   442  N  N   . ASN A 1 59  ? 1.884   1.750   19.484  1.00 34.58  ? 59   ASN A N   1 
ATOM   443  C  CA  . ASN A 1 59  ? 2.740   2.809   18.930  1.00 33.71  ? 59   ASN A CA  1 
ATOM   444  C  C   . ASN A 1 59  ? 1.898   3.994   18.590  1.00 33.74  ? 59   ASN A C   1 
ATOM   445  O  O   . ASN A 1 59  ? 1.005   3.910   17.753  1.00 37.64  ? 59   ASN A O   1 
ATOM   446  C  CB  . ASN A 1 59  ? 3.452   2.274   17.646  1.00 28.36  ? 59   ASN A CB  1 
ATOM   447  C  CG  . ASN A 1 59  ? 4.679   1.480   17.974  1.00 32.78  ? 59   ASN A CG  1 
ATOM   448  O  OD1 . ASN A 1 59  ? 5.578   1.988   18.613  1.00 44.52  ? 59   ASN A OD1 1 
ATOM   449  N  ND2 . ASN A 1 59  ? 4.706   0.221   17.589  1.00 30.04  ? 59   ASN A ND2 1 
ATOM   450  N  N   . GLU A 1 60  ? 2.169   5.134   19.193  1.00 37.11  ? 60   GLU A N   1 
ATOM   451  C  CA  . GLU A 1 60  ? 1.456   6.328   18.773  1.00 44.23  ? 60   GLU A CA  1 
ATOM   452  C  C   . GLU A 1 60  ? 2.235   6.972   17.646  1.00 43.83  ? 60   GLU A C   1 
ATOM   453  O  O   . GLU A 1 60  ? 1.644   7.675   16.858  1.00 47.92  ? 60   GLU A O   1 
ATOM   454  C  CB  . GLU A 1 60  ? 1.209   7.338   19.938  1.00 52.82  ? 60   GLU A CB  1 
ATOM   455  C  CG  . GLU A 1 60  ? -0.053  7.009   20.852  1.00 64.25  ? 60   GLU A CG  1 
ATOM   456  C  CD  . GLU A 1 60  ? -1.411  6.848   20.085  1.00 80.36  ? 60   GLU A CD  1 
ATOM   457  O  OE1 . GLU A 1 60  ? -1.903  5.691   19.934  1.00 81.34  ? 60   GLU A OE1 1 
ATOM   458  O  OE2 . GLU A 1 60  ? -1.996  7.878   19.651  1.00 86.10  ? 60   GLU A OE2 1 
ATOM   459  N  N   . GLN A 1 61  ? 3.541   6.727   17.541  1.00 43.61  ? 61   GLN A N   1 
ATOM   460  C  CA  . GLN A 1 61  ? 4.237   7.250   16.368  1.00 45.82  ? 61   GLN A CA  1 
ATOM   461  C  C   . GLN A 1 61  ? 4.569   6.130   15.382  1.00 33.63  ? 61   GLN A C   1 
ATOM   462  O  O   . GLN A 1 61  ? 5.128   5.081   15.731  1.00 34.19  ? 61   GLN A O   1 
ATOM   463  C  CB  . GLN A 1 61  ? 5.444   8.125   16.720  1.00 51.42  ? 61   GLN A CB  1 
ATOM   464  C  CG  . GLN A 1 61  ? 5.789   9.193   15.588  1.00 66.46  ? 61   GLN A CG  1 
ATOM   465  C  CD  . GLN A 1 61  ? 4.563   10.023  15.046  1.00 81.29  ? 61   GLN A CD  1 
ATOM   466  O  OE1 . GLN A 1 61  ? 3.937   10.803  15.785  1.00 80.64  ? 61   GLN A OE1 1 
ATOM   467  N  NE2 . GLN A 1 61  ? 4.250   9.857   13.746  1.00 78.70  ? 61   GLN A NE2 1 
ATOM   468  N  N   . ASN A 1 62  ? 4.088   6.304   14.157  1.00 30.46  ? 62   ASN A N   1 
ATOM   469  C  CA  . ASN A 1 62  ? 4.347   5.330   13.102  1.00 26.02  ? 62   ASN A CA  1 
ATOM   470  C  C   . ASN A 1 62  ? 4.777   6.125   11.884  1.00 28.37  ? 62   ASN A C   1 
ATOM   471  O  O   . ASN A 1 62  ? 4.005   6.897   11.355  1.00 32.57  ? 62   ASN A O   1 
ATOM   472  C  CB  . ASN A 1 62  ? 3.097   4.536   12.781  1.00 26.79  ? 62   ASN A CB  1 
ATOM   473  C  CG  . ASN A 1 62  ? 2.500   3.864   14.005  1.00 27.13  ? 62   ASN A CG  1 
ATOM   474  O  OD1 . ASN A 1 62  ? 2.891   2.792   14.351  1.00 28.03  ? 62   ASN A OD1 1 
ATOM   475  N  ND2 . ASN A 1 62  ? 1.534   4.523   14.648  1.00 27.67  ? 62   ASN A ND2 1 
ATOM   476  N  N   . ASN A 1 63  ? 6.034   5.988   11.500  1.00 24.76  ? 63   ASN A N   1 
ATOM   477  C  CA  . ASN A 1 63  ? 6.581   6.844   10.453  1.00 25.54  ? 63   ASN A CA  1 
ATOM   478  C  C   . ASN A 1 63  ? 6.797   6.007   9.174   1.00 25.73  ? 63   ASN A C   1 
ATOM   479  O  O   . ASN A 1 63  ? 7.490   4.994   9.213   1.00 27.26  ? 63   ASN A O   1 
ATOM   480  C  CB  . ASN A 1 63  ? 7.918   7.384   10.907  1.00 27.20  ? 63   ASN A CB  1 
ATOM   481  C  CG  . ASN A 1 63  ? 7.753   8.414   12.074  1.00 36.00  ? 63   ASN A CG  1 
ATOM   482  O  OD1 . ASN A 1 63  ? 6.880   9.271   12.012  1.00 41.71  ? 63   ASN A OD1 1 
ATOM   483  N  ND2 . ASN A 1 63  ? 8.503   8.255   13.114  1.00 45.51  ? 63   ASN A ND2 1 
ATOM   484  N  N   . PHE A 1 64  ? 6.301   6.529   8.068   1.00 23.87  ? 64   PHE A N   1 
ATOM   485  C  CA  . PHE A 1 64  ? 6.426   5.909   6.755   1.00 24.11  ? 64   PHE A CA  1 
ATOM   486  C  C   . PHE A 1 64  ? 7.660   6.478   6.043   1.00 20.88  ? 64   PHE A C   1 
ATOM   487  O  O   . PHE A 1 64  ? 7.886   7.690   6.073   1.00 22.73  ? 64   PHE A O   1 
ATOM   488  C  CB  . PHE A 1 64  ? 5.197   6.285   5.887   1.00 20.65  ? 64   PHE A CB  1 
ATOM   489  C  CG  . PHE A 1 64  ? 5.328   5.906   4.437   1.00 22.80  ? 64   PHE A CG  1 
ATOM   490  C  CD1 . PHE A 1 64  ? 4.973   4.639   3.992   1.00 22.91  ? 64   PHE A CD1 1 
ATOM   491  C  CD2 . PHE A 1 64  ? 5.743   6.835   3.502   1.00 21.56  ? 64   PHE A CD2 1 
ATOM   492  C  CE1 . PHE A 1 64  ? 5.175   4.310   2.678   1.00 23.03  ? 64   PHE A CE1 1 
ATOM   493  C  CE2 . PHE A 1 64  ? 5.912   6.485   2.191   1.00 25.36  ? 64   PHE A CE2 1 
ATOM   494  C  CZ  . PHE A 1 64  ? 5.605   5.231   1.792   1.00 22.38  ? 64   PHE A CZ  1 
ATOM   495  N  N   A VAL A 1 65  ? 8.397   5.610   5.373   0.55 21.28  ? 65   VAL A N   1 
ATOM   496  N  N   B VAL A 1 65  ? 8.459   5.606   5.441   0.45 21.81  ? 65   VAL A N   1 
ATOM   497  C  CA  A VAL A 1 65  ? 9.495   6.039   4.525   0.55 20.91  ? 65   VAL A CA  1 
ATOM   498  C  CA  B VAL A 1 65  ? 9.468   6.048   4.487   0.45 21.21  ? 65   VAL A CA  1 
ATOM   499  C  C   A VAL A 1 65  ? 9.469   5.130   3.283   0.55 19.52  ? 65   VAL A C   1 
ATOM   500  C  C   B VAL A 1 65  ? 9.481   5.124   3.279   0.45 20.19  ? 65   VAL A C   1 
ATOM   501  O  O   A VAL A 1 65  ? 9.329   3.915   3.407   0.55 20.83  ? 65   VAL A O   1 
ATOM   502  O  O   B VAL A 1 65  ? 9.415   3.901   3.416   0.45 21.67  ? 65   VAL A O   1 
ATOM   503  C  CB  A VAL A 1 65  ? 10.840  5.882   5.229   0.55 22.83  ? 65   VAL A CB  1 
ATOM   504  C  CB  B VAL A 1 65  ? 10.895  6.108   5.048   0.45 23.45  ? 65   VAL A CB  1 
ATOM   505  C  CG1 A VAL A 1 65  ? 11.951  6.575   4.408   0.55 21.37  ? 65   VAL A CG1 1 
ATOM   506  C  CG1 B VAL A 1 65  ? 11.175  7.539   5.518   0.45 25.17  ? 65   VAL A CG1 1 
ATOM   507  C  CG2 A VAL A 1 65  ? 10.757  6.458   6.659   0.55 26.85  ? 65   VAL A CG2 1 
ATOM   508  C  CG2 B VAL A 1 65  ? 11.166  5.010   6.138   0.45 16.20  ? 65   VAL A CG2 1 
ATOM   509  N  N   . CYS A 1 66  ? 9.577   5.725   2.106   1.00 20.02  ? 66   CYS A N   1 
ATOM   510  C  CA  . CYS A 1 66  ? 9.790   4.968   0.869   1.00 19.03  ? 66   CYS A CA  1 
ATOM   511  C  C   . CYS A 1 66  ? 11.309  4.954   0.564   1.00 21.35  ? 66   CYS A C   1 
ATOM   512  O  O   . CYS A 1 66  ? 11.964  6.012   0.516   1.00 18.85  ? 66   CYS A O   1 
ATOM   513  C  CB  . CYS A 1 66  ? 9.031   5.625   -0.267  1.00 19.10  ? 66   CYS A CB  1 
ATOM   514  S  SG  . CYS A 1 66  ? 9.343   4.830   -1.861  1.00 21.02  ? 66   CYS A SG  1 
ATOM   515  N  N   . ASP A 1 67  ? 11.835  3.757   0.358   1.00 18.42  ? 67   ASP A N   1 
ATOM   516  C  CA  . ASP A 1 67  ? 13.276  3.564   0.190   1.00 20.34  ? 67   ASP A CA  1 
ATOM   517  C  C   . ASP A 1 67  ? 13.729  3.518   -1.281  1.00 19.31  ? 67   ASP A C   1 
ATOM   518  O  O   . ASP A 1 67  ? 14.931  3.678   -1.574  1.00 20.85  ? 67   ASP A O   1 
ATOM   519  C  CB  . ASP A 1 67  ? 13.724  2.312   0.916   1.00 19.58  ? 67   ASP A CB  1 
ATOM   520  C  CG  . ASP A 1 67  ? 13.752  2.476   2.452   1.00 19.86  ? 67   ASP A CG  1 
ATOM   521  O  OD1 . ASP A 1 67  ? 14.017  3.601   2.914   1.00 20.85  ? 67   ASP A OD1 1 
ATOM   522  O  OD2 . ASP A 1 67  ? 13.526  1.454   3.145   1.00 22.04  ? 67   ASP A OD2 1 
ATOM   523  N  N   . TYR A 1 68  ? 12.821  3.288   -2.215  1.00 20.37  ? 68   TYR A N   1 
ATOM   524  C  CA  . TYR A 1 68  ? 13.201  3.285   -3.642  1.00 21.31  ? 68   TYR A CA  1 
ATOM   525  C  C   . TYR A 1 68  ? 11.958  3.425   -4.540  1.00 19.25  ? 68   TYR A C   1 
ATOM   526  O  O   . TYR A 1 68  ? 10.941  2.805   -4.241  1.00 17.25  ? 68   TYR A O   1 
ATOM   527  C  CB  . TYR A 1 68  ? 13.902  1.960   -3.976  1.00 20.57  ? 68   TYR A CB  1 
ATOM   528  C  CG  . TYR A 1 68  ? 14.192  1.819   -5.468  1.00 24.06  ? 68   TYR A CG  1 
ATOM   529  C  CD1 . TYR A 1 68  ? 15.275  2.451   -6.047  1.00 23.26  ? 68   TYR A CD1 1 
ATOM   530  C  CD2 . TYR A 1 68  ? 13.319  1.130   -6.300  1.00 23.67  ? 68   TYR A CD2 1 
ATOM   531  C  CE1 . TYR A 1 68  ? 15.476  2.411   -7.435  1.00 25.78  ? 68   TYR A CE1 1 
ATOM   532  C  CE2 . TYR A 1 68  ? 13.505  1.068   -7.604  1.00 26.32  ? 68   TYR A CE2 1 
ATOM   533  C  CZ  . TYR A 1 68  ? 14.609  1.692   -8.187  1.00 21.93  ? 68   TYR A CZ  1 
ATOM   534  O  OH  . TYR A 1 68  ? 14.757  1.580   -9.551  1.00 25.24  ? 68   TYR A OH  1 
ATOM   535  N  N   . ALA A 1 69  ? 12.070  4.150   -5.675  1.00 19.45  ? 69   ALA A N   1 
ATOM   536  C  CA  . ALA A 1 69  ? 11.077  4.101   -6.720  1.00 20.37  ? 69   ALA A CA  1 
ATOM   537  C  C   . ALA A 1 69  ? 11.819  4.523   -7.989  1.00 19.90  ? 69   ALA A C   1 
ATOM   538  O  O   . ALA A 1 69  ? 12.726  5.340   -7.944  1.00 21.49  ? 69   ALA A O   1 
ATOM   539  C  CB  . ALA A 1 69  ? 9.878   5.070   -6.420  1.00 20.53  ? 69   ALA A CB  1 
ATOM   540  N  N   . ALA A 1 70  ? 11.483  3.884   -9.076  1.00 18.60  ? 70   ALA A N   1 
ATOM   541  C  CA  . ALA A 1 70  ? 12.172  4.048   -10.339 1.00 22.63  ? 70   ALA A CA  1 
ATOM   542  C  C   . ALA A 1 70  ? 12.119  5.511   -10.775 1.00 20.74  ? 70   ALA A C   1 
ATOM   543  O  O   . ALA A 1 70  ? 13.029  5.987   -11.391 1.00 23.12  ? 70   ALA A O   1 
ATOM   544  C  CB  . ALA A 1 70  ? 11.415  3.155   -11.454 1.00 22.33  ? 70   ALA A CB  1 
ATOM   545  N  N   . PHE A 1 71  ? 11.031  6.149   -10.461 1.00 19.42  ? 71   PHE A N   1 
ATOM   546  C  CA  . PHE A 1 71  ? 10.770  7.559   -10.812 1.00 27.75  ? 71   PHE A CA  1 
ATOM   547  C  C   . PHE A 1 71  ? 11.217  8.580   -9.737  1.00 32.22  ? 71   PHE A C   1 
ATOM   548  O  O   . PHE A 1 71  ? 10.991  9.740   -9.917  1.00 33.21  ? 71   PHE A O   1 
ATOM   549  C  CB  . PHE A 1 71  ? 9.301   7.752   -11.240 1.00 28.99  ? 71   PHE A CB  1 
ATOM   550  C  CG  . PHE A 1 71  ? 8.313   7.137   -10.297 1.00 25.59  ? 71   PHE A CG  1 
ATOM   551  C  CD1 . PHE A 1 71  ? 8.025   7.729   -9.049  1.00 24.46  ? 71   PHE A CD1 1 
ATOM   552  C  CD2 . PHE A 1 71  ? 7.710   5.927   -10.614 1.00 28.12  ? 71   PHE A CD2 1 
ATOM   553  C  CE1 . PHE A 1 71  ? 7.111   7.119   -8.168  1.00 29.11  ? 71   PHE A CE1 1 
ATOM   554  C  CE2 . PHE A 1 71  ? 6.886   5.293   -9.736  1.00 24.63  ? 71   PHE A CE2 1 
ATOM   555  C  CZ  . PHE A 1 71  ? 6.550   5.889   -8.520  1.00 25.24  ? 71   PHE A CZ  1 
ATOM   556  N  N   . GLY A 1 72  ? 11.768  8.112   -8.622  1.00 28.87  ? 72   GLY A N   1 
ATOM   557  C  CA  . GLY A 1 72  ? 12.406  8.940   -7.536  1.00 29.37  ? 72   GLY A CA  1 
ATOM   558  C  C   . GLY A 1 72  ? 11.612  8.795   -6.259  1.00 23.39  ? 72   GLY A C   1 
ATOM   559  O  O   . GLY A 1 72  ? 10.364  8.978   -6.278  1.00 21.38  ? 72   GLY A O   1 
ATOM   560  N  N   . THR A 1 73  ? 12.271  8.541   -5.130  1.00 24.85  ? 73   THR A N   1 
ATOM   561  C  CA  . THR A 1 73  ? 11.569  8.440   -3.833  1.00 27.70  ? 73   THR A CA  1 
ATOM   562  C  C   . THR A 1 73  ? 10.904  9.679   -3.462  1.00 29.79  ? 73   THR A C   1 
ATOM   563  O  O   . THR A 1 73  ? 9.943   9.703   -2.687  1.00 26.18  ? 73   THR A O   1 
ATOM   564  C  CB  . THR A 1 73  ? 12.465  8.094   -2.638  1.00 34.80  ? 73   THR A CB  1 
ATOM   565  O  OG1 . THR A 1 73  ? 13.512  9.052   -2.533  1.00 34.41  ? 73   THR A OG1 1 
ATOM   566  C  CG2 . THR A 1 73  ? 13.075  6.777   -2.781  1.00 25.08  ? 73   THR A CG2 1 
ATOM   567  N  N   . ASP A 1 74  ? 11.421  10.791  -3.962  1.00 25.58  ? 74   ASP A N   1 
ATOM   568  C  CA  . ASP A 1 74  ? 10.834  12.083  -3.617  1.00 29.40  ? 74   ASP A CA  1 
ATOM   569  C  C   . ASP A 1 74  ? 9.439   12.255  -4.183  1.00 27.91  ? 74   ASP A C   1 
ATOM   570  O  O   . ASP A 1 74  ? 8.724   13.218  -3.864  1.00 29.75  ? 74   ASP A O   1 
ATOM   571  C  CB  . ASP A 1 74  ? 11.778  13.217  -4.162  1.00 32.25  ? 74   ASP A CB  1 
ATOM   572  C  CG  . ASP A 1 74  ? 11.919  13.191  -5.742  1.00 38.66  ? 74   ASP A CG  1 
ATOM   573  O  OD1 . ASP A 1 74  ? 12.351  12.150  -6.278  1.00 43.01  ? 74   ASP A OD1 1 
ATOM   574  O  OD2 . ASP A 1 74  ? 11.648  14.175  -6.470  1.00 50.57  ? 74   ASP A OD2 1 
ATOM   575  N  N   . LYS A 1 75  ? 9.015   11.362  -5.100  1.00 21.92  ? 75   LYS A N   1 
ATOM   576  C  CA  . LYS A 1 75  ? 7.698   11.469  -5.694  1.00 19.72  ? 75   LYS A CA  1 
ATOM   577  C  C   . LYS A 1 75  ? 6.649   10.611  -4.976  1.00 22.70  ? 75   LYS A C   1 
ATOM   578  O  O   . LYS A 1 75  ? 5.503   10.524  -5.394  1.00 25.18  ? 75   LYS A O   1 
ATOM   579  C  CB  . LYS A 1 75  ? 7.721   11.012  -7.153  1.00 27.57  ? 75   LYS A CB  1 
ATOM   580  C  CG  . LYS A 1 75  ? 8.811   11.672  -7.980  1.00 38.98  ? 75   LYS A CG  1 
ATOM   581  C  CD  . LYS A 1 75  ? 8.419   12.796  -8.794  1.00 40.27  ? 75   LYS A CD  1 
ATOM   582  C  CE  . LYS A 1 75  ? 9.473   13.024  -9.909  1.00 45.74  ? 75   LYS A CE  1 
ATOM   583  N  NZ  . LYS A 1 75  ? 10.875  12.940  -9.414  1.00 41.74  ? 75   LYS A NZ  1 
ATOM   584  N  N   . VAL A 1 76  ? 7.044   9.931   -3.911  1.00 24.20  ? 76   VAL A N   1 
ATOM   585  C  CA  . VAL A 1 76  ? 6.132   8.992   -3.170  1.00 20.52  ? 76   VAL A CA  1 
ATOM   586  C  C   . VAL A 1 76  ? 5.859   9.621   -1.830  1.00 26.58  ? 76   VAL A C   1 
ATOM   587  O  O   . VAL A 1 76  ? 6.816   10.108  -1.186  1.00 23.82  ? 76   VAL A O   1 
ATOM   588  C  CB  . VAL A 1 76  ? 6.803   7.607   -2.974  1.00 21.50  ? 76   VAL A CB  1 
ATOM   589  C  CG1 . VAL A 1 76  ? 5.833   6.607   -2.173  1.00 19.17  ? 76   VAL A CG1 1 
ATOM   590  C  CG2 . VAL A 1 76  ? 7.153   6.961   -4.281  1.00 18.91  ? 76   VAL A CG2 1 
ATOM   591  N  N   . LYS A 1 77  ? 4.596   9.715   -1.434  1.00 21.34  ? 77   LYS A N   1 
ATOM   592  C  CA  . LYS A 1 77  ? 4.269   10.318  -0.141  1.00 24.02  ? 77   LYS A CA  1 
ATOM   593  C  C   . LYS A 1 77  ? 3.519   9.290   0.649   1.00 24.88  ? 77   LYS A C   1 
ATOM   594  O  O   . LYS A 1 77  ? 2.788   8.534   0.073   1.00 24.99  ? 77   LYS A O   1 
ATOM   595  C  CB  . LYS A 1 77  ? 3.310   11.475  -0.298  1.00 25.96  ? 77   LYS A CB  1 
ATOM   596  C  CG  . LYS A 1 77  ? 3.795   12.636  -1.150  1.00 43.03  ? 77   LYS A CG  1 
ATOM   597  C  CD  . LYS A 1 77  ? 2.568   13.537  -1.437  1.00 62.37  ? 77   LYS A CD  1 
ATOM   598  C  CE  . LYS A 1 77  ? 2.910   14.890  -2.097  1.00 77.08  ? 77   LYS A CE  1 
ATOM   599  N  NZ  . LYS A 1 77  ? 1.738   15.490  -2.864  1.00 80.68  ? 77   LYS A NZ  1 
ATOM   600  N  N   . GLY A 1 78  ? 3.611   9.349   1.964   1.00 25.27  ? 78   GLY A N   1 
ATOM   601  C  CA  . GLY A 1 78  ? 2.823   8.450   2.768   1.00 21.98  ? 78   GLY A CA  1 
ATOM   602  C  C   . GLY A 1 78  ? 2.381   9.198   4.000   1.00 27.54  ? 78   GLY A C   1 
ATOM   603  O  O   . GLY A 1 78  ? 3.110   10.040  4.479   1.00 29.25  ? 78   GLY A O   1 
ATOM   604  N  N   A ILE A 1 79  ? 1.181   8.903   4.471   0.50 24.57  ? 79   ILE A N   1 
ATOM   605  N  N   B ILE A 1 79  ? 1.171   8.872   4.469   0.50 26.95  ? 79   ILE A N   1 
ATOM   606  C  CA  A ILE A 1 79  ? 0.702   9.415   5.730   0.50 24.70  ? 79   ILE A CA  1 
ATOM   607  C  CA  B ILE A 1 79  ? 0.500   9.457   5.639   0.50 28.64  ? 79   ILE A CA  1 
ATOM   608  C  C   A ILE A 1 79  ? 0.162   8.209   6.477   0.50 24.82  ? 79   ILE A C   1 
ATOM   609  C  C   B ILE A 1 79  ? -0.101  8.314   6.477   0.50 27.45  ? 79   ILE A C   1 
ATOM   610  O  O   A ILE A 1 79  ? -0.159  7.200   5.891   0.50 22.57  ? 79   ILE A O   1 
ATOM   611  O  O   B ILE A 1 79  ? -0.859  7.492   5.924   0.50 25.76  ? 79   ILE A O   1 
ATOM   612  C  CB  A ILE A 1 79  ? -0.327  10.544  5.496   0.50 25.10  ? 79   ILE A CB  1 
ATOM   613  C  CB  B ILE A 1 79  ? -0.669  10.355  5.186   0.50 31.08  ? 79   ILE A CB  1 
ATOM   614  C  CG1 A ILE A 1 79  ? -0.642  11.317  6.784   0.50 31.71  ? 79   ILE A CG1 1 
ATOM   615  C  CG1 B ILE A 1 79  ? -0.163  11.753  4.788   0.50 38.30  ? 79   ILE A CG1 1 
ATOM   616  C  CG2 A ILE A 1 79  ? -1.601  10.041  4.767   0.50 20.24  ? 79   ILE A CG2 1 
ATOM   617  C  CG2 B ILE A 1 79  ? -1.730  10.450  6.276   0.50 38.10  ? 79   ILE A CG2 1 
ATOM   618  C  CD1 A ILE A 1 79  ? -1.601  12.479  6.534   0.50 37.94  ? 79   ILE A CD1 1 
ATOM   619  C  CD1 B ILE A 1 79  ? -1.240  12.601  4.086   0.50 48.35  ? 79   ILE A CD1 1 
ATOM   620  N  N   . VAL A 1 80  ? 0.161   8.291   7.791   1.00 26.50  ? 80   VAL A N   1 
ATOM   621  C  CA  . VAL A 1 80  ? -0.367  7.211   8.652   1.00 25.65  ? 80   VAL A CA  1 
ATOM   622  C  C   . VAL A 1 80  ? -1.479  7.809   9.470   1.00 32.41  ? 80   VAL A C   1 
ATOM   623  O  O   . VAL A 1 80  ? -1.255  8.823   10.116  1.00 30.41  ? 80   VAL A O   1 
ATOM   624  C  CB  . VAL A 1 80  ? 0.711   6.596   9.527   1.00 30.49  ? 80   VAL A CB  1 
ATOM   625  C  CG1 . VAL A 1 80  ? 0.122   5.518   10.449  1.00 31.21  ? 80   VAL A CG1 1 
ATOM   626  C  CG2 . VAL A 1 80  ? 1.796   5.974   8.657   1.00 26.94  ? 80   VAL A CG2 1 
ATOM   627  N  N   . LYS A 1 81  ? -2.680  7.235   9.385   1.00 26.29  ? 81   LYS A N   1 
ATOM   628  C  CA  . LYS A 1 81  ? -3.830  7.757   10.105  1.00 32.27  ? 81   LYS A CA  1 
ATOM   629  C  C   . LYS A 1 81  ? -4.465  6.733   11.018  1.00 30.86  ? 81   LYS A C   1 
ATOM   630  O  O   . LYS A 1 81  ? -4.515  5.565   10.688  1.00 23.46  ? 81   LYS A O   1 
ATOM   631  C  CB  . LYS A 1 81  ? -4.855  8.219   9.079   1.00 30.46  ? 81   LYS A CB  1 
ATOM   632  C  CG  . LYS A 1 81  ? -4.420  9.417   8.300   1.00 48.01  ? 81   LYS A CG  1 
ATOM   633  C  CD  . LYS A 1 81  ? -5.570  10.413  8.130   1.00 58.99  ? 81   LYS A CD  1 
ATOM   634  C  CE  . LYS A 1 81  ? -5.478  11.247  6.810   1.00 72.16  ? 81   LYS A CE  1 
ATOM   635  N  NZ  . LYS A 1 81  ? -4.762  12.568  6.942   1.00 72.84  ? 81   LYS A NZ  1 
ATOM   636  N  N   . LYS A 1 82  ? -4.904  7.166   12.197  1.00 29.66  ? 82   LYS A N   1 
ATOM   637  C  CA  . LYS A 1 82  ? -5.750  6.327   13.068  1.00 33.69  ? 82   LYS A CA  1 
ATOM   638  C  C   . LYS A 1 82  ? -7.164  6.116   12.575  1.00 32.12  ? 82   LYS A C   1 
ATOM   639  O  O   . LYS A 1 82  ? -7.763  6.948   11.924  1.00 36.36  ? 82   LYS A O   1 
ATOM   640  C  CB  . LYS A 1 82  ? -5.801  6.947   14.488  1.00 40.22  ? 82   LYS A CB  1 
ATOM   641  C  CG  . LYS A 1 82  ? -4.529  6.827   15.313  1.00 51.74  ? 82   LYS A CG  1 
ATOM   642  C  CD  . LYS A 1 82  ? -4.854  6.305   16.781  1.00 73.54  ? 82   LYS A CD  1 
ATOM   643  C  CE  . LYS A 1 82  ? -5.733  4.959   16.787  1.00 79.45  ? 82   LYS A CE  1 
ATOM   644  N  NZ  . LYS A 1 82  ? -5.443  3.978   17.910  1.00 72.91  ? 82   LYS A NZ  1 
ATOM   645  N  N   . ILE A 1 83  ? -7.744  4.964   12.891  1.00 28.80  ? 83   ILE A N   1 
ATOM   646  C  CA  . ILE A 1 83  ? -9.098  4.629   12.490  1.00 33.96  ? 83   ILE A CA  1 
ATOM   647  C  C   . ILE A 1 83  ? -9.840  4.744   13.858  1.00 39.88  ? 83   ILE A C   1 
ATOM   648  O  O   . ILE A 1 83  ? -9.416  4.173   14.845  1.00 36.10  ? 83   ILE A O   1 
ATOM   649  C  CB  . ILE A 1 83  ? -9.192  3.134   11.965  1.00 31.94  ? 83   ILE A CB  1 
ATOM   650  C  CG1 . ILE A 1 83  ? -8.409  2.982   10.652  1.00 33.46  ? 83   ILE A CG1 1 
ATOM   651  C  CG2 . ILE A 1 83  ? -10.631 2.676   11.797  1.00 35.48  ? 83   ILE A CG2 1 
ATOM   652  C  CD1 . ILE A 1 83  ? -8.216  1.498   10.240  1.00 31.42  ? 83   ILE A CD1 1 
ATOM   653  N  N   A GLU A 1 84  ? -10.907 5.530   13.851  0.50 43.02  ? 84   GLU A N   1 
ATOM   654  N  N   B GLU A 1 84  ? -10.945 5.471   13.917  0.50 45.29  ? 84   GLU A N   1 
ATOM   655  C  CA  A GLU A 1 84  ? -11.647 5.864   15.065  0.50 44.49  ? 84   GLU A CA  1 
ATOM   656  C  CA  B GLU A 1 84  ? -11.701 5.570   15.181  0.50 48.21  ? 84   GLU A CA  1 
ATOM   657  C  C   A GLU A 1 84  ? -12.323 4.634   15.632  0.50 40.22  ? 84   GLU A C   1 
ATOM   658  C  C   B GLU A 1 84  ? -12.700 4.425   15.227  0.50 45.81  ? 84   GLU A C   1 
ATOM   659  O  O   A GLU A 1 84  ? -12.106 4.274   16.806  0.50 40.65  ? 84   GLU A O   1 
ATOM   660  O  O   B GLU A 1 84  ? -12.886 3.767   16.264  0.50 48.10  ? 84   GLU A O   1 
ATOM   661  C  CB  A GLU A 1 84  ? -12.682 6.958   14.742  0.50 46.52  ? 84   GLU A CB  1 
ATOM   662  C  CB  B GLU A 1 84  ? -12.424 6.915   15.269  0.50 50.74  ? 84   GLU A CB  1 
ATOM   663  C  CG  A GLU A 1 84  ? -13.528 6.715   13.478  0.50 48.70  ? 84   GLU A CG  1 
ATOM   664  C  CG  B GLU A 1 84  ? -11.728 8.028   14.480  0.50 57.09  ? 84   GLU A CG  1 
ATOM   665  C  CD  A GLU A 1 84  ? -12.710 6.308   12.244  0.50 55.17  ? 84   GLU A CD  1 
ATOM   666  C  CD  B GLU A 1 84  ? -11.072 9.045   15.388  0.50 61.29  ? 84   GLU A CD  1 
ATOM   667  O  OE1 A GLU A 1 84  ? -11.629 6.898   12.009  0.50 50.09  ? 84   GLU A OE1 1 
ATOM   668  O  OE1 B GLU A 1 84  ? -10.422 8.628   16.371  0.50 61.52  ? 84   GLU A OE1 1 
ATOM   669  O  OE2 A GLU A 1 84  ? -13.174 5.404   11.501  0.50 53.72  ? 84   GLU A OE2 1 
ATOM   670  O  OE2 B GLU A 1 84  ? -11.227 10.253  15.112  0.50 59.72  ? 84   GLU A OE2 1 
ATOM   671  N  N   A ASN A 1 85  ? -13.096 3.965   14.786  0.50 37.48  ? 85   ASN A N   1 
ATOM   672  N  N   B ASN A 1 85  ? -13.341 4.175   14.094  0.50 46.67  ? 85   ASN A N   1 
ATOM   673  C  CA  A ASN A 1 85  ? -13.876 2.800   15.209  0.50 35.80  ? 85   ASN A CA  1 
ATOM   674  C  CA  B ASN A 1 85  ? -14.231 3.037   13.992  0.50 44.72  ? 85   ASN A CA  1 
ATOM   675  C  C   A ASN A 1 85  ? -13.011 1.532   15.181  0.50 38.33  ? 85   ASN A C   1 
ATOM   676  C  C   B ASN A 1 85  ? -13.376 1.842   13.739  0.50 43.19  ? 85   ASN A C   1 
ATOM   677  O  O   A ASN A 1 85  ? -11.833 1.585   14.863  0.50 37.74  ? 85   ASN A O   1 
ATOM   678  O  O   B ASN A 1 85  ? -13.228 1.450   12.600  0.50 47.85  ? 85   ASN A O   1 
ATOM   679  C  CB  A ASN A 1 85  ? -15.100 2.599   14.326  0.50 35.02  ? 85   ASN A CB  1 
ATOM   680  C  CB  B ASN A 1 85  ? -15.192 3.165   12.804  0.50 47.58  ? 85   ASN A CB  1 
ATOM   681  C  CG  A ASN A 1 85  ? -16.176 3.671   14.516  0.50 44.32  ? 85   ASN A CG  1 
ATOM   682  C  CG  B ASN A 1 85  ? -15.596 1.797   12.236  0.50 49.21  ? 85   ASN A CG  1 
ATOM   683  O  OD1 A ASN A 1 85  ? -16.276 4.311   15.561  0.50 43.51  ? 85   ASN A OD1 1 
ATOM   684  O  OD1 B ASN A 1 85  ? -15.530 1.548   11.023  0.50 53.21  ? 85   ASN A OD1 1 
ATOM   685  N  ND2 A ASN A 1 85  ? -16.990 3.861   13.480  0.50 48.36  ? 85   ASN A ND2 1 
ATOM   686  N  ND2 B ASN A 1 85  ? -15.982 0.894   13.124  0.50 48.53  ? 85   ASN A ND2 1 
ATOM   687  N  N   A SER A 1 86  ? -13.592 0.383   15.500  0.50 36.32  ? 86   SER A N   1 
ATOM   688  N  N   B SER A 1 86  ? -12.807 1.241   14.767  0.50 39.33  ? 86   SER A N   1 
ATOM   689  C  CA  A SER A 1 86  ? -12.771 -0.809  15.621  0.50 38.17  ? 86   SER A CA  1 
ATOM   690  C  CA  B SER A 1 86  ? -11.947 0.115   14.517  0.50 35.72  ? 86   SER A CA  1 
ATOM   691  C  C   A SER A 1 86  ? -12.967 -1.729  14.409  0.50 35.72  ? 86   SER A C   1 
ATOM   692  C  C   B SER A 1 86  ? -12.716 -1.216  14.251  0.50 35.95  ? 86   SER A C   1 
ATOM   693  O  O   A SER A 1 86  ? -14.113 -2.151  14.167  0.50 39.97  ? 86   SER A O   1 
ATOM   694  O  O   B SER A 1 86  ? -13.870 -1.454  14.643  0.50 34.06  ? 86   SER A O   1 
ATOM   695  C  CB  A SER A 1 86  ? -13.122 -1.518  16.908  0.50 41.79  ? 86   SER A CB  1 
ATOM   696  C  CB  B SER A 1 86  ? -10.914 -0.049  15.610  0.50 37.23  ? 86   SER A CB  1 
ATOM   697  O  OG  A SER A 1 86  ? -13.890 -0.694  17.786  0.50 40.47  ? 86   SER A OG  1 
ATOM   698  O  OG  B SER A 1 86  ? -9.850  -0.758  15.091  0.50 22.37  ? 86   SER A OG  1 
ATOM   699  N  N   . VAL A 1 87  ? -11.913 -2.045  13.630  1.00 32.27  ? 87   VAL A N   1 
ATOM   700  C  CA  . VAL A 1 87  ? -12.161 -2.995  12.676  1.00 28.32  ? 87   VAL A CA  1 
ATOM   701  C  C   . VAL A 1 87  ? -11.159 -4.139  12.818  1.00 24.11  ? 87   VAL A C   1 
ATOM   702  O  O   . VAL A 1 87  ? -10.049 -3.916  13.250  1.00 23.43  ? 87   VAL A O   1 
ATOM   703  C  CB  . VAL A 1 87  ? -12.215 -2.395  11.228  1.00 31.96  ? 87   VAL A CB  1 
ATOM   704  C  CG1 . VAL A 1 87  ? -12.733 -0.931  11.272  1.00 39.60  ? 87   VAL A CG1 1 
ATOM   705  C  CG2 . VAL A 1 87  ? -10.979 -2.488  10.494  1.00 30.76  ? 87   VAL A CG2 1 
ATOM   706  N  N   . PRO A 1 88  ? -11.558 -5.358  12.444  1.00 25.02  ? 88   PRO A N   1 
ATOM   707  C  CA  . PRO A 1 88  ? -10.664 -6.511  12.587  1.00 22.36  ? 88   PRO A CA  1 
ATOM   708  C  C   . PRO A 1 88  ? -9.371  -6.302  11.848  1.00 25.81  ? 88   PRO A C   1 
ATOM   709  O  O   . PRO A 1 88  ? -9.389  -6.005  10.649  1.00 27.00  ? 88   PRO A O   1 
ATOM   710  C  CB  . PRO A 1 88  ? -11.492 -7.630  11.972  1.00 25.22  ? 88   PRO A CB  1 
ATOM   711  C  CG  . PRO A 1 88  ? -12.902 -7.225  12.287  1.00 30.87  ? 88   PRO A CG  1 
ATOM   712  C  CD  . PRO A 1 88  ? -12.887 -5.777  11.947  1.00 31.62  ? 88   PRO A CD  1 
ATOM   713  N  N   . GLY A 1 89  ? -8.254  -6.381  12.570  1.00 20.11  ? 89   GLY A N   1 
ATOM   714  C  CA  . GLY A 1 89  ? -6.928  -6.285  11.974  1.00 20.72  ? 89   GLY A CA  1 
ATOM   715  C  C   . GLY A 1 89  ? -6.431  -4.890  11.684  1.00 22.56  ? 89   GLY A C   1 
ATOM   716  O  O   . GLY A 1 89  ? -5.360  -4.719  11.106  1.00 20.97  ? 89   GLY A O   1 
ATOM   717  N  N   . ALA A 1 90  ? -7.191  -3.840  12.052  1.00 20.93  ? 90   ALA A N   1 
ATOM   718  C  CA  . ALA A 1 90  ? -6.690  -2.489  11.764  1.00 19.56  ? 90   ALA A CA  1 
ATOM   719  C  C   . ALA A 1 90  ? -7.221  -1.466  12.730  1.00 20.28  ? 90   ALA A C   1 
ATOM   720  O  O   . ALA A 1 90  ? -8.437  -1.309  12.845  1.00 23.65  ? 90   ALA A O   1 
ATOM   721  C  CB  . ALA A 1 90  ? -7.071  -2.066  10.317  1.00 20.98  ? 90   ALA A CB  1 
ATOM   722  N  N   . ASP A 1 91  ? -6.312  -0.784  13.395  1.00 21.93  ? 91   ASP A N   1 
ATOM   723  C  CA  . ASP A 1 91  ? -6.620  0.449   14.039  1.00 23.61  ? 91   ASP A CA  1 
ATOM   724  C  C   . ASP A 1 91  ? -5.897  1.665   13.419  1.00 25.06  ? 91   ASP A C   1 
ATOM   725  O  O   . ASP A 1 91  ? -6.045  2.810   13.897  1.00 23.82  ? 91   ASP A O   1 
ATOM   726  C  CB  . ASP A 1 91  ? -6.363  0.378   15.515  1.00 24.30  ? 91   ASP A CB  1 
ATOM   727  C  CG  . ASP A 1 91  ? -4.929  0.111   15.903  1.00 30.26  ? 91   ASP A CG  1 
ATOM   728  O  OD1 . ASP A 1 91  ? -3.979  0.252   15.082  1.00 26.20  ? 91   ASP A OD1 1 
ATOM   729  O  OD2 . ASP A 1 91  ? -4.709  -0.164  17.119  1.00 31.66  ? 91   ASP A OD2 1 
ATOM   730  N  N   . THR A 1 92  ? -5.194  1.394   12.315  1.00 23.33  ? 92   THR A N   1 
ATOM   731  C  CA  . THR A 1 92  ? -4.312  2.340   11.665  1.00 18.85  ? 92   THR A CA  1 
ATOM   732  C  C   . THR A 1 92  ? -4.268  2.008   10.200  1.00 22.77  ? 92   THR A C   1 
ATOM   733  O  O   . THR A 1 92  ? -4.416  0.870   9.838   1.00 21.90  ? 92   THR A O   1 
ATOM   734  C  CB  . THR A 1 92  ? -2.909  2.284   12.236  1.00 24.04  ? 92   THR A CB  1 
ATOM   735  O  OG1 . THR A 1 92  ? -2.975  2.275   13.636  1.00 26.25  ? 92   THR A OG1 1 
ATOM   736  C  CG2 . THR A 1 92  ? -2.046  3.487   11.925  1.00 21.20  ? 92   THR A CG2 1 
ATOM   737  N  N   . TYR A 1 93  ? -4.079  3.004   9.349   1.00 21.27  ? 93   TYR A N   1 
ATOM   738  C  CA  . TYR A 1 93  ? -3.701  2.714   7.958   1.00 20.09  ? 93   TYR A CA  1 
ATOM   739  C  C   . TYR A 1 93  ? -2.625  3.675   7.512   1.00 21.77  ? 93   TYR A C   1 
ATOM   740  O  O   . TYR A 1 93  ? -2.461  4.821   8.041   1.00 23.16  ? 93   TYR A O   1 
ATOM   741  C  CB  . TYR A 1 93  ? -4.842  2.634   7.000   1.00 22.54  ? 93   TYR A CB  1 
ATOM   742  C  CG  . TYR A 1 93  ? -5.579  3.942   6.778   1.00 23.49  ? 93   TYR A CG  1 
ATOM   743  C  CD1 . TYR A 1 93  ? -5.160  4.829   5.795   1.00 25.89  ? 93   TYR A CD1 1 
ATOM   744  C  CD2 . TYR A 1 93  ? -6.715  4.249   7.500   1.00 35.36  ? 93   TYR A CD2 1 
ATOM   745  C  CE1 . TYR A 1 93  ? -5.846  6.031   5.568   1.00 32.95  ? 93   TYR A CE1 1 
ATOM   746  C  CE2 . TYR A 1 93  ? -7.424  5.460   7.270   1.00 37.92  ? 93   TYR A CE2 1 
ATOM   747  C  CZ  . TYR A 1 93  ? -6.990  6.328   6.295   1.00 44.34  ? 93   TYR A CZ  1 
ATOM   748  O  OH  . TYR A 1 93  ? -7.654  7.533   6.044   1.00 37.26  ? 93   TYR A OH  1 
ATOM   749  N  N   . CYS A 1 94  ? -1.845  3.165   6.589   1.00 19.93  ? 94   CYS A N   1 
ATOM   750  C  CA  . CYS A 1 94  ? -0.830  3.936   5.887   1.00 19.09  ? 94   CYS A CA  1 
ATOM   751  C  C   . CYS A 1 94  ? -1.309  4.157   4.467   1.00 21.76  ? 94   CYS A C   1 
ATOM   752  O  O   . CYS A 1 94  ? -1.680  3.229   3.765   1.00 22.13  ? 94   CYS A O   1 
ATOM   753  C  CB  . CYS A 1 94  ? 0.520   3.209   5.926   1.00 25.65  ? 94   CYS A CB  1 
ATOM   754  S  SG  . CYS A 1 94  ? 1.743   4.133   4.903   1.00 26.37  ? 94   CYS A SG  1 
ATOM   755  N  N   . GLU A 1 95  ? -1.460  5.399   4.080   1.00 20.05  ? 95   GLU A N   1 
ATOM   756  C  CA  . GLU A 1 95  ? -1.946  5.753   2.744   1.00 19.36  ? 95   GLU A CA  1 
ATOM   757  C  C   . GLU A 1 95  ? -0.801  6.319   1.911   1.00 19.65  ? 95   GLU A C   1 
ATOM   758  O  O   . GLU A 1 95  ? -0.171  7.339   2.281   1.00 20.50  ? 95   GLU A O   1 
ATOM   759  C  CB  . GLU A 1 95  ? -3.068  6.787   2.825   1.00 21.12  ? 95   GLU A CB  1 
ATOM   760  C  CG  . GLU A 1 95  ? -3.647  7.122   1.461   1.00 22.55  ? 95   GLU A CG  1 
ATOM   761  C  CD  . GLU A 1 95  ? -4.933  7.923   1.605   1.00 33.29  ? 95   GLU A CD  1 
ATOM   762  O  OE1 . GLU A 1 95  ? -4.879  9.123   1.516   1.00 31.60  ? 95   GLU A OE1 1 
ATOM   763  O  OE2 . GLU A 1 95  ? -5.961  7.332   1.833   1.00 36.69  ? 95   GLU A OE2 1 
ATOM   764  N  N   . ILE A 1 96  ? -0.494  5.620   0.844   1.00 18.48  ? 96   ILE A N   1 
ATOM   765  C  CA  . ILE A 1 96  ? 0.601   5.929   -0.036  1.00 20.13  ? 96   ILE A CA  1 
ATOM   766  C  C   . ILE A 1 96  ? 0.008   6.622   -1.278  1.00 20.97  ? 96   ILE A C   1 
ATOM   767  O  O   . ILE A 1 96  ? -0.979  6.151   -1.862  1.00 20.91  ? 96   ILE A O   1 
ATOM   768  C  CB  . ILE A 1 96  ? 1.311   4.655   -0.437  1.00 22.10  ? 96   ILE A CB  1 
ATOM   769  C  CG1 . ILE A 1 96  ? 1.919   3.962   0.769   1.00 23.97  ? 96   ILE A CG1 1 
ATOM   770  C  CG2 . ILE A 1 96  ? 2.440   4.970   -1.505  1.00 23.32  ? 96   ILE A CG2 1 
ATOM   771  C  CD1 . ILE A 1 96  ? 2.512   2.577   0.459   1.00 27.44  ? 96   ILE A CD1 1 
ATOM   772  N  N   . SER A 1 97  ? 0.608   7.736   -1.672  1.00 22.05  ? 97   SER A N   1 
ATOM   773  C  CA  . SER A 1 97  ? 0.202   8.553   -2.813  1.00 21.22  ? 97   SER A CA  1 
ATOM   774  C  C   . SER A 1 97  ? 1.435   9.079   -3.553  1.00 21.34  ? 97   SER A C   1 
ATOM   775  O  O   . SER A 1 97  ? 2.573   8.830   -3.148  1.00 20.90  ? 97   SER A O   1 
ATOM   776  C  CB  . SER A 1 97  ? -0.763  9.725   -2.350  1.00 22.23  ? 97   SER A CB  1 
ATOM   777  O  OG  . SER A 1 97  ? -0.076  10.626  -1.446  1.00 28.19  ? 97   SER A OG  1 
ATOM   778  N  N   . PHE A 1 98  ? 1.200   9.714   -4.701  1.00 20.28  ? 98   PHE A N   1 
ATOM   779  C  CA  . PHE A 1 98  ? 2.268   10.094  -5.595  1.00 19.55  ? 98   PHE A CA  1 
ATOM   780  C  C   . PHE A 1 98  ? 2.085   11.549  -6.002  1.00 22.89  ? 98   PHE A C   1 
ATOM   781  O  O   . PHE A 1 98  ? 0.968   12.039  -6.076  1.00 21.99  ? 98   PHE A O   1 
ATOM   782  C  CB  . PHE A 1 98  ? 2.294   9.208   -6.822  1.00 20.66  ? 98   PHE A CB  1 
ATOM   783  C  CG  . PHE A 1 98  ? 2.433   7.770   -6.483  1.00 20.67  ? 98   PHE A CG  1 
ATOM   784  C  CD1 . PHE A 1 98  ? 1.304   6.957   -6.305  1.00 19.96  ? 98   PHE A CD1 1 
ATOM   785  C  CD2 . PHE A 1 98  ? 3.660   7.231   -6.246  1.00 22.32  ? 98   PHE A CD2 1 
ATOM   786  C  CE1 . PHE A 1 98  ? 1.417   5.606   -5.952  1.00 25.57  ? 98   PHE A CE1 1 
ATOM   787  C  CE2 . PHE A 1 98  ? 3.774   5.842   -5.883  1.00 25.29  ? 98   PHE A CE2 1 
ATOM   788  C  CZ  . PHE A 1 98  ? 2.661   5.055   -5.736  1.00 22.99  ? 98   PHE A CZ  1 
ATOM   789  N  N   . THR A 1 99  ? 3.182   12.213  -6.247  1.00 21.81  ? 99   THR A N   1 
ATOM   790  C  CA  . THR A 1 99  ? 3.105   13.638  -6.627  1.00 28.45  ? 99   THR A CA  1 
ATOM   791  C  C   . THR A 1 99  ? 2.673   13.804  -8.097  1.00 30.75  ? 99   THR A C   1 
ATOM   792  O  O   . THR A 1 99  ? 2.709   12.878  -8.916  1.00 24.65  ? 99   THR A O   1 
ATOM   793  C  CB  . THR A 1 99  ? 4.446   14.342  -6.440  1.00 27.72  ? 99   THR A CB  1 
ATOM   794  O  OG1 . THR A 1 99  ? 5.418   13.713  -7.242  1.00 26.10  ? 99   THR A OG1 1 
ATOM   795  C  CG2 . THR A 1 99  ? 4.963   14.320  -5.001  1.00 28.13  ? 99   THR A CG2 1 
ATOM   796  N  N   . GLU A 1 100 ? 2.352   15.049  -8.445  1.00 34.49  ? 100  GLU A N   1 
ATOM   797  C  CA  . GLU A 1 100 ? 1.795   15.357  -9.740  1.00 36.06  ? 100  GLU A CA  1 
ATOM   798  C  C   . GLU A 1 100 ? 2.757   15.065  -10.805 1.00 31.70  ? 100  GLU A C   1 
ATOM   799  O  O   . GLU A 1 100 ? 2.338   14.849  -11.907 1.00 35.70  ? 100  GLU A O   1 
ATOM   800  C  CB  . GLU A 1 100 ? 1.349   16.870  -9.858  1.00 42.42  ? 100  GLU A CB  1 
ATOM   801  C  CG  . GLU A 1 100 ? 0.477   17.390  -8.730  1.00 58.00  ? 100  GLU A CG  1 
ATOM   802  C  CD  . GLU A 1 100 ? -1.009  17.547  -9.097  1.00 76.67  ? 100  GLU A CD  1 
ATOM   803  O  OE1 . GLU A 1 100 ? -1.874  16.936  -8.405  1.00 84.33  ? 100  GLU A OE1 1 
ATOM   804  O  OE2 . GLU A 1 100 ? -1.307  18.290  -10.062 1.00 84.05  ? 100  GLU A OE2 1 
ATOM   805  N  N   . ASP A 1 101 ? 4.061   15.036  -10.540 1.00 30.19  ? 101  ASP A N   1 
ATOM   806  C  CA  . ASP A 1 101 ? 5.058   14.729  -11.576 1.00 33.15  ? 101  ASP A CA  1 
ATOM   807  C  C   . ASP A 1 101 ? 5.711   13.297  -11.541 1.00 33.12  ? 101  ASP A C   1 
ATOM   808  O  O   . ASP A 1 101 ? 6.737   12.996  -12.158 1.00 30.46  ? 101  ASP A O   1 
ATOM   809  C  CB  . ASP A 1 101 ? 6.154   15.822  -11.531 1.00 41.74  ? 101  ASP A CB  1 
ATOM   810  C  CG  . ASP A 1 101 ? 6.838   15.889  -10.205 1.00 43.94  ? 101  ASP A CG  1 
ATOM   811  O  OD1 . ASP A 1 101 ? 6.279   15.354  -9.220  1.00 43.13  ? 101  ASP A OD1 1 
ATOM   812  O  OD2 . ASP A 1 101 ? 7.939   16.468  -10.131 1.00 56.36  ? 101  ASP A OD2 1 
ATOM   813  N  N   . ALA A 1 102 ? 5.039   12.366  -10.863 1.00 28.99  ? 102  ALA A N   1 
ATOM   814  C  CA  . ALA A 1 102 ? 5.493   10.989  -10.785 1.00 29.08  ? 102  ALA A CA  1 
ATOM   815  C  C   . ALA A 1 102 ? 5.420   10.278  -12.148 1.00 27.06  ? 102  ALA A C   1 
ATOM   816  O  O   . ALA A 1 102 ? 6.235   9.415   -12.416 1.00 28.97  ? 102  ALA A O   1 
ATOM   817  C  CB  . ALA A 1 102 ? 4.670   10.232  -9.722  1.00 24.89  ? 102  ALA A CB  1 
ATOM   818  N  N   . GLY A 1 103 ? 4.493   10.699  -13.000 1.00 25.63  ? 103  GLY A N   1 
ATOM   819  C  CA  . GLY A 1 103 ? 4.318   10.134  -14.329 1.00 27.06  ? 103  GLY A CA  1 
ATOM   820  C  C   . GLY A 1 103 ? 3.011   9.345   -14.511 1.00 20.83  ? 103  GLY A C   1 
ATOM   821  O  O   . GLY A 1 103 ? 2.145   9.350   -13.679 1.00 23.09  ? 103  GLY A O   1 
ATOM   822  N  N   A ARG A 1 104 ? 2.882   8.658   -15.618 0.50 22.94  ? 104  ARG A N   1 
ATOM   823  N  N   B ARG A 1 104 ? 2.970   8.622   -15.614 0.50 21.82  ? 104  ARG A N   1 
ATOM   824  C  CA  A ARG A 1 104 ? 1.696   7.876   -15.886 0.50 21.76  ? 104  ARG A CA  1 
ATOM   825  C  CA  B ARG A 1 104 ? 1.812   7.871   -16.065 0.50 19.75  ? 104  ARG A CA  1 
ATOM   826  C  C   A ARG A 1 104 ? 2.107   6.450   -16.235 0.50 20.37  ? 104  ARG A C   1 
ATOM   827  C  C   B ARG A 1 104 ? 2.165   6.385   -16.221 0.50 19.07  ? 104  ARG A C   1 
ATOM   828  O  O   A ARG A 1 104 ? 3.230   6.179   -16.689 0.50 22.41  ? 104  ARG A O   1 
ATOM   829  O  O   B ARG A 1 104 ? 3.312   5.987   -16.515 0.50 20.25  ? 104  ARG A O   1 
ATOM   830  C  CB  A ARG A 1 104 ? 0.925   8.493   -17.041 0.50 27.34  ? 104  ARG A CB  1 
ATOM   831  C  CB  B ARG A 1 104 ? 1.305   8.430   -17.417 0.50 21.41  ? 104  ARG A CB  1 
ATOM   832  C  CG  A ARG A 1 104 ? 1.838   8.802   -18.176 0.50 30.52  ? 104  ARG A CG  1 
ATOM   833  C  CG  B ARG A 1 104 ? 0.533   9.783   -17.257 0.50 30.07  ? 104  ARG A CG  1 
ATOM   834  C  CD  A ARG A 1 104 ? 1.609   10.217  -18.728 0.50 44.14  ? 104  ARG A CD  1 
ATOM   835  C  CD  B ARG A 1 104 ? -0.051  10.283  -18.562 0.50 33.32  ? 104  ARG A CD  1 
ATOM   836  N  NE  A ARG A 1 104 ? 2.557   11.253  -18.255 0.50 53.31  ? 104  ARG A NE  1 
ATOM   837  N  NE  B ARG A 1 104 ? 0.947   10.629  -19.568 0.50 44.88  ? 104  ARG A NE  1 
ATOM   838  C  CZ  A ARG A 1 104 ? 3.844   11.098  -17.916 0.50 49.45  ? 104  ARG A CZ  1 
ATOM   839  C  CZ  B ARG A 1 104 ? 1.417   11.855  -19.809 0.50 51.48  ? 104  ARG A CZ  1 
ATOM   840  N  NH1 A ARG A 1 104 ? 4.471   9.913   -17.951 0.50 27.06  ? 104  ARG A NH1 1 
ATOM   841  N  NH1 B ARG A 1 104 ? 1.022   12.896  -19.084 0.50 49.31  ? 104  ARG A NH1 1 
ATOM   842  N  NH2 A ARG A 1 104 ? 4.517   12.172  -17.511 0.50 49.09  ? 104  ARG A NH2 1 
ATOM   843  N  NH2 B ARG A 1 104 ? 2.316   12.031  -20.770 0.50 55.02  ? 104  ARG A NH2 1 
ATOM   844  N  N   . LEU A 1 105 ? 1.162   5.551   -16.026 1.00 17.77  ? 105  LEU A N   1 
ATOM   845  C  CA  . LEU A 1 105 ? 1.266   4.147   -16.372 1.00 16.35  ? 105  LEU A CA  1 
ATOM   846  C  C   . LEU A 1 105 ? 0.449   3.870   -17.612 1.00 19.98  ? 105  LEU A C   1 
ATOM   847  O  O   . LEU A 1 105 ? -0.775  4.121   -17.643 1.00 20.98  ? 105  LEU A O   1 
ATOM   848  C  CB  . LEU A 1 105 ? 0.740   3.298   -15.276 1.00 21.05  ? 105  LEU A CB  1 
ATOM   849  C  CG  . LEU A 1 105 ? 1.513   3.173   -13.991 1.00 21.90  ? 105  LEU A CG  1 
ATOM   850  C  CD1 . LEU A 1 105 ? 0.686   2.291   -13.063 1.00 27.34  ? 105  LEU A CD1 1 
ATOM   851  C  CD2 . LEU A 1 105 ? 2.970   2.670   -14.226 1.00 24.57  ? 105  LEU A CD2 1 
ATOM   852  N  N   . ALA A 1 106 ? 1.132   3.441   -18.647 1.00 19.33  ? 106  ALA A N   1 
ATOM   853  C  CA  . ALA A 1 106 ? 0.444   2.987   -19.844 1.00 17.51  ? 106  ALA A CA  1 
ATOM   854  C  C   . ALA A 1 106 ? -0.313  1.694   -19.551 1.00 20.61  ? 106  ALA A C   1 
ATOM   855  O  O   . ALA A 1 106 ? 0.045   0.953   -18.611 1.00 19.34  ? 106  ALA A O   1 
ATOM   856  C  CB  . ALA A 1 106 ? 1.437   2.747   -20.969 1.00 18.89  ? 106  ALA A CB  1 
ATOM   857  N  N   . PRO A 1 107 ? -1.280  1.341   -20.424 1.00 21.83  ? 107  PRO A N   1 
ATOM   858  C  CA  . PRO A 1 107 ? -1.845  0.033   -20.301 1.00 19.63  ? 107  PRO A CA  1 
ATOM   859  C  C   . PRO A 1 107 ? -0.773  -1.073  -20.330 1.00 19.59  ? 107  PRO A C   1 
ATOM   860  O  O   . PRO A 1 107 ? 0.110   -1.024  -21.185 1.00 17.83  ? 107  PRO A O   1 
ATOM   861  C  CB  . PRO A 1 107 ? -2.738  -0.058  -21.575 1.00 26.58  ? 107  PRO A CB  1 
ATOM   862  C  CG  . PRO A 1 107 ? -3.100  1.351   -21.827 1.00 25.85  ? 107  PRO A CG  1 
ATOM   863  C  CD  . PRO A 1 107 ? -1.783  2.056   -21.624 1.00 22.30  ? 107  PRO A CD  1 
ATOM   864  N  N   . GLY A 1 108 ? -0.865  -2.075  -19.443 1.00 18.21  ? 108  GLY A N   1 
ATOM   865  C  CA  . GLY A 1 108 ? 0.125   -3.088  -19.339 1.00 19.24  ? 108  GLY A CA  1 
ATOM   866  C  C   . GLY A 1 108 ? 1.435   -2.627  -18.675 1.00 19.63  ? 108  GLY A C   1 
ATOM   867  O  O   . GLY A 1 108 ? 2.364   -3.442  -18.460 1.00 21.23  ? 108  GLY A O   1 
ATOM   868  N  N   . GLY A 1 109 ? 1.493   -1.370  -18.254 1.00 18.12  ? 109  GLY A N   1 
ATOM   869  C  CA  . GLY A 1 109 ? 2.676   -0.842  -17.536 1.00 17.95  ? 109  GLY A CA  1 
ATOM   870  C  C   . GLY A 1 109 ? 2.632   -1.107  -16.024 1.00 19.84  ? 109  GLY A C   1 
ATOM   871  O  O   . GLY A 1 109 ? 1.578   -1.229  -15.428 1.00 20.06  ? 109  GLY A O   1 
ATOM   872  N  N   A SER A 1 110 ? 3.797   -1.101  -15.392 0.51 16.52  ? 110  SER A N   1 
ATOM   873  N  N   B SER A 1 110 ? 3.824   -1.133  -15.406 0.49 18.71  ? 110  SER A N   1 
ATOM   874  C  CA  A SER A 1 110 ? 3.846   -1.268  -13.956 0.51 16.25  ? 110  SER A CA  1 
ATOM   875  C  CA  B SER A 1 110 ? 4.021   -1.468  -13.980 0.49 20.35  ? 110  SER A CA  1 
ATOM   876  C  C   A SER A 1 110 ? 4.992   -0.414  -13.400 0.51 18.13  ? 110  SER A C   1 
ATOM   877  C  C   B SER A 1 110 ? 5.099   -0.567  -13.365 0.49 20.03  ? 110  SER A C   1 
ATOM   878  O  O   A SER A 1 110 ? 5.923   -0.046  -14.097 0.51 17.52  ? 110  SER A O   1 
ATOM   879  O  O   B SER A 1 110 ? 6.153   -0.374  -13.981 0.49 20.25  ? 110  SER A O   1 
ATOM   880  C  CB  A SER A 1 110 ? 4.031   -2.739  -13.563 0.51 19.62  ? 110  SER A CB  1 
ATOM   881  C  CB  B SER A 1 110 ? 4.551   -2.897  -13.826 0.49 22.18  ? 110  SER A CB  1 
ATOM   882  O  OG  A SER A 1 110 ? 5.235   -3.301  -14.055 0.51 14.47  ? 110  SER A OG  1 
ATOM   883  O  OG  B SER A 1 110 ? 3.530   -3.853  -14.012 0.49 30.24  ? 110  SER A OG  1 
ATOM   884  N  N   . THR A 1 111 ? 4.878   -0.094  -12.143 1.00 16.14  ? 111  THR A N   1 
ATOM   885  C  CA  . THR A 1 111 ? 5.908   0.681   -11.428 1.00 17.55  ? 111  THR A CA  1 
ATOM   886  C  C   . THR A 1 111 ? 7.188   -0.111  -11.137 1.00 19.20  ? 111  THR A C   1 
ATOM   887  O  O   . THR A 1 111 ? 8.249   0.471   -11.020 1.00 20.32  ? 111  THR A O   1 
ATOM   888  C  CB  . THR A 1 111 ? 5.380   1.224   -10.099 1.00 17.55  ? 111  THR A CB  1 
ATOM   889  O  OG1 . THR A 1 111 ? 5.050   0.131   -9.237  1.00 17.47  ? 111  THR A OG1 1 
ATOM   890  C  CG2 . THR A 1 111 ? 4.173   2.151   -10.200 1.00 17.55  ? 111  THR A CG2 1 
ATOM   891  N  N   . GLY A 1 112 ? 7.094   -1.435  -11.066 1.00 19.35  ? 112  GLY A N   1 
ATOM   892  C  CA  . GLY A 1 112 ? 8.104   -2.274  -10.394 1.00 18.67  ? 112  GLY A CA  1 
ATOM   893  C  C   . GLY A 1 112 ? 8.138   -1.986  -8.901  1.00 17.35  ? 112  GLY A C   1 
ATOM   894  O  O   . GLY A 1 112 ? 7.276   -1.312  -8.357  1.00 19.16  ? 112  GLY A O   1 
ATOM   895  N  N   . THR A 1 113 ? 9.168   -2.498  -8.267  1.00 17.22  ? 113  THR A N   1 
ATOM   896  C  CA  . THR A 1 113 ? 9.287   -2.564  -6.822  1.00 17.60  ? 113  THR A CA  1 
ATOM   897  C  C   . THR A 1 113 ? 9.278   -1.139  -6.253  1.00 15.76  ? 113  THR A C   1 
ATOM   898  O  O   . THR A 1 113 ? 10.039  -0.276  -6.665  1.00 16.99  ? 113  THR A O   1 
ATOM   899  C  CB  . THR A 1 113 ? 10.607  -3.217  -6.383  1.00 19.19  ? 113  THR A CB  1 
ATOM   900  O  OG1 . THR A 1 113 ? 11.709  -2.481  -6.941  1.00 22.06  ? 113  THR A OG1 1 
ATOM   901  C  CG2 . THR A 1 113 ? 10.675  -4.701  -6.774  1.00 20.94  ? 113  THR A CG2 1 
ATOM   902  N  N   . ILE A 1 114 ? 8.427   -0.983  -5.279  1.00 15.55  ? 114  ILE A N   1 
ATOM   903  C  CA  . ILE A 1 114 ? 8.396   0.151   -4.374  1.00 16.09  ? 114  ILE A CA  1 
ATOM   904  C  C   . ILE A 1 114 ? 8.478   -0.370  -2.969  1.00 16.21  ? 114  ILE A C   1 
ATOM   905  O  O   . ILE A 1 114 ? 7.475   -0.714  -2.356  1.00 17.38  ? 114  ILE A O   1 
ATOM   906  C  CB  . ILE A 1 114 ? 7.161   1.028   -4.578  1.00 16.24  ? 114  ILE A CB  1 
ATOM   907  C  CG1 . ILE A 1 114 ? 7.019   1.488   -6.058  1.00 20.51  ? 114  ILE A CG1 1 
ATOM   908  C  CG2 . ILE A 1 114 ? 7.158   2.301   -3.633  1.00 16.51  ? 114  ILE A CG2 1 
ATOM   909  C  CD1 . ILE A 1 114 ? 5.640   2.221   -6.287  1.00 21.01  ? 114  ILE A CD1 1 
ATOM   910  N  N   . PRO A 1 115 ? 9.706   -0.486  -2.427  1.00 17.00  ? 115  PRO A N   1 
ATOM   911  C  CA  . PRO A 1 115 ? 9.845   -0.895  -1.001  1.00 17.56  ? 115  PRO A CA  1 
ATOM   912  C  C   . PRO A 1 115 ? 9.661   0.257   -0.037  1.00 16.44  ? 115  PRO A C   1 
ATOM   913  O  O   . PRO A 1 115 ? 10.037  1.400   -0.286  1.00 17.82  ? 115  PRO A O   1 
ATOM   914  C  CB  . PRO A 1 115 ? 11.289  -1.452  -0.908  1.00 14.84  ? 115  PRO A CB  1 
ATOM   915  C  CG  . PRO A 1 115 ? 12.026  -0.636  -1.976  1.00 20.44  ? 115  PRO A CG  1 
ATOM   916  C  CD  . PRO A 1 115 ? 11.007  -0.290  -3.088  1.00 19.14  ? 115  PRO A CD  1 
ATOM   917  N  N   . PHE A 1 116 ? 9.024   -0.059  1.098   1.00 16.25  ? 116  PHE A N   1 
ATOM   918  C  CA  . PHE A 1 116 ? 8.762   0.938   2.098   1.00 14.85  ? 116  PHE A CA  1 
ATOM   919  C  C   . PHE A 1 116 ? 8.856   0.316   3.500   1.00 16.43  ? 116  PHE A C   1 
ATOM   920  O  O   . PHE A 1 116 ? 8.877   -0.885  3.645   1.00 18.64  ? 116  PHE A O   1 
ATOM   921  C  CB  . PHE A 1 116 ? 7.420   1.627   1.938   1.00 17.02  ? 116  PHE A CB  1 
ATOM   922  C  CG  . PHE A 1 116 ? 6.209   0.728   2.083   1.00 21.80  ? 116  PHE A CG  1 
ATOM   923  C  CD1 . PHE A 1 116 ? 5.610   0.555   3.318   1.00 24.95  ? 116  PHE A CD1 1 
ATOM   924  C  CD2 . PHE A 1 116 ? 5.645   0.091   0.979   1.00 23.69  ? 116  PHE A CD2 1 
ATOM   925  C  CE1 . PHE A 1 116 ? 4.484   -0.236  3.455   1.00 26.63  ? 116  PHE A CE1 1 
ATOM   926  C  CE2 . PHE A 1 116 ? 4.501   -0.722  1.143   1.00 25.69  ? 116  PHE A CE2 1 
ATOM   927  C  CZ  . PHE A 1 116 ? 3.939   -0.877  2.366   1.00 23.96  ? 116  PHE A CZ  1 
ATOM   928  N  N   . ARG A 1 117 ? 8.982   1.201   4.471   1.00 16.95  ? 117  ARG A N   1 
ATOM   929  C  CA  . ARG A 1 117 ? 9.080   0.880   5.887   1.00 18.86  ? 117  ARG A CA  1 
ATOM   930  C  C   . ARG A 1 117 ? 8.090   1.731   6.616   1.00 21.34  ? 117  ARG A C   1 
ATOM   931  O  O   . ARG A 1 117 ? 7.809   2.875   6.250   1.00 21.92  ? 117  ARG A O   1 
ATOM   932  C  CB  . ARG A 1 117 ? 10.501  1.217   6.419   1.00 19.70  ? 117  ARG A CB  1 
ATOM   933  C  CG  . ARG A 1 117 ? 11.555  0.242   5.965   1.00 25.70  ? 117  ARG A CG  1 
ATOM   934  C  CD  . ARG A 1 117 ? 12.904  0.655   6.522   1.00 24.80  ? 117  ARG A CD  1 
ATOM   935  N  NE  . ARG A 1 117 ? 13.473  1.830   5.818   1.00 21.17  ? 117  ARG A NE  1 
ATOM   936  C  CZ  . ARG A 1 117 ? 13.960  2.913   6.381   1.00 24.51  ? 117  ARG A CZ  1 
ATOM   937  N  NH1 . ARG A 1 117 ? 13.986  3.063   7.736   1.00 26.71  ? 117  ARG A NH1 1 
ATOM   938  N  NH2 . ARG A 1 117 ? 14.489  3.843   5.617   1.00 23.39  ? 117  ARG A NH2 1 
ATOM   939  N  N   . ILE A 1 118 ? 7.500   1.131   7.649   1.00 19.11  ? 118  ILE A N   1 
ATOM   940  C  CA  . ILE A 1 118 ? 6.762   1.866   8.686   1.00 18.04  ? 118  ILE A CA  1 
ATOM   941  C  C   . ILE A 1 118 ? 7.500   1.540   9.952   1.00 22.05  ? 118  ILE A C   1 
ATOM   942  O  O   . ILE A 1 118 ? 7.641   0.381   10.332  1.00 22.41  ? 118  ILE A O   1 
ATOM   943  C  CB  . ILE A 1 118 ? 5.280   1.420   8.754   1.00 22.91  ? 118  ILE A CB  1 
ATOM   944  C  CG1 . ILE A 1 118 ? 4.562   1.621   7.436   1.00 22.50  ? 118  ILE A CG1 1 
ATOM   945  C  CG2 . ILE A 1 118 ? 4.552   2.181   9.891   1.00 21.16  ? 118  ILE A CG2 1 
ATOM   946  C  CD1 . ILE A 1 118 ? 3.216   0.854   7.269   1.00 25.00  ? 118  ILE A CD1 1 
ATOM   947  N  N   . GLU A 1 119 ? 7.940   2.584   10.639  1.00 22.04  ? 119  GLU A N   1 
ATOM   948  C  CA  . GLU A 1 119 ? 8.836   2.475   11.756  1.00 26.15  ? 119  GLU A CA  1 
ATOM   949  C  C   . GLU A 1 119 ? 8.114   2.970   13.013  1.00 27.67  ? 119  GLU A C   1 
ATOM   950  O  O   . GLU A 1 119 ? 7.561   4.054   13.025  1.00 23.64  ? 119  GLU A O   1 
ATOM   951  C  CB  . GLU A 1 119 ? 10.051  3.379   11.560  1.00 26.59  ? 119  GLU A CB  1 
ATOM   952  C  CG  . GLU A 1 119 ? 10.932  3.030   10.422  1.00 38.41  ? 119  GLU A CG  1 
ATOM   953  C  CD  . GLU A 1 119 ? 12.027  2.005   10.814  1.00 53.48  ? 119  GLU A CD  1 
ATOM   954  O  OE1 . GLU A 1 119 ? 11.928  1.314   11.898  1.00 48.43  ? 119  GLU A OE1 1 
ATOM   955  O  OE2 . GLU A 1 119 ? 12.945  1.835   9.976   1.00 36.88  ? 119  GLU A OE2 1 
ATOM   956  N  N   . GLY A 1 120 ? 8.151   2.161   14.061  1.00 30.07  ? 120  GLY A N   1 
ATOM   957  C  CA  . GLY A 1 120 ? 7.600   2.568   15.357  1.00 33.05  ? 120  GLY A CA  1 
ATOM   958  C  C   . GLY A 1 120 ? 8.686   2.607   16.440  1.00 37.31  ? 120  GLY A C   1 
ATOM   959  O  O   . GLY A 1 120 ? 9.810   2.120   16.228  1.00 34.34  ? 120  GLY A O   1 
ATOM   960  N  N   . ALA A 1 121 ? 8.345   3.150   17.626  1.00 38.67  ? 121  ALA A N   1 
ATOM   961  C  CA  . ALA A 1 121 ? 9.299   3.136   18.775  1.00 39.60  ? 121  ALA A CA  1 
ATOM   962  C  C   . ALA A 1 121 ? 9.301   1.781   19.452  1.00 38.89  ? 121  ALA A C   1 
ATOM   963  O  O   . ALA A 1 121 ? 10.292  1.342   20.000  1.00 44.06  ? 121  ALA A O   1 
ATOM   964  C  CB  . ALA A 1 121 ? 8.959   4.242   19.789  1.00 40.45  ? 121  ALA A CB  1 
ATOM   965  N  N   . ALA A 1 122 ? 8.168   1.122   19.447  1.00 39.01  ? 122  ALA A N   1 
ATOM   966  C  CA  . ALA A 1 122 ? 8.008   -0.135  20.129  1.00 37.62  ? 122  ALA A CA  1 
ATOM   967  C  C   . ALA A 1 122 ? 7.727   -1.186  19.115  1.00 38.83  ? 122  ALA A C   1 
ATOM   968  O  O   . ALA A 1 122 ? 7.397   -0.900  17.971  1.00 35.69  ? 122  ALA A O   1 
ATOM   969  C  CB  . ALA A 1 122 ? 6.830   -0.041  21.132  1.00 39.41  ? 122  ALA A CB  1 
ATOM   970  N  N   . GLU A 1 123 ? 7.830   -2.421  19.560  1.00 34.62  ? 123  GLU A N   1 
ATOM   971  C  CA  . GLU A 1 123 ? 7.648   -3.576  18.757  1.00 38.06  ? 123  GLU A CA  1 
ATOM   972  C  C   . GLU A 1 123 ? 6.238   -3.677  18.100  1.00 33.22  ? 123  GLU A C   1 
ATOM   973  O  O   . GLU A 1 123 ? 5.243   -3.302  18.695  1.00 32.81  ? 123  GLU A O   1 
ATOM   974  C  CB  . GLU A 1 123 ? 7.967   -4.733  19.686  1.00 41.99  ? 123  GLU A CB  1 
ATOM   975  C  CG  . GLU A 1 123 ? 7.720   -6.110  19.221  1.00 55.52  ? 123  GLU A CG  1 
ATOM   976  C  CD  . GLU A 1 123 ? 8.303   -7.155  20.238  1.00 70.47  ? 123  GLU A CD  1 
ATOM   977  O  OE1 . GLU A 1 123 ? 9.247   -6.814  21.007  1.00 69.65  ? 123  GLU A OE1 1 
ATOM   978  O  OE2 . GLU A 1 123 ? 7.810   -8.304  20.241  1.00 72.45  ? 123  GLU A OE2 1 
ATOM   979  N  N   . TYR A 1 124 ? 6.204   -4.138  16.849  1.00 25.82  ? 124  TYR A N   1 
ATOM   980  C  CA  . TYR A 1 124 ? 5.003   -4.517  16.127  1.00 26.31  ? 124  TYR A CA  1 
ATOM   981  C  C   . TYR A 1 124 ? 4.833   -6.012  16.138  1.00 31.29  ? 124  TYR A C   1 
ATOM   982  O  O   . TYR A 1 124 ? 5.778   -6.766  15.928  1.00 32.45  ? 124  TYR A O   1 
ATOM   983  C  CB  . TYR A 1 124 ? 5.131   -4.091  14.656  1.00 24.82  ? 124  TYR A CB  1 
ATOM   984  C  CG  . TYR A 1 124 ? 5.027   -2.628  14.405  1.00 20.95  ? 124  TYR A CG  1 
ATOM   985  C  CD1 . TYR A 1 124 ? 6.097   -1.934  13.786  1.00 26.21  ? 124  TYR A CD1 1 
ATOM   986  C  CD2 . TYR A 1 124 ? 3.929   -1.897  14.752  1.00 22.60  ? 124  TYR A CD2 1 
ATOM   987  C  CE1 . TYR A 1 124 ? 6.026   -0.586  13.476  1.00 23.10  ? 124  TYR A CE1 1 
ATOM   988  C  CE2 . TYR A 1 124 ? 3.829   -0.479  14.436  1.00 22.43  ? 124  TYR A CE2 1 
ATOM   989  C  CZ  . TYR A 1 124 ? 4.920   0.148   13.770  1.00 25.88  ? 124  TYR A CZ  1 
ATOM   990  O  OH  . TYR A 1 124 ? 4.920   1.462   13.456  1.00 26.80  ? 124  TYR A OH  1 
ATOM   991  N  N   . ASP A 1 125 ? 3.621   -6.485  16.347  1.00 24.58  ? 125  ASP A N   1 
ATOM   992  C  CA  . ASP A 1 125 ? 3.340   -7.867  16.032  1.00 27.31  ? 125  ASP A CA  1 
ATOM   993  C  C   . ASP A 1 125 ? 2.562   -7.771  14.760  1.00 25.28  ? 125  ASP A C   1 
ATOM   994  O  O   . ASP A 1 125 ? 1.490   -7.189  14.732  1.00 25.73  ? 125  ASP A O   1 
ATOM   995  C  CB  . ASP A 1 125 ? 2.509   -8.499  17.142  1.00 32.54  ? 125  ASP A CB  1 
ATOM   996  C  CG  . ASP A 1 125 ? 2.082   -9.901  16.840  1.00 34.88  ? 125  ASP A CG  1 
ATOM   997  O  OD1 . ASP A 1 125 ? 2.361   -10.537 15.806  1.00 36.03  ? 125  ASP A OD1 1 
ATOM   998  O  OD2 . ASP A 1 125 ? 1.407   -10.430 17.727  1.00 51.47  ? 125  ASP A OD2 1 
ATOM   999  N  N   . GLN A 1 126 ? 3.110   -8.328  13.675  1.00 24.57  ? 126  GLN A N   1 
ATOM   1000 C  CA  . GLN A 1 126 ? 2.462   -8.215  12.357  1.00 23.70  ? 126  GLN A CA  1 
ATOM   1001 C  C   . GLN A 1 126 ? 1.395   -9.256  12.095  1.00 24.18  ? 126  GLN A C   1 
ATOM   1002 O  O   . GLN A 1 126 ? 0.611   -9.053  11.214  1.00 22.74  ? 126  GLN A O   1 
ATOM   1003 C  CB  . GLN A 1 126 ? 3.574   -8.253  11.270  1.00 20.63  ? 126  GLN A CB  1 
ATOM   1004 C  CG  . GLN A 1 126 ? 4.526   -7.090  11.477  1.00 20.33  ? 126  GLN A CG  1 
ATOM   1005 C  CD  . GLN A 1 126 ? 5.458   -6.897  10.298  1.00 26.60  ? 126  GLN A CD  1 
ATOM   1006 O  OE1 . GLN A 1 126 ? 4.964   -6.769  9.166   1.00 21.39  ? 126  GLN A OE1 1 
ATOM   1007 N  NE2 . GLN A 1 126 ? 6.786   -6.995  10.534  1.00 22.33  ? 126  GLN A NE2 1 
ATOM   1008 N  N   A THR A 1 127 ? 1.305   -10.336 12.911  0.50 22.66  ? 127  THR A N   1 
ATOM   1009 N  N   B THR A 1 127 ? 1.301   -10.315 12.923  0.50 23.35  ? 127  THR A N   1 
ATOM   1010 C  CA  A THR A 1 127 ? 0.293   -11.386 12.675  0.50 24.97  ? 127  THR A CA  1 
ATOM   1011 C  CA  B THR A 1 127 ? 0.311   -11.369 12.694  0.50 25.93  ? 127  THR A CA  1 
ATOM   1012 C  C   A THR A 1 127 ? -1.135  -10.898 12.821  0.50 26.80  ? 127  THR A C   1 
ATOM   1013 C  C   B THR A 1 127 ? -1.125  -10.898 12.823  0.50 27.25  ? 127  THR A C   1 
ATOM   1014 O  O   A THR A 1 127 ? -2.039  -11.415 12.160  0.50 28.28  ? 127  THR A O   1 
ATOM   1015 O  O   B THR A 1 127 ? -2.020  -11.419 12.149  0.50 28.54  ? 127  THR A O   1 
ATOM   1016 C  CB  A THR A 1 127 ? 0.482   -12.672 13.568  0.50 25.96  ? 127  THR A CB  1 
ATOM   1017 C  CB  B THR A 1 127 ? 0.551   -12.577 13.627  0.50 27.75  ? 127  THR A CB  1 
ATOM   1018 O  OG1 A THR A 1 127 ? 0.721   -12.289 14.934  0.50 22.98  ? 127  THR A OG1 1 
ATOM   1019 O  OG1 B THR A 1 127 ? 1.968   -12.812 13.663  0.50 23.90  ? 127  THR A OG1 1 
ATOM   1020 C  CG2 A THR A 1 127 ? 1.624   -13.518 12.981  0.50 20.51  ? 127  THR A CG2 1 
ATOM   1021 C  CG2 B THR A 1 127 ? -0.256  -13.803 13.114  0.50 25.47  ? 127  THR A CG2 1 
ATOM   1022 N  N   . ASP A 1 128 ? -1.326  -9.861  13.614  1.00 26.40  ? 128  ASP A N   1 
ATOM   1023 C  CA  . ASP A 1 128 ? -2.669  -9.263  13.780  1.00 25.61  ? 128  ASP A CA  1 
ATOM   1024 C  C   . ASP A 1 128 ? -2.897  -8.000  12.940  1.00 23.74  ? 128  ASP A C   1 
ATOM   1025 O  O   . ASP A 1 128 ? -3.675  -7.124  13.296  1.00 25.98  ? 128  ASP A O   1 
ATOM   1026 C  CB  . ASP A 1 128 ? -2.930  -8.991  15.265  1.00 29.21  ? 128  ASP A CB  1 
ATOM   1027 C  CG  . ASP A 1 128 ? -1.965  -8.039  15.923  1.00 29.84  ? 128  ASP A CG  1 
ATOM   1028 O  OD1 . ASP A 1 128 ? -1.104  -7.372  15.295  1.00 27.50  ? 128  ASP A OD1 1 
ATOM   1029 O  OD2 . ASP A 1 128 ? -2.073  -7.898  17.139  1.00 29.65  ? 128  ASP A OD2 1 
ATOM   1030 N  N   . ASP A 1 129 ? -2.232  -7.921  11.785  1.00 21.78  ? 129  ASP A N   1 
ATOM   1031 C  CA  . ASP A 1 129 ? -2.411  -6.814  10.892  1.00 20.86  ? 129  ASP A CA  1 
ATOM   1032 C  C   . ASP A 1 129 ? -3.134  -7.322  9.715   1.00 17.87  ? 129  ASP A C   1 
ATOM   1033 O  O   . ASP A 1 129 ? -2.700  -8.274  9.077   1.00 19.76  ? 129  ASP A O   1 
ATOM   1034 C  CB  . ASP A 1 129 ? -1.081  -6.277  10.413  1.00 18.90  ? 129  ASP A CB  1 
ATOM   1035 C  CG  . ASP A 1 129 ? -0.275  -5.658  11.488  1.00 22.79  ? 129  ASP A CG  1 
ATOM   1036 O  OD1 . ASP A 1 129 ? -0.731  -5.352  12.647  1.00 21.63  ? 129  ASP A OD1 1 
ATOM   1037 O  OD2 . ASP A 1 129 ? 0.916   -5.401  11.206  1.00 23.01  ? 129  ASP A OD2 1 
ATOM   1038 N  N   . TYR A 1 130 ? -4.228  -6.629  9.319   1.00 19.64  ? 130  TYR A N   1 
ATOM   1039 C  CA  . TYR A 1 130 ? -5.066  -7.041  8.242   1.00 19.12  ? 130  TYR A CA  1 
ATOM   1040 C  C   . TYR A 1 130 ? -4.307  -7.274  6.931   1.00 22.56  ? 130  TYR A C   1 
ATOM   1041 O  O   . TYR A 1 130 ? -4.562  -8.274  6.202   1.00 18.96  ? 130  TYR A O   1 
ATOM   1042 C  CB  . TYR A 1 130 ? -6.106  -5.927  7.979   1.00 21.40  ? 130  TYR A CB  1 
ATOM   1043 C  CG  . TYR A 1 130 ? -7.081  -6.133  6.923   1.00 18.92  ? 130  TYR A CG  1 
ATOM   1044 C  CD1 . TYR A 1 130 ? -8.153  -6.983  7.102   1.00 29.16  ? 130  TYR A CD1 1 
ATOM   1045 C  CD2 . TYR A 1 130 ? -6.950  -5.510  5.650   1.00 19.91  ? 130  TYR A CD2 1 
ATOM   1046 C  CE1 . TYR A 1 130 ? -9.072  -7.187  6.117   1.00 33.45  ? 130  TYR A CE1 1 
ATOM   1047 C  CE2 . TYR A 1 130 ? -7.886  -5.666  4.683   1.00 18.83  ? 130  TYR A CE2 1 
ATOM   1048 C  CZ  . TYR A 1 130 ? -8.969  -6.531  4.889   1.00 32.70  ? 130  TYR A CZ  1 
ATOM   1049 O  OH  . TYR A 1 130 ? -9.919  -6.764  3.915   1.00 29.21  ? 130  TYR A OH  1 
ATOM   1050 N  N   . SER A 1 131 ? -3.427  -6.333  6.585   1.00 18.99  ? 131  SER A N   1 
ATOM   1051 C  CA  . SER A 1 131 ? -2.726  -6.369  5.262   1.00 20.37  ? 131  SER A CA  1 
ATOM   1052 C  C   . SER A 1 131 ? -1.551  -7.317  5.200   1.00 20.12  ? 131  SER A C   1 
ATOM   1053 O  O   . SER A 1 131 ? -1.013  -7.541  4.111   1.00 22.10  ? 131  SER A O   1 
ATOM   1054 C  CB  . SER A 1 131 ? -2.244  -4.934  4.827   1.00 18.07  ? 131  SER A CB  1 
ATOM   1055 O  OG  . SER A 1 131 ? -3.394  -4.111  4.555   1.00 19.93  ? 131  SER A OG  1 
ATOM   1056 N  N   . TYR A 1 132 ? -1.102  -7.817  6.361   1.00 21.95  ? 132  TYR A N   1 
ATOM   1057 C  CA  . TYR A 1 132 ? 0.095   -8.699  6.414   1.00 20.01  ? 132  TYR A CA  1 
ATOM   1058 C  C   . TYR A 1 132 ? -0.218  -10.077 5.807   1.00 25.64  ? 132  TYR A C   1 
ATOM   1059 O  O   . TYR A 1 132 ? -1.236  -10.700 6.128   1.00 25.12  ? 132  TYR A O   1 
ATOM   1060 C  CB  . TYR A 1 132 ? 0.600   -8.805  7.832   1.00 21.84  ? 132  TYR A CB  1 
ATOM   1061 C  CG  . TYR A 1 132 ? 1.792   -9.729  8.105   1.00 21.62  ? 132  TYR A CG  1 
ATOM   1062 C  CD1 . TYR A 1 132 ? 3.120   -9.369  7.755   1.00 29.27  ? 132  TYR A CD1 1 
ATOM   1063 C  CD2 . TYR A 1 132 ? 1.583   -10.961 8.731   1.00 28.84  ? 132  TYR A CD2 1 
ATOM   1064 C  CE1 . TYR A 1 132 ? 4.198   -10.204 8.049   1.00 36.35  ? 132  TYR A CE1 1 
ATOM   1065 C  CE2 . TYR A 1 132 ? 2.650   -11.810 9.012   1.00 25.47  ? 132  TYR A CE2 1 
ATOM   1066 C  CZ  . TYR A 1 132 ? 3.927   -11.440 8.701   1.00 31.51  ? 132  TYR A CZ  1 
ATOM   1067 O  OH  . TYR A 1 132 ? 4.907   -12.302 9.007   1.00 36.55  ? 132  TYR A OH  1 
ATOM   1068 N  N   . ASN A 1 133 ? 0.650   -10.562 4.937   1.00 23.93  ? 133  ASN A N   1 
ATOM   1069 C  CA  . ASN A 1 133 ? 0.508   -11.963 4.457   1.00 22.38  ? 133  ASN A CA  1 
ATOM   1070 C  C   . ASN A 1 133 ? 1.895   -12.598 4.322   1.00 25.20  ? 133  ASN A C   1 
ATOM   1071 O  O   . ASN A 1 133 ? 2.670   -12.361 3.420   1.00 22.94  ? 133  ASN A O   1 
ATOM   1072 C  CB  . ASN A 1 133 ? -0.348  -11.993 3.203   1.00 24.65  ? 133  ASN A CB  1 
ATOM   1073 C  CG  . ASN A 1 133 ? -0.741  -13.472 2.769   1.00 24.08  ? 133  ASN A CG  1 
ATOM   1074 O  OD1 . ASN A 1 133 ? -0.080  -14.404 3.172   1.00 31.89  ? 133  ASN A OD1 1 
ATOM   1075 N  ND2 . ASN A 1 133 ? -1.809  -13.604 2.036   1.00 31.90  ? 133  ASN A ND2 1 
ATOM   1076 N  N   . SER A 1 134 ? 2.239   -13.400 5.311   1.00 25.45  ? 134  SER A N   1 
ATOM   1077 C  CA  . SER A 1 134 ? 3.531   -14.015 5.370   1.00 26.25  ? 134  SER A CA  1 
ATOM   1078 C  C   . SER A 1 134 ? 3.742   -15.116 4.344   1.00 24.56  ? 134  SER A C   1 
ATOM   1079 O  O   . SER A 1 134 ? 4.843   -15.506 4.181   1.00 30.01  ? 134  SER A O   1 
ATOM   1080 C  CB  . SER A 1 134 ? 3.770   -14.628 6.754   1.00 30.79  ? 134  SER A CB  1 
ATOM   1081 O  OG  . SER A 1 134 ? 2.683   -15.514 6.924   1.00 31.21  ? 134  SER A OG  1 
ATOM   1082 N  N   A GLU A 1 135 ? 2.715   -15.569 3.671   0.50 27.96  ? 135  GLU A N   1 
ATOM   1083 N  N   B GLU A 1 135 ? 2.690   -15.525 3.619   0.50 25.58  ? 135  GLU A N   1 
ATOM   1084 C  CA  A GLU A 1 135 ? 2.930   -16.576 2.666   0.50 32.19  ? 135  GLU A CA  1 
ATOM   1085 C  CA  B GLU A 1 135 ? 2.748   -16.514 2.482   0.50 28.65  ? 135  GLU A CA  1 
ATOM   1086 C  C   A GLU A 1 135 ? 3.664   -15.941 1.463   0.50 29.16  ? 135  GLU A C   1 
ATOM   1087 C  C   B GLU A 1 135 ? 3.278   -15.938 1.191   0.50 26.28  ? 135  GLU A C   1 
ATOM   1088 O  O   A GLU A 1 135 ? 4.503   -16.620 0.870   0.50 22.19  ? 135  GLU A O   1 
ATOM   1089 O  O   B GLU A 1 135 ? 3.446   -16.648 0.164   0.50 19.24  ? 135  GLU A O   1 
ATOM   1090 C  CB  A GLU A 1 135 ? 1.610   -17.292 2.320   0.50 33.92  ? 135  GLU A CB  1 
ATOM   1091 C  CB  B GLU A 1 135 ? 1.361   -17.086 2.161   0.50 28.11  ? 135  GLU A CB  1 
ATOM   1092 C  CG  A GLU A 1 135 ? 0.687   -17.597 3.593   0.50 40.25  ? 135  GLU A CG  1 
ATOM   1093 C  CG  B GLU A 1 135 ? 0.850   -17.988 3.287   0.50 31.29  ? 135  GLU A CG  1 
ATOM   1094 C  CD  A GLU A 1 135 ? 1.106   -18.802 4.505   0.50 52.93  ? 135  GLU A CD  1 
ATOM   1095 C  CD  B GLU A 1 135 ? -0.555  -18.557 3.044   0.50 31.64  ? 135  GLU A CD  1 
ATOM   1096 O  OE1 A GLU A 1 135 ? 2.041   -19.553 4.111   0.50 55.00  ? 135  GLU A OE1 1 
ATOM   1097 O  OE1 B GLU A 1 135 ? -0.964  -18.770 1.863   0.50 38.65  ? 135  GLU A OE1 1 
ATOM   1098 O  OE2 A GLU A 1 135 ? 0.474   -18.988 5.619   0.50 40.33  ? 135  GLU A OE2 1 
ATOM   1099 O  OE2 B GLU A 1 135 ? -1.242  -18.810 4.057   0.50 38.53  ? 135  GLU A OE2 1 
ATOM   1100 N  N   . MET A 1 136 ? 3.473   -14.620 1.219   1.00 25.44  ? 136  MET A N   1 
ATOM   1101 C  CA  . MET A 1 136 ? 4.095   -13.915 0.056   1.00 28.78  ? 136  MET A CA  1 
ATOM   1102 C  C   . MET A 1 136 ? 5.490   -13.371 0.404   1.00 29.41  ? 136  MET A C   1 
ATOM   1103 O  O   . MET A 1 136 ? 5.770   -12.189 0.227   1.00 29.75  ? 136  MET A O   1 
ATOM   1104 C  CB  . MET A 1 136 ? 3.133   -12.808 -0.401  1.00 24.33  ? 136  MET A CB  1 
ATOM   1105 C  CG  . MET A 1 136 ? 1.733   -13.333 -0.476  1.00 36.26  ? 136  MET A CG  1 
ATOM   1106 S  SD  . MET A 1 136 ? 0.494   -12.411 -1.221  1.00 36.62  ? 136  MET A SD  1 
ATOM   1107 C  CE  . MET A 1 136 ? -0.910  -13.594 -1.431  1.00 37.57  ? 136  MET A CE  1 
ATOM   1108 N  N   . SER A 1 137 ? 6.380   -14.217 0.928   1.00 29.82  ? 137  SER A N   1 
ATOM   1109 C  CA  . SER A 1 137 ? 7.721   -13.833 1.413   1.00 35.73  ? 137  SER A CA  1 
ATOM   1110 C  C   . SER A 1 137 ? 8.762   -14.078 0.390   1.00 39.79  ? 137  SER A C   1 
ATOM   1111 O  O   . SER A 1 137 ? 9.778   -13.417 0.401   1.00 42.37  ? 137  SER A O   1 
ATOM   1112 C  CB  . SER A 1 137 ? 8.168   -14.662 2.607   1.00 40.64  ? 137  SER A CB  1 
ATOM   1113 O  OG  . SER A 1 137 ? 7.449   -14.262 3.762   1.00 56.40  ? 137  SER A OG  1 
ATOM   1114 N  N   . ASP A 1 138 ? 8.524   -15.042 -0.477  1.00 46.20  ? 138  ASP A N   1 
ATOM   1115 C  CA  . ASP A 1 138 ? 9.562   -15.499 -1.421  1.00 50.13  ? 138  ASP A CA  1 
ATOM   1116 C  C   . ASP A 1 138 ? 9.352   -14.870 -2.761  1.00 47.11  ? 138  ASP A C   1 
ATOM   1117 O  O   . ASP A 1 138 ? 10.290  -14.694 -3.509  1.00 48.84  ? 138  ASP A O   1 
ATOM   1118 C  CB  . ASP A 1 138 ? 9.557   -17.043 -1.552  1.00 54.74  ? 138  ASP A CB  1 
ATOM   1119 C  CG  . ASP A 1 138 ? 9.638   -17.749 -0.188  1.00 66.14  ? 138  ASP A CG  1 
ATOM   1120 O  OD1 . ASP A 1 138 ? 10.493  -17.339 0.646   1.00 75.05  ? 138  ASP A OD1 1 
ATOM   1121 O  OD2 . ASP A 1 138 ? 8.841   -18.695 0.053   1.00 78.20  ? 138  ASP A OD2 1 
ATOM   1122 N  N   . ASP A 1 139 ? 8.120   -14.483 -3.048  1.00 40.69  ? 139  ASP A N   1 
ATOM   1123 C  CA  . ASP A 1 139 ? 7.747   -14.020 -4.366  1.00 39.91  ? 139  ASP A CA  1 
ATOM   1124 C  C   . ASP A 1 139 ? 6.593   -12.983 -4.243  1.00 32.37  ? 139  ASP A C   1 
ATOM   1125 O  O   . ASP A 1 139 ? 5.852   -13.062 -3.287  1.00 32.95  ? 139  ASP A O   1 
ATOM   1126 C  CB  . ASP A 1 139 ? 7.190   -15.230 -5.112  1.00 46.20  ? 139  ASP A CB  1 
ATOM   1127 C  CG  . ASP A 1 139 ? 7.401   -15.159 -6.628  1.00 63.78  ? 139  ASP A CG  1 
ATOM   1128 O  OD1 . ASP A 1 139 ? 8.549   -14.894 -7.063  1.00 73.34  ? 139  ASP A OD1 1 
ATOM   1129 O  OD2 . ASP A 1 139 ? 6.417   -15.394 -7.383  1.00 80.00  ? 139  ASP A OD2 1 
ATOM   1130 N  N   . PHE A 1 140 ? 6.382   -12.134 -5.244  1.00 28.58  ? 140  PHE A N   1 
ATOM   1131 C  CA  . PHE A 1 140 ? 5.210   -11.255 -5.265  1.00 28.69  ? 140  PHE A CA  1 
ATOM   1132 C  C   . PHE A 1 140 ? 3.928   -12.027 -5.490  1.00 33.81  ? 140  PHE A C   1 
ATOM   1133 O  O   . PHE A 1 140 ? 3.911   -12.960 -6.294  1.00 35.04  ? 140  PHE A O   1 
ATOM   1134 C  CB  . PHE A 1 140 ? 5.353   -10.174 -6.351  1.00 31.18  ? 140  PHE A CB  1 
ATOM   1135 C  CG  . PHE A 1 140 ? 6.403   -9.130  -5.997  1.00 27.62  ? 140  PHE A CG  1 
ATOM   1136 C  CD1 . PHE A 1 140 ? 7.769   -9.424  -6.116  1.00 26.64  ? 140  PHE A CD1 1 
ATOM   1137 C  CD2 . PHE A 1 140 ? 6.006   -7.909  -5.425  1.00 24.75  ? 140  PHE A CD2 1 
ATOM   1138 C  CE1 . PHE A 1 140 ? 8.726   -8.463  -5.762  1.00 34.59  ? 140  PHE A CE1 1 
ATOM   1139 C  CE2 . PHE A 1 140 ? 6.928   -6.957  -5.079  1.00 29.51  ? 140  PHE A CE2 1 
ATOM   1140 C  CZ  . PHE A 1 140 ? 8.291   -7.233  -5.208  1.00 32.64  ? 140  PHE A CZ  1 
ATOM   1141 N  N   . GLY A 1 141 ? 2.875   -11.624 -4.790  1.00 26.07  ? 141  GLY A N   1 
ATOM   1142 C  CA  . GLY A 1 141 ? 1.591   -12.300 -4.783  1.00 25.29  ? 141  GLY A CA  1 
ATOM   1143 C  C   . GLY A 1 141 ? 0.452   -11.301 -4.853  1.00 24.67  ? 141  GLY A C   1 
ATOM   1144 O  O   . GLY A 1 141 ? 0.626   -10.034 -4.713  1.00 22.80  ? 141  GLY A O   1 
ATOM   1145 N  N   . ASP A 1 142 ? -0.742  -11.843 -5.012  1.00 22.47  ? 142  ASP A N   1 
ATOM   1146 C  CA  . ASP A 1 142 ? -1.957  -11.065 -5.159  1.00 24.78  ? 142  ASP A CA  1 
ATOM   1147 C  C   . ASP A 1 142 ? -2.558  -10.929 -3.744  1.00 27.48  ? 142  ASP A C   1 
ATOM   1148 O  O   . ASP A 1 142 ? -3.476  -11.670 -3.376  1.00 28.54  ? 142  ASP A O   1 
ATOM   1149 C  CB  . ASP A 1 142 ? -2.896  -11.856 -6.109  1.00 28.77  ? 142  ASP A CB  1 
ATOM   1150 C  CG  . ASP A 1 142 ? -4.183  -11.144 -6.440  1.00 36.30  ? 142  ASP A CG  1 
ATOM   1151 O  OD1 . ASP A 1 142 ? -4.289  -9.900  -6.453  1.00 38.25  ? 142  ASP A OD1 1 
ATOM   1152 O  OD2 . ASP A 1 142 ? -5.134  -11.880 -6.753  1.00 40.82  ? 142  ASP A OD2 1 
ATOM   1153 N  N   . ASN A 1 143 ? -2.046  -9.967  -2.970  1.00 20.51  ? 143  ASN A N   1 
ATOM   1154 C  CA  . ASN A 1 143 ? -2.573  -9.609  -1.613  1.00 19.81  ? 143  ASN A CA  1 
ATOM   1155 C  C   . ASN A 1 143 ? -3.740  -8.660  -1.717  1.00 23.71  ? 143  ASN A C   1 
ATOM   1156 O  O   . ASN A 1 143 ? -3.569  -7.446  -1.697  1.00 20.48  ? 143  ASN A O   1 
ATOM   1157 C  CB  . ASN A 1 143 ? -1.421  -9.045  -0.743  1.00 21.66  ? 143  ASN A CB  1 
ATOM   1158 C  CG  . ASN A 1 143 ? -1.826  -8.839  0.668   1.00 23.01  ? 143  ASN A CG  1 
ATOM   1159 O  OD1 . ASN A 1 143 ? -2.976  -9.141  1.002   1.00 22.58  ? 143  ASN A OD1 1 
ATOM   1160 N  ND2 . ASN A 1 143 ? -0.938  -8.371  1.492   1.00 20.49  ? 143  ASN A ND2 1 
ATOM   1161 N  N   . THR A 1 144 ? -4.969  -9.224  -1.743  1.00 18.48  ? 144  THR A N   1 
ATOM   1162 C  CA  . THR A 1 144 ? -6.151  -8.463  -1.810  1.00 20.10  ? 144  THR A CA  1 
ATOM   1163 C  C   . THR A 1 144 ? -6.584  -7.789  -0.522  1.00 23.64  ? 144  THR A C   1 
ATOM   1164 O  O   . THR A 1 144 ? -7.630  -7.129  -0.486  1.00 26.92  ? 144  THR A O   1 
ATOM   1165 C  CB  . THR A 1 144 ? -7.347  -9.294  -2.428  1.00 28.28  ? 144  THR A CB  1 
ATOM   1166 O  OG1 . THR A 1 144 ? -7.527  -10.409 -1.575  1.00 27.28  ? 144  THR A OG1 1 
ATOM   1167 C  CG2 . THR A 1 144 ? -7.058  -9.783  -3.827  1.00 30.70  ? 144  THR A CG2 1 
ATOM   1168 N  N   . LYS A 1 145 ? -5.766  -7.862  0.514   1.00 18.58  ? 145  LYS A N   1 
ATOM   1169 C  CA  . LYS A 1 145 ? -5.955  -7.107  1.713   1.00 20.75  ? 145  LYS A CA  1 
ATOM   1170 C  C   . LYS A 1 145 ? -5.150  -5.797  1.788   1.00 23.28  ? 145  LYS A C   1 
ATOM   1171 O  O   . LYS A 1 145 ? -5.160  -5.121  2.818   1.00 22.09  ? 145  LYS A O   1 
ATOM   1172 C  CB  . LYS A 1 145 ? -5.655  -7.994  2.901   1.00 26.93  ? 145  LYS A CB  1 
ATOM   1173 C  CG  . LYS A 1 145 ? -6.668  -9.207  2.917   1.00 32.52  ? 145  LYS A CG  1 
ATOM   1174 C  CD  . LYS A 1 145 ? -6.988  -9.646  4.299   1.00 45.99  ? 145  LYS A CD  1 
ATOM   1175 C  CE  . LYS A 1 145 ? -8.061  -10.786 4.311   1.00 58.97  ? 145  LYS A CE  1 
ATOM   1176 N  NZ  . LYS A 1 145 ? -7.443  -12.069 4.772   1.00 64.16  ? 145  LYS A NZ  1 
ATOM   1177 N  N   . ILE A 1 146 ? -4.504  -5.458  0.671   1.00 22.46  ? 146  ILE A N   1 
ATOM   1178 C  CA  . ILE A 1 146 ? -4.025  -4.074  0.394   1.00 19.85  ? 146  ILE A CA  1 
ATOM   1179 C  C   . ILE A 1 146 ? -5.022  -3.536  -0.586  1.00 19.99  ? 146  ILE A C   1 
ATOM   1180 O  O   . ILE A 1 146 ? -5.445  -4.234  -1.517  1.00 22.47  ? 146  ILE A O   1 
ATOM   1181 C  CB  . ILE A 1 146 ? -2.622  -4.099  -0.198  1.00 21.81  ? 146  ILE A CB  1 
ATOM   1182 C  CG1 . ILE A 1 146 ? -1.688  -4.601  0.901   1.00 24.33  ? 146  ILE A CG1 1 
ATOM   1183 C  CG2 . ILE A 1 146 ? -2.234  -2.684  -0.830  1.00 22.17  ? 146  ILE A CG2 1 
ATOM   1184 C  CD1 . ILE A 1 146 ? -0.153  -4.837  0.510   1.00 28.44  ? 146  ILE A CD1 1 
ATOM   1185 N  N   . THR A 1 147 ? -5.493  -2.325  -0.353  1.00 17.72  ? 147  THR A N   1 
ATOM   1186 C  CA  . THR A 1 147 ? -6.382  -1.673  -1.273  1.00 19.04  ? 147  THR A CA  1 
ATOM   1187 C  C   . THR A 1 147 ? -5.767  -0.529  -2.054  1.00 21.90  ? 147  THR A C   1 
ATOM   1188 O  O   . THR A 1 147 ? -4.787  0.103   -1.633  1.00 22.01  ? 147  THR A O   1 
ATOM   1189 C  CB  . THR A 1 147 ? -7.645  -1.178  -0.550  1.00 21.35  ? 147  THR A CB  1 
ATOM   1190 O  OG1 . THR A 1 147 ? -7.299  -0.301  0.511   1.00 22.35  ? 147  THR A OG1 1 
ATOM   1191 C  CG2 . THR A 1 147 ? -8.350  -2.427  0.106   1.00 25.91  ? 147  THR A CG2 1 
ATOM   1192 N  N   . ALA A 1 148 ? -6.322  -0.306  -3.239  1.00 18.32  ? 148  ALA A N   1 
ATOM   1193 C  CA  . ALA A 1 148 ? -5.838  0.728   -4.172  1.00 20.49  ? 148  ALA A CA  1 
ATOM   1194 C  C   . ALA A 1 148 ? -7.037  1.383   -4.832  1.00 20.00  ? 148  ALA A C   1 
ATOM   1195 O  O   . ALA A 1 148 ? -8.079  0.687   -5.025  1.00 25.76  ? 148  ALA A O   1 
ATOM   1196 C  CB  . ALA A 1 148 ? -4.869  0.167   -5.224  1.00 21.58  ? 148  ALA A CB  1 
ATOM   1197 N  N   . TYR A 1 149 ? -6.870  2.691   -5.084  1.00 21.61  ? 149  TYR A N   1 
ATOM   1198 C  CA  . TYR A 1 149 ? -7.946  3.636   -5.453  1.00 22.67  ? 149  TYR A CA  1 
ATOM   1199 C  C   . TYR A 1 149 ? -7.467  4.390   -6.645  1.00 24.52  ? 149  TYR A C   1 
ATOM   1200 O  O   . TYR A 1 149 ? -6.273  4.727   -6.762  1.00 23.06  ? 149  TYR A O   1 
ATOM   1201 C  CB  . TYR A 1 149 ? -8.258  4.581   -4.276  1.00 23.78  ? 149  TYR A CB  1 
ATOM   1202 C  CG  . TYR A 1 149 ? -8.546  3.876   -3.009  1.00 24.63  ? 149  TYR A CG  1 
ATOM   1203 C  CD1 . TYR A 1 149 ? -7.504  3.408   -2.192  1.00 19.75  ? 149  TYR A CD1 1 
ATOM   1204 C  CD2 . TYR A 1 149 ? -9.849  3.575   -2.637  1.00 28.63  ? 149  TYR A CD2 1 
ATOM   1205 C  CE1 . TYR A 1 149 ? -7.763  2.694   -1.070  1.00 23.08  ? 149  TYR A CE1 1 
ATOM   1206 C  CE2 . TYR A 1 149 ? -10.117 2.952   -1.434  1.00 25.54  ? 149  TYR A CE2 1 
ATOM   1207 C  CZ  . TYR A 1 149 ? -9.071  2.444   -0.680  1.00 24.96  ? 149  TYR A CZ  1 
ATOM   1208 O  OH  . TYR A 1 149 ? -9.273  1.748   0.502   1.00 23.96  ? 149  TYR A OH  1 
ATOM   1209 N  N   . ILE A 1 150 ? -8.385  4.702   -7.557  1.00 23.59  ? 150  ILE A N   1 
ATOM   1210 C  CA  . ILE A 1 150 ? -8.144  5.695   -8.603  1.00 21.03  ? 150  ILE A CA  1 
ATOM   1211 C  C   . ILE A 1 150 ? -9.141  6.862   -8.391  1.00 25.17  ? 150  ILE A C   1 
ATOM   1212 O  O   . ILE A 1 150 ? -10.366 6.622   -8.339  1.00 25.88  ? 150  ILE A O   1 
ATOM   1213 C  CB  . ILE A 1 150 ? -8.336  5.147   -10.047 1.00 25.44  ? 150  ILE A CB  1 
ATOM   1214 C  CG1 . ILE A 1 150 ? -7.348  4.028   -10.394 1.00 31.04  ? 150  ILE A CG1 1 
ATOM   1215 C  CG2 . ILE A 1 150 ? -8.127  6.284   -11.033 1.00 30.88  ? 150  ILE A CG2 1 
ATOM   1216 C  CD1 . ILE A 1 150 ? -7.555  3.339   -11.788 1.00 30.85  ? 150  ILE A CD1 1 
ATOM   1217 N  N   . LYS A 1 151 ? -8.633  8.072   -8.233  1.00 28.72  ? 151  LYS A N   1 
ATOM   1218 C  CA  . LYS A 1 151 ? -9.461  9.235   -7.858  1.00 34.20  ? 151  LYS A CA  1 
ATOM   1219 C  C   . LYS A 1 151 ? -10.420 8.881   -6.741  1.00 38.75  ? 151  LYS A C   1 
ATOM   1220 O  O   . LYS A 1 151 ? -11.656 9.081   -6.845  1.00 36.99  ? 151  LYS A O   1 
ATOM   1221 C  CB  . LYS A 1 151 ? -10.204 9.733   -9.106  1.00 39.59  ? 151  LYS A CB  1 
ATOM   1222 C  CG  . LYS A 1 151 ? -9.274  10.294  -10.149 1.00 35.35  ? 151  LYS A CG  1 
ATOM   1223 C  CD  . LYS A 1 151 ? -9.965  10.492  -11.541 1.00 51.84  ? 151  LYS A CD  1 
ATOM   1224 C  CE  . LYS A 1 151 ? -9.336  11.663  -12.330 1.00 54.56  ? 151  LYS A CE  1 
ATOM   1225 N  NZ  . LYS A 1 151 ? -9.377  11.516  -13.844 1.00 67.28  ? 151  LYS A NZ  1 
ATOM   1226 N  N   . ASP A 1 152 ? -9.891  8.229   -5.708  1.00 30.94  ? 152  ASP A N   1 
ATOM   1227 C  CA  . ASP A 1 152 ? -10.675 7.900   -4.503  1.00 35.12  ? 152  ASP A CA  1 
ATOM   1228 C  C   . ASP A 1 152 ? -11.755 6.846   -4.623  1.00 34.25  ? 152  ASP A C   1 
ATOM   1229 O  O   . ASP A 1 152 ? -12.437 6.544   -3.650  1.00 35.90  ? 152  ASP A O   1 
ATOM   1230 C  CB  . ASP A 1 152 ? -11.222 9.202   -3.859  1.00 39.25  ? 152  ASP A CB  1 
ATOM   1231 C  CG  . ASP A 1 152 ? -10.074 10.147  -3.453  1.00 48.45  ? 152  ASP A CG  1 
ATOM   1232 O  OD1 . ASP A 1 152 ? -9.148  9.694   -2.738  1.00 51.42  ? 152  ASP A OD1 1 
ATOM   1233 O  OD2 . ASP A 1 152 ? -10.039 11.300  -3.911  1.00 53.36  ? 152  ASP A OD2 1 
ATOM   1234 N  N   . LYS A 1 153 ? -11.868 6.237   -5.787  1.00 32.67  ? 153  LYS A N   1 
ATOM   1235 C  CA  . LYS A 1 153 ? -12.730 5.075   -5.981  1.00 33.60  ? 153  LYS A CA  1 
ATOM   1236 C  C   . LYS A 1 153 ? -11.959 3.778   -5.827  1.00 28.48  ? 153  LYS A C   1 
ATOM   1237 O  O   . LYS A 1 153 ? -10.945 3.579   -6.536  1.00 26.23  ? 153  LYS A O   1 
ATOM   1238 C  CB  . LYS A 1 153 ? -13.281 5.074   -7.407  1.00 31.42  ? 153  LYS A CB  1 
ATOM   1239 C  CG  . LYS A 1 153 ? -14.161 6.285   -7.727  1.00 55.45  ? 153  LYS A CG  1 
ATOM   1240 C  CD  . LYS A 1 153 ? -15.521 6.227   -6.968  1.00 66.31  ? 153  LYS A CD  1 
ATOM   1241 C  CE  . LYS A 1 153 ? -15.885 7.579   -6.314  1.00 75.51  ? 153  LYS A CE  1 
ATOM   1242 N  NZ  . LYS A 1 153 ? -16.204 8.618   -7.353  1.00 70.10  ? 153  LYS A NZ  1 
ATOM   1243 N  N   . LEU A 1 154 ? -12.467 2.845   -5.025  1.00 27.70  ? 154  LEU A N   1 
ATOM   1244 C  CA  . LEU A 1 154 ? -11.816 1.534   -4.888  1.00 28.91  ? 154  LEU A CA  1 
ATOM   1245 C  C   . LEU A 1 154 ? -11.707 0.743   -6.186  1.00 31.79  ? 154  LEU A C   1 
ATOM   1246 O  O   . LEU A 1 154 ? -12.689 0.440   -6.829  1.00 28.13  ? 154  LEU A O   1 
ATOM   1247 C  CB  . LEU A 1 154 ? -12.519 0.687   -3.803  1.00 29.11  ? 154  LEU A CB  1 
ATOM   1248 C  CG  . LEU A 1 154 ? -11.940 -0.659  -3.410  1.00 32.02  ? 154  LEU A CG  1 
ATOM   1249 C  CD1 . LEU A 1 154 ? -10.664 -0.507  -2.609  1.00 26.79  ? 154  LEU A CD1 1 
ATOM   1250 C  CD2 . LEU A 1 154 ? -12.980 -1.454  -2.617  1.00 32.30  ? 154  LEU A CD2 1 
ATOM   1251 N  N   . LYS A 1 155 ? -10.484 0.355   -6.555  1.00 25.54  ? 155  LYS A N   1 
ATOM   1252 C  CA  . LYS A 1 155 ? -10.253 -0.395  -7.755  1.00 26.39  ? 155  LYS A CA  1 
ATOM   1253 C  C   . LYS A 1 155 ? -9.588  -1.752  -7.524  1.00 27.72  ? 155  LYS A C   1 
ATOM   1254 O  O   . LYS A 1 155 ? -9.591  -2.587  -8.404  1.00 28.00  ? 155  LYS A O   1 
ATOM   1255 C  CB  . LYS A 1 155 ? -9.423  0.479   -8.714  1.00 28.57  ? 155  LYS A CB  1 
ATOM   1256 C  CG  . LYS A 1 155 ? -10.182 1.626   -9.325  1.00 29.75  ? 155  LYS A CG  1 
ATOM   1257 C  CD  . LYS A 1 155 ? -11.168 1.188   -10.414 1.00 40.16  ? 155  LYS A CD  1 
ATOM   1258 C  CE  . LYS A 1 155 ? -11.885 2.363   -11.047 1.00 45.78  ? 155  LYS A CE  1 
ATOM   1259 N  NZ  . LYS A 1 155 ? -12.449 2.032   -12.405 1.00 45.07  ? 155  LYS A NZ  1 
ATOM   1260 N  N   . TYR A 1 156 ? -8.985  -1.989  -6.357  1.00 22.86  ? 156  TYR A N   1 
ATOM   1261 C  CA  . TYR A 1 156 ? -8.291  -3.237  -6.086  1.00 23.17  ? 156  TYR A CA  1 
ATOM   1262 C  C   . TYR A 1 156 ? -8.413  -3.564  -4.604  1.00 23.65  ? 156  TYR A C   1 
ATOM   1263 O  O   . TYR A 1 156 ? -8.287  -2.715  -3.774  1.00 23.26  ? 156  TYR A O   1 
ATOM   1264 C  CB  . TYR A 1 156 ? -6.790  -3.122  -6.438  1.00 21.34  ? 156  TYR A CB  1 
ATOM   1265 C  CG  . TYR A 1 156 ? -6.015  -4.358  -6.084  1.00 19.68  ? 156  TYR A CG  1 
ATOM   1266 C  CD1 . TYR A 1 156 ? -5.996  -5.475  -6.915  1.00 23.34  ? 156  TYR A CD1 1 
ATOM   1267 C  CD2 . TYR A 1 156 ? -5.443  -4.482  -4.870  1.00 22.69  ? 156  TYR A CD2 1 
ATOM   1268 C  CE1 . TYR A 1 156 ? -5.328  -6.619  -6.544  1.00 21.43  ? 156  TYR A CE1 1 
ATOM   1269 C  CE2 . TYR A 1 156 ? -4.786  -5.616  -4.488  1.00 21.43  ? 156  TYR A CE2 1 
ATOM   1270 C  CZ  . TYR A 1 156 ? -4.776  -6.689  -5.322  1.00 21.73  ? 156  TYR A CZ  1 
ATOM   1271 O  OH  . TYR A 1 156 ? -4.165  -7.803  -4.977  1.00 23.38  ? 156  TYR A OH  1 
ATOM   1272 N  N   . GLY A 1 157 ? -8.652  -4.823  -4.293  1.00 25.25  ? 157  GLY A N   1 
ATOM   1273 C  CA  . GLY A 1 157 ? -8.660  -5.284  -2.888  1.00 25.30  ? 157  GLY A CA  1 
ATOM   1274 C  C   . GLY A 1 157 ? -10.001 -5.125  -2.160  1.00 27.57  ? 157  GLY A C   1 
ATOM   1275 O  O   . GLY A 1 157 ? -10.967 -4.560  -2.697  1.00 27.01  ? 157  GLY A O   1 
ATOM   1276 N  N   . VAL A 1 158 ? -10.000 -5.538  -0.908  1.00 26.91  ? 158  VAL A N   1 
ATOM   1277 C  CA  . VAL A 1 158 ? -11.180 -5.537  -0.026  1.00 26.48  ? 158  VAL A CA  1 
ATOM   1278 C  C   . VAL A 1 158 ? -10.798 -4.751  1.212   1.00 27.30  ? 158  VAL A C   1 
ATOM   1279 O  O   . VAL A 1 158 ? -9.827  -5.074  1.894   1.00 26.57  ? 158  VAL A O   1 
ATOM   1280 C  CB  . VAL A 1 158 ? -11.540 -6.950  0.350   1.00 29.73  ? 158  VAL A CB  1 
ATOM   1281 C  CG1 . VAL A 1 158 ? -12.782 -6.949  1.318   1.00 31.53  ? 158  VAL A CG1 1 
ATOM   1282 C  CG2 . VAL A 1 158 ? -11.782 -7.831  -0.923  1.00 40.99  ? 158  VAL A CG2 1 
ATOM   1283 N  N   . GLU A 1 159 ? -11.506 -3.668  1.459   1.00 25.23  ? 159  GLU A N   1 
ATOM   1284 C  CA  . GLU A 1 159 ? -11.234 -2.785  2.613   1.00 33.84  ? 159  GLU A CA  1 
ATOM   1285 C  C   . GLU A 1 159 ? -11.521 -3.451  3.949   1.00 38.82  ? 159  GLU A C   1 
ATOM   1286 O  O   . GLU A 1 159 ? -12.480 -4.232  4.053   1.00 37.26  ? 159  GLU A O   1 
ATOM   1287 C  CB  . GLU A 1 159 ? -12.029 -1.481  2.542   1.00 36.44  ? 159  GLU A CB  1 
ATOM   1288 C  CG  . GLU A 1 159 ? -11.558 -0.541  1.479   1.00 34.50  ? 159  GLU A CG  1 
ATOM   1289 C  CD  . GLU A 1 159 ? -12.327 0.738   1.389   1.00 44.20  ? 159  GLU A CD  1 
ATOM   1290 O  OE1 . GLU A 1 159 ? -13.523 0.685   1.665   1.00 43.77  ? 159  GLU A OE1 1 
ATOM   1291 O  OE2 . GLU A 1 159 ? -11.748 1.798   1.038   1.00 31.75  ? 159  GLU A OE2 1 
ATOM   1292 N  N   . ALA A 1 160 ? -10.644 -3.192  4.943   1.00 40.02  ? 160  ALA A N   1 
ATOM   1293 C  CA  . ALA A 1 160 ? -10.839 -3.686  6.322   1.00 45.87  ? 160  ALA A CA  1 
ATOM   1294 C  C   . ALA A 1 160 ? -12.216 -3.093  6.742   1.00 51.30  ? 160  ALA A C   1 
ATOM   1295 O  O   . ALA A 1 160 ? -12.410 -1.872  6.638   1.00 53.62  ? 160  ALA A O   1 
ATOM   1296 C  CB  . ALA A 1 160 ? -9.711  -3.207  7.258   1.00 37.86  ? 160  ALA A CB  1 
ATOM   1297 N  N   . ALA A 1 161 ? -13.136 -3.984  7.118   1.00 57.87  ? 161  ALA A N   1 
ATOM   1298 C  CA  . ALA A 1 161 ? -14.604 -3.717  7.075   1.00 68.80  ? 161  ALA A CA  1 
ATOM   1299 C  C   . ALA A 1 161 ? -15.202 -3.788  8.490   1.00 75.99  ? 161  ALA A C   1 
ATOM   1300 O  O   . ALA A 1 161 ? -15.156 -4.860  9.123   1.00 78.60  ? 161  ALA A O   1 
ATOM   1301 C  CB  . ALA A 1 161 ? -15.321 -4.750  6.145   1.00 66.07  ? 161  ALA A CB  1 
ATOM   1302 N  N   . ALA A 1 162 ? -15.776 -2.657  8.953   1.00 82.68  ? 162  ALA A N   1 
ATOM   1303 C  CA  . ALA A 1 162 ? -16.239 -2.429  10.364  1.00 84.50  ? 162  ALA A CA  1 
ATOM   1304 C  C   . ALA A 1 162 ? -16.869 -3.638  11.086  1.00 85.20  ? 162  ALA A C   1 
ATOM   1305 O  O   . ALA A 1 162 ? -17.973 -4.071  10.748  1.00 86.06  ? 162  ALA A O   1 
ATOM   1306 C  CB  . ALA A 1 162 ? -17.208 -1.205  10.419  1.00 84.60  ? 162  ALA A CB  1 
HETATM 1307 CA CA  . CA  B 2 .   ? -0.022  -5.305  14.911  1.00 23.26  ? 1163 CA  A CA  1 
HETATM 1308 S  S   . SO4 C 3 .   ? 13.562  -5.124  12.685  0.75 38.58  ? 1164 SO4 A S   1 
HETATM 1309 O  O1  . SO4 C 3 .   ? 12.877  -5.953  11.714  0.75 31.78  ? 1164 SO4 A O1  1 
HETATM 1310 O  O2  . SO4 C 3 .   ? 14.676  -4.582  11.942  0.75 34.77  ? 1164 SO4 A O2  1 
HETATM 1311 O  O3  . SO4 C 3 .   ? 12.817  -3.991  13.235  0.75 33.99  ? 1164 SO4 A O3  1 
HETATM 1312 O  O4  . SO4 C 3 .   ? 13.970  -6.015  13.801  0.75 40.24  ? 1164 SO4 A O4  1 
HETATM 1313 CL CL  . CL  D 4 .   ? 1.837   17.012  -5.639  1.00 78.45  ? 1165 CL  A CL  1 
HETATM 1314 O  O   . HOH E 5 .   ? -21.624 6.643   -20.439 1.00 60.60  ? 2001 HOH A O   1 
HETATM 1315 O  O   . HOH E 5 .   ? -15.343 2.791   -19.342 1.00 85.80  ? 2002 HOH A O   1 
HETATM 1316 O  O   . HOH E 5 .   ? -9.876  -5.107  -13.584 1.00 85.09  ? 2003 HOH A O   1 
HETATM 1317 O  O   . HOH E 5 .   ? -8.192  7.467   -14.465 1.00 50.33  ? 2004 HOH A O   1 
HETATM 1318 O  O   . HOH E 5 .   ? -7.092  -7.772  -9.587  1.00 63.87  ? 2005 HOH A O   1 
HETATM 1319 O  O   . HOH E 5 .   ? 1.563   -6.197  -11.783 1.00 67.91  ? 2006 HOH A O   1 
HETATM 1320 O  O   . HOH E 5 .   ? -0.491  -4.709  -2.367  1.00 218.77 ? 2007 HOH A O   1 
HETATM 1321 O  O   . HOH E 5 .   ? -21.082 6.388   6.536   1.00 71.54  ? 2008 HOH A O   1 
HETATM 1322 O  O   . HOH E 5 .   ? 9.264   5.851   22.702  1.00 70.37  ? 2009 HOH A O   1 
HETATM 1323 O  O   . HOH E 5 .   ? -9.625  0.457   -18.985 1.00 61.89  ? 2010 HOH A O   1 
HETATM 1324 O  O   . HOH E 5 .   ? -15.112 6.165   4.723   1.00 72.71  ? 2011 HOH A O   1 
HETATM 1325 O  O   . HOH E 5 .   ? -17.843 5.575   -0.488  1.00 72.00  ? 2012 HOH A O   1 
HETATM 1326 O  O   . HOH E 5 .   ? -11.888 -1.831  -12.649 1.00 58.29  ? 2013 HOH A O   1 
HETATM 1327 O  O   . HOH E 5 .   ? -9.485  -4.858  -16.285 1.00 63.12  ? 2014 HOH A O   1 
HETATM 1328 O  O   . HOH E 5 .   ? -8.182  -5.058  -10.168 1.00 45.81  ? 2015 HOH A O   1 
HETATM 1329 O  O   . HOH E 5 .   ? -0.663  -7.186  -10.253 1.00 48.45  ? 2016 HOH A O   1 
HETATM 1330 O  O   . HOH E 5 .   ? -2.260  -8.159  -12.429 1.00 57.72  ? 2017 HOH A O   1 
HETATM 1331 O  O   . HOH E 5 .   ? -18.588 5.542   7.482   1.00 57.95  ? 2018 HOH A O   1 
HETATM 1332 O  O   . HOH E 5 .   ? -20.640 4.903   8.980   1.00 75.65  ? 2019 HOH A O   1 
HETATM 1333 O  O   . HOH E 5 .   ? -1.254  -6.988  -3.453  1.00 22.66  ? 2020 HOH A O   1 
HETATM 1334 O  O   . HOH E 5 .   ? -1.898  -8.774  -7.917  1.00 39.49  ? 2021 HOH A O   1 
HETATM 1335 O  O   . HOH E 5 .   ? 8.927   -9.365  -10.173 1.00 64.88  ? 2022 HOH A O   1 
HETATM 1336 O  O   . HOH E 5 .   ? 4.202   -8.903  -9.701  1.00 47.82  ? 2023 HOH A O   1 
HETATM 1337 O  O   . HOH E 5 .   ? 3.807   -6.783  5.098   1.00 21.65  ? 2024 HOH A O   1 
HETATM 1338 O  O   . HOH E 5 .   ? -2.489  -5.892  -18.380 1.00 54.71  ? 2025 HOH A O   1 
HETATM 1339 O  O   . HOH E 5 .   ? 12.662  -7.964  -6.958  1.00 50.43  ? 2026 HOH A O   1 
HETATM 1340 O  O   . HOH E 5 .   ? 10.622  -11.619 2.286   1.00 46.25  ? 2027 HOH A O   1 
HETATM 1341 O  O   . HOH E 5 .   ? 11.939  -8.385  0.553   1.00 70.84  ? 2028 HOH A O   1 
HETATM 1342 O  O   . HOH E 5 .   ? 0.066   16.023  -15.312 1.00 68.53  ? 2029 HOH A O   1 
HETATM 1343 O  O   . HOH E 5 .   ? 8.519   1.519   23.920  1.00 67.15  ? 2030 HOH A O   1 
HETATM 1344 O  O   . HOH E 5 .   ? 7.770   -9.371  7.555   1.00 37.30  ? 2031 HOH A O   1 
HETATM 1345 O  O   . HOH E 5 .   ? -14.372 5.834   1.851   1.00 73.30  ? 2032 HOH A O   1 
HETATM 1346 O  O   . HOH E 5 .   ? 8.953   -6.388  8.575   1.00 23.41  ? 2033 HOH A O   1 
HETATM 1347 O  O   . HOH E 5 .   ? 12.723  -6.572  3.163   1.00 29.81  ? 2034 HOH A O   1 
HETATM 1348 O  O   . HOH E 5 .   ? 17.171  -4.610  13.326  1.00 59.46  ? 2035 HOH A O   1 
HETATM 1349 O  O   . HOH E 5 .   ? 19.866  -8.227  16.575  1.00 66.63  ? 2036 HOH A O   1 
HETATM 1350 O  O   . HOH E 5 .   ? 12.201  -3.350  20.068  1.00 75.75  ? 2037 HOH A O   1 
HETATM 1351 O  O   . HOH E 5 .   ? 7.789   -6.985  13.556  1.00 29.27  ? 2038 HOH A O   1 
HETATM 1352 O  O   . HOH E 5 .   ? 18.054  5.231   -7.164  1.00 58.59  ? 2039 HOH A O   1 
HETATM 1353 O  O   . HOH E 5 .   ? 10.840  17.238  -2.384  1.00 61.72  ? 2040 HOH A O   1 
HETATM 1354 O  O   . HOH E 5 .   ? 13.090  17.090  -4.136  1.00 77.10  ? 2041 HOH A O   1 
HETATM 1355 O  O   . HOH E 5 .   ? 13.850  18.220  -9.845  1.00 69.46  ? 2042 HOH A O   1 
HETATM 1356 O  O   . HOH E 5 .   ? -11.261 13.681  8.549   1.00 65.95  ? 2043 HOH A O   1 
HETATM 1357 O  O   . HOH E 5 .   ? -10.234 15.028  11.052  1.00 71.83  ? 2044 HOH A O   1 
HETATM 1358 O  O   . HOH E 5 .   ? -11.678 12.778  5.809   1.00 73.91  ? 2045 HOH A O   1 
HETATM 1359 O  O   . HOH E 5 .   ? -18.592 6.072   10.003  1.00 68.37  ? 2046 HOH A O   1 
HETATM 1360 O  O   . HOH E 5 .   ? 11.948  -5.155  -2.654  1.00 49.40  ? 2047 HOH A O   1 
HETATM 1361 O  O   . HOH E 5 .   ? 11.004  -4.834  1.622   1.00 35.37  ? 2048 HOH A O   1 
HETATM 1362 O  O   . HOH E 5 .   ? 9.619   -6.853  0.561   1.00 35.79  ? 2049 HOH A O   1 
HETATM 1363 O  O   . HOH E 5 .   ? -12.937 -8.469  7.480   1.00 67.53  ? 2050 HOH A O   1 
HETATM 1364 O  O   . HOH E 5 .   ? 7.776   -6.966  -8.502  1.00 49.25  ? 2051 HOH A O   1 
HETATM 1365 O  O   . HOH E 5 .   ? 1.697   -5.518  -9.902  1.00 50.93  ? 2052 HOH A O   1 
HETATM 1366 O  O   . HOH E 5 .   ? 1.803   -9.588  -14.099 0.50 51.25  ? 2053 HOH A O   1 
HETATM 1367 O  O   . HOH E 5 .   ? 2.731   -8.385  -16.203 1.00 66.27  ? 2054 HOH A O   1 
HETATM 1368 O  O   . HOH E 5 .   ? 1.335   -10.149 -17.890 1.00 66.37  ? 2055 HOH A O   1 
HETATM 1369 O  O   . HOH E 5 .   ? 0.291   12.451  1.785   1.00 65.96  ? 2056 HOH A O   1 
HETATM 1370 O  O   . HOH E 5 .   ? -6.568  1.445   -16.989 1.00 29.01  ? 2057 HOH A O   1 
HETATM 1371 O  O   . HOH E 5 .   ? 8.899   16.860  -13.655 1.00 75.63  ? 2058 HOH A O   1 
HETATM 1372 O  O   . HOH E 5 .   ? 6.633   3.708   -13.603 1.00 47.40  ? 2059 HOH A O   1 
HETATM 1373 O  O   . HOH E 5 .   ? 12.174  20.208  -9.565  1.00 79.93  ? 2060 HOH A O   1 
HETATM 1374 O  O   . HOH E 5 .   ? 10.823  22.103  -9.144  1.00 76.46  ? 2061 HOH A O   1 
HETATM 1375 O  O   . HOH E 5 .   ? -7.252  -5.691  -12.592 1.00 51.19  ? 2062 HOH A O   1 
HETATM 1376 O  O   . HOH E 5 .   ? -3.815  -3.735  -19.873 1.00 44.52  ? 2063 HOH A O   1 
HETATM 1377 O  O   . HOH E 5 .   ? -4.504  -0.123  -24.810 1.00 48.33  ? 2064 HOH A O   1 
HETATM 1378 O  O   . HOH E 5 .   ? -12.112 -0.731  -22.199 1.00 69.06  ? 2065 HOH A O   1 
HETATM 1379 O  O   . HOH E 5 .   ? -0.308  14.789  -12.950 1.00 58.68  ? 2066 HOH A O   1 
HETATM 1380 O  O   . HOH E 5 .   ? 1.491   11.696  -12.029 1.00 45.39  ? 2067 HOH A O   1 
HETATM 1381 O  O   . HOH E 5 .   ? 9.749   -0.979  24.095  1.00 71.64  ? 2068 HOH A O   1 
HETATM 1382 O  O   . HOH E 5 .   ? -3.861  14.092  -9.898  1.00 57.47  ? 2069 HOH A O   1 
HETATM 1383 O  O   . HOH E 5 .   ? -3.355  13.888  -6.959  1.00 60.02  ? 2070 HOH A O   1 
HETATM 1384 O  O   . HOH E 5 .   ? -3.767  11.128  -4.332  1.00 55.40  ? 2071 HOH A O   1 
HETATM 1385 O  O   . HOH E 5 .   ? -5.921  12.690  -14.062 1.00 53.71  ? 2072 HOH A O   1 
HETATM 1386 O  O   . HOH E 5 .   ? -5.593  8.975   -13.991 1.00 32.77  ? 2073 HOH A O   1 
HETATM 1387 O  O   . HOH E 5 .   ? -6.768  12.262  -7.862  1.00 45.16  ? 2074 HOH A O   1 
HETATM 1388 O  O   . HOH E 5 .   ? -1.657  9.948   -5.485  1.00 25.98  ? 2075 HOH A O   1 
HETATM 1389 O  O   . HOH E 5 .   ? -2.571  -14.791 -8.836  1.00 83.31  ? 2076 HOH A O   1 
HETATM 1390 O  O   . HOH E 5 .   ? -12.115 7.134   2.552   1.00 62.68  ? 2077 HOH A O   1 
HETATM 1391 O  O   . HOH E 5 .   ? 2.360   -5.630  8.838   1.00 21.58  ? 2078 HOH A O   1 
HETATM 1392 O  O   . HOH E 5 .   ? -16.308 -1.846  -11.455 1.00 73.15  ? 2079 HOH A O   1 
HETATM 1393 O  O   . HOH E 5 .   ? -16.268 -5.975  -0.139  1.00 73.95  ? 2080 HOH A O   1 
HETATM 1394 O  O   . HOH E 5 .   ? -10.464 -8.688  -4.031  1.00 65.09  ? 2081 HOH A O   1 
HETATM 1395 O  O   . HOH E 5 .   ? -14.634 3.647   5.114   1.00 64.63  ? 2082 HOH A O   1 
HETATM 1396 O  O   . HOH E 5 .   ? -18.215 -1.784  1.443   1.00 67.91  ? 2083 HOH A O   1 
HETATM 1397 O  O   . HOH E 5 .   ? -2.982  -4.432  18.651  1.00 32.34  ? 2084 HOH A O   1 
HETATM 1398 O  O   . HOH E 5 .   ? -0.199  -6.640  19.568  1.00 44.54  ? 2085 HOH A O   1 
HETATM 1399 O  O   . HOH E 5 .   ? -20.897 -7.217  10.537  1.00 76.74  ? 2086 HOH A O   1 
HETATM 1400 O  O   . HOH E 5 .   ? -2.231  1.217   19.143  1.00 45.93  ? 2087 HOH A O   1 
HETATM 1401 O  O   . HOH E 5 .   ? 3.706   4.826   21.646  1.00 61.56  ? 2088 HOH A O   1 
HETATM 1402 O  O   . HOH E 5 .   ? 1.246   7.542   13.805  1.00 49.33  ? 2089 HOH A O   1 
HETATM 1403 O  O   . HOH E 5 .   ? 6.228   5.009   17.959  1.00 74.75  ? 2090 HOH A O   1 
HETATM 1404 O  O   . HOH E 5 .   ? 3.500   9.524   10.777  1.00 59.50  ? 2091 HOH A O   1 
HETATM 1405 O  O   . HOH E 5 .   ? 8.354   6.237   14.669  1.00 65.28  ? 2092 HOH A O   1 
HETATM 1406 O  O   . HOH E 5 .   ? 8.489   9.528   8.160   1.00 54.54  ? 2093 HOH A O   1 
HETATM 1407 O  O   . HOH E 5 .   ? 4.924   9.055   8.095   1.00 49.84  ? 2094 HOH A O   1 
HETATM 1408 O  O   . HOH E 5 .   ? 9.367   8.646   2.111   1.00 31.92  ? 2095 HOH A O   1 
HETATM 1409 O  O   . HOH E 5 .   ? 16.901  5.282   -2.204  1.00 44.09  ? 2096 HOH A O   1 
HETATM 1410 O  O   . HOH E 5 .   ? 13.454  -1.126  2.750   1.00 23.36  ? 2097 HOH A O   1 
HETATM 1411 O  O   . HOH E 5 .   ? 16.386  3.106   -10.484 1.00 40.31  ? 2098 HOH A O   1 
HETATM 1412 O  O   . HOH E 5 .   ? 15.019  5.588   -5.821  1.00 40.00  ? 2099 HOH A O   1 
HETATM 1413 O  O   . HOH E 5 .   ? 15.281  5.875   -8.890  1.00 57.38  ? 2100 HOH A O   1 
HETATM 1414 O  O   . HOH E 5 .   ? 10.925  10.937  -12.482 1.00 56.67  ? 2101 HOH A O   1 
HETATM 1415 O  O   . HOH E 5 .   ? 15.333  8.427   -5.646  1.00 43.74  ? 2102 HOH A O   1 
HETATM 1416 O  O   . HOH E 5 .   ? 13.275  11.465  -1.234  1.00 50.78  ? 2103 HOH A O   1 
HETATM 1417 O  O   . HOH E 5 .   ? 9.481   9.647   -0.133  1.00 46.05  ? 2104 HOH A O   1 
HETATM 1418 O  O   . HOH E 5 .   ? 16.290  8.535   -1.798  1.00 49.66  ? 2105 HOH A O   1 
HETATM 1419 O  O   . HOH E 5 .   ? 14.295  14.692  -4.321  1.00 107.43 ? 2106 HOH A O   1 
HETATM 1420 O  O   . HOH E 5 .   ? 6.755   14.318  -1.647  1.00 77.01  ? 2107 HOH A O   1 
HETATM 1421 O  O   . HOH E 5 .   ? 8.360   16.028  -4.205  1.00 69.06  ? 2108 HOH A O   1 
HETATM 1422 O  O   . HOH E 5 .   ? 14.301  12.238  -7.845  1.00 51.74  ? 2109 HOH A O   1 
HETATM 1423 O  O   . HOH E 5 .   ? 12.224  14.657  -11.628 1.00 55.12  ? 2110 HOH A O   1 
HETATM 1424 O  O   . HOH E 5 .   ? 5.672   11.231  2.998   1.00 45.33  ? 2111 HOH A O   1 
HETATM 1425 O  O   . HOH E 5 .   ? 3.464   11.821  6.608   1.00 59.75  ? 2112 HOH A O   1 
HETATM 1426 O  O   . HOH E 5 .   ? 1.808   10.331  8.811   1.00 44.85  ? 2113 HOH A O   1 
HETATM 1427 O  O   . HOH E 5 .   ? -7.830  13.852  7.275   1.00 80.18  ? 2114 HOH A O   1 
HETATM 1428 O  O   . HOH E 5 .   ? -1.301  14.963  5.707   1.00 83.46  ? 2115 HOH A O   1 
HETATM 1429 O  O   . HOH E 5 .   ? -5.289  10.442  12.162  1.00 54.22  ? 2116 HOH A O   1 
HETATM 1430 O  O   . HOH E 5 .   ? -3.663  9.925   13.455  1.00 56.23  ? 2117 HOH A O   1 
HETATM 1431 O  O   . HOH E 5 .   ? -15.360 6.566   10.981  1.00 77.67  ? 2118 HOH A O   1 
HETATM 1432 O  O   . HOH E 5 .   ? -13.957 9.607   15.571  1.00 73.12  ? 2119 HOH A O   1 
HETATM 1433 O  O   . HOH E 5 .   ? -12.539 11.167  9.574   1.00 82.90  ? 2120 HOH A O   1 
HETATM 1434 O  O   . HOH E 5 .   ? -15.702 3.633   17.677  1.00 62.96  ? 2121 HOH A O   1 
HETATM 1435 O  O   . HOH E 5 .   ? -15.839 6.725   15.908  1.00 90.05  ? 2122 HOH A O   1 
HETATM 1436 O  O   . HOH E 5 .   ? -13.250 1.264   18.557  1.00 76.88  ? 2123 HOH A O   1 
HETATM 1437 O  O   . HOH E 5 .   ? -15.075 -1.726  16.829  1.00 50.99  ? 2124 HOH A O   1 
HETATM 1438 O  O   . HOH E 5 .   ? -11.648 -6.161  8.654   1.00 50.96  ? 2125 HOH A O   1 
HETATM 1439 O  O   . HOH E 5 .   ? -3.188  -2.008  18.451  1.00 29.48  ? 2126 HOH A O   1 
HETATM 1440 O  O   . HOH E 5 .   ? -2.981  3.910   15.853  1.00 57.80  ? 2127 HOH A O   1 
HETATM 1441 O  O   . HOH E 5 .   ? -7.108  9.178   4.208   1.00 42.47  ? 2128 HOH A O   1 
HETATM 1442 O  O   . HOH E 5 .   ? -7.248  10.308  1.033   1.00 47.71  ? 2129 HOH A O   1 
HETATM 1443 O  O   . HOH E 5 .   ? -2.974  10.663  1.006   1.00 41.39  ? 2130 HOH A O   1 
HETATM 1444 O  O   . HOH E 5 .   ? 0.009   13.059  -3.179  1.00 61.77  ? 2131 HOH A O   1 
HETATM 1445 O  O   . HOH E 5 .   ? -0.430  9.941   1.063   1.00 25.56  ? 2132 HOH A O   1 
HETATM 1446 O  O   . HOH E 5 .   ? -0.769  14.254  -6.393  1.00 46.08  ? 2133 HOH A O   1 
HETATM 1447 O  O   . HOH E 5 .   ? 2.382   12.739  -13.233 1.00 50.37  ? 2134 HOH A O   1 
HETATM 1448 O  O   . HOH E 5 .   ? 10.124  16.420  -11.565 1.00 66.96  ? 2135 HOH A O   1 
HETATM 1449 O  O   . HOH E 5 .   ? 7.672   15.892  -7.035  1.00 56.56  ? 2136 HOH A O   1 
HETATM 1450 O  O   . HOH E 5 .   ? 10.108  16.713  -8.442  1.00 74.48  ? 2137 HOH A O   1 
HETATM 1451 O  O   . HOH E 5 .   ? 7.861   19.029  -11.237 1.00 66.46  ? 2138 HOH A O   1 
HETATM 1452 O  O   . HOH E 5 .   ? 6.560   6.992   -13.920 1.00 43.26  ? 2139 HOH A O   1 
HETATM 1453 O  O   . HOH E 5 .   ? 5.299   8.745   -17.307 0.50 20.89  ? 2140 HOH A O   1 
HETATM 1454 O  O   . HOH E 5 .   ? 5.613   4.206   -17.076 1.00 59.65  ? 2141 HOH A O   1 
HETATM 1455 O  O   . HOH E 5 .   ? -0.471  12.543  -17.461 1.00 67.54  ? 2142 HOH A O   1 
HETATM 1456 O  O   . HOH E 5 .   ? 6.512   6.566   -17.479 1.00 60.71  ? 2143 HOH A O   1 
HETATM 1457 O  O   . HOH E 5 .   ? 3.565   -5.696  -17.708 1.00 64.89  ? 2144 HOH A O   1 
HETATM 1458 O  O   . HOH E 5 .   ? -2.117  -3.853  -22.290 1.00 45.57  ? 2145 HOH A O   1 
HETATM 1459 O  O   . HOH E 5 .   ? 6.044   2.201   -15.937 0.50 25.76  ? 2146 HOH A O   1 
HETATM 1460 O  O   . HOH E 5 .   ? 9.748   0.862   -13.277 1.00 19.46  ? 2147 HOH A O   1 
HETATM 1461 O  O   . HOH E 5 .   ? 9.621   1.610   -8.699  1.00 20.29  ? 2148 HOH A O   1 
HETATM 1462 O  O   . HOH E 5 .   ? 14.189  -3.454  -6.007  1.00 46.34  ? 2149 HOH A O   1 
HETATM 1463 O  O   . HOH E 5 .   ? 11.086  -2.540  2.936   1.00 22.43  ? 2150 HOH A O   1 
HETATM 1464 O  O   . HOH E 5 .   ? 14.845  0.458   10.059  1.00 47.57  ? 2151 HOH A O   1 
HETATM 1465 O  O   . HOH E 5 .   ? 12.697  4.699   10.671  1.00 64.23  ? 2152 HOH A O   1 
HETATM 1466 O  O   . HOH E 5 .   ? 4.247   -3.160  21.077  1.00 41.72  ? 2153 HOH A O   1 
HETATM 1467 O  O   . HOH E 5 .   ? 3.215   -5.915  20.229  1.00 66.57  ? 2154 HOH A O   1 
HETATM 1468 O  O   . HOH E 5 .   ? 11.788  -6.231  20.299  1.00 68.81  ? 2155 HOH A O   1 
HETATM 1469 O  O   . HOH E 5 .   ? 8.412   -2.954  22.574  1.00 52.80  ? 2156 HOH A O   1 
HETATM 1470 O  O   . HOH E 5 .   ? 3.224   -12.812 18.182  1.00 59.11  ? 2157 HOH A O   1 
HETATM 1471 O  O   . HOH E 5 .   ? 5.498   -11.541 15.891  1.00 62.75  ? 2158 HOH A O   1 
HETATM 1472 O  O   . HOH E 5 .   ? 6.053   -7.140  6.731   1.00 20.25  ? 2159 HOH A O   1 
HETATM 1473 O  O   . HOH E 5 .   ? 5.458   -9.894  13.798  1.00 41.48  ? 2160 HOH A O   1 
HETATM 1474 O  O   . HOH E 5 .   ? -1.426  -13.104 9.312   1.00 50.99  ? 2161 HOH A O   1 
HETATM 1475 O  O   . HOH E 5 .   ? -2.871  -10.939 9.660   1.00 40.73  ? 2162 HOH A O   1 
HETATM 1476 O  O   . HOH E 5 .   ? -0.773  -12.487 17.235  1.00 50.93  ? 2163 HOH A O   1 
HETATM 1477 O  O   . HOH E 5 .   ? -1.106  -9.736  19.008  1.00 52.28  ? 2164 HOH A O   1 
HETATM 1478 O  O   . HOH E 5 .   ? -3.233  -5.570  18.831  1.00 75.77  ? 2165 HOH A O   1 
HETATM 1479 O  O   . HOH E 5 .   ? 1.918   -4.403  13.535  1.00 23.04  ? 2166 HOH A O   1 
HETATM 1480 O  O   . HOH E 5 .   ? -11.442 -8.879  4.078   1.00 56.23  ? 2167 HOH A O   1 
HETATM 1481 O  O   . HOH E 5 .   ? -3.846  -10.682 5.167   1.00 45.11  ? 2168 HOH A O   1 
HETATM 1482 O  O   . HOH E 5 .   ? 7.131   -11.536 8.753   1.00 65.61  ? 2169 HOH A O   1 
HETATM 1483 O  O   . HOH E 5 .   ? -3.570  -11.670 1.819   1.00 47.23  ? 2170 HOH A O   1 
HETATM 1484 O  O   . HOH E 5 .   ? 0.400   -14.338 7.442   1.00 33.26  ? 2171 HOH A O   1 
HETATM 1485 O  O   . HOH E 5 .   ? 2.951   -18.127 6.110   1.00 43.89  ? 2172 HOH A O   1 
HETATM 1486 O  O   . HOH E 5 .   ? -0.913  -16.472 6.260   1.00 60.06  ? 2173 HOH A O   1 
HETATM 1487 O  O   . HOH E 5 .   ? 6.274   -16.679 -1.397  1.00 51.15  ? 2174 HOH A O   1 
HETATM 1488 O  O   . HOH E 5 .   ? -0.680  -17.106 -1.943  1.00 68.60  ? 2175 HOH A O   1 
HETATM 1489 O  O   . HOH E 5 .   ? 8.690   -12.653 -7.042  1.00 59.94  ? 2176 HOH A O   1 
HETATM 1490 O  O   . HOH E 5 .   ? 3.786   -15.099 -3.299  1.00 49.54  ? 2177 HOH A O   1 
HETATM 1491 O  O   . HOH E 5 .   ? 6.558   -12.992 -8.619  1.00 68.59  ? 2178 HOH A O   1 
HETATM 1492 O  O   . HOH E 5 .   ? 3.121   -15.657 -6.229  1.00 57.70  ? 2179 HOH A O   1 
HETATM 1493 O  O   . HOH E 5 .   ? 3.032   -11.505 -9.231  1.00 73.29  ? 2180 HOH A O   1 
HETATM 1494 O  O   . HOH E 5 .   ? 0.787   -10.991 -8.060  1.00 58.44  ? 2181 HOH A O   1 
HETATM 1495 O  O   . HOH E 5 .   ? -5.132  -12.381 -0.848  1.00 53.97  ? 2182 HOH A O   1 
HETATM 1496 O  O   . HOH E 5 .   ? -7.627  -11.771 -6.694  1.00 56.84  ? 2183 HOH A O   1 
HETATM 1497 O  O   . HOH E 5 .   ? -6.954  -9.718  -7.417  1.00 50.84  ? 2184 HOH A O   1 
HETATM 1498 O  O   . HOH E 5 .   ? -4.773  -15.006 -7.229  1.00 64.55  ? 2185 HOH A O   1 
HETATM 1499 O  O   . HOH E 5 .   ? -0.772  -14.685 -5.510  1.00 37.33  ? 2186 HOH A O   1 
HETATM 1500 O  O   . HOH E 5 .   ? -9.107  -10.683 0.792   1.00 60.35  ? 2187 HOH A O   1 
HETATM 1501 O  O   . HOH E 5 .   ? -7.736  -15.137 4.097   1.00 72.61  ? 2188 HOH A O   1 
HETATM 1502 O  O   . HOH E 5 .   ? -6.063  -12.812 1.704   1.00 63.67  ? 2189 HOH A O   1 
HETATM 1503 O  O   . HOH E 5 .   ? -12.042 6.310   -10.749 1.00 48.83  ? 2190 HOH A O   1 
HETATM 1504 O  O   . HOH E 5 .   ? -7.123  7.911   -5.392  1.00 30.49  ? 2191 HOH A O   1 
HETATM 1505 O  O   . HOH E 5 .   ? -8.049  7.319   -1.338  1.00 64.98  ? 2192 HOH A O   1 
HETATM 1506 O  O   . HOH E 5 .   ? -15.052 3.205   -3.770  1.00 50.21  ? 2193 HOH A O   1 
HETATM 1507 O  O   . HOH E 5 .   ? -13.478 -2.352  -6.919  1.00 59.28  ? 2194 HOH A O   1 
HETATM 1508 O  O   . HOH E 5 .   ? -9.298  -2.286  -11.243 1.00 38.53  ? 2195 HOH A O   1 
HETATM 1509 O  O   . HOH E 5 .   ? -14.313 0.206   -11.522 1.00 71.74  ? 2196 HOH A O   1 
HETATM 1510 O  O   . HOH E 5 .   ? -2.249  -7.956  -4.504  1.00 158.12 ? 2197 HOH A O   1 
HETATM 1511 O  O   . HOH E 5 .   ? -9.337  -6.996  -6.147  1.00 40.15  ? 2198 HOH A O   1 
HETATM 1512 O  O   . HOH E 5 .   ? -11.683 -4.188  -5.283  1.00 49.46  ? 2199 HOH A O   1 
HETATM 1513 O  O   . HOH E 5 .   ? -14.098 -4.755  -2.307  1.00 55.20  ? 2200 HOH A O   1 
HETATM 1514 O  O   . HOH E 5 .   ? -14.187 -3.399  0.052   1.00 37.67  ? 2201 HOH A O   1 
HETATM 1515 O  O   . HOH E 5 .   ? -13.503 3.591   -0.303  1.00 63.83  ? 2202 HOH A O   1 
HETATM 1516 O  O   . HOH E 5 .   ? -15.263 -0.881  0.581   1.00 54.93  ? 2203 HOH A O   1 
HETATM 1517 O  O   . HOH E 5 .   ? -15.112 -4.311  3.115   1.00 59.34  ? 2204 HOH A O   1 
HETATM 1518 O  O   . HOH E 5 .   ? -15.067 -6.620  4.487   1.00 70.03  ? 2205 HOH A O   1 
HETATM 1519 O  O   . HOH E 5 .   ? -15.018 3.300   1.767   1.00 70.48  ? 2206 HOH A O   1 
HETATM 1520 O  O   . HOH E 5 .   ? -13.239 0.393   5.726   1.00 55.76  ? 2207 HOH A O   1 
HETATM 1521 O  O   . HOH E 5 .   ? -20.039 -4.252  12.377  1.00 64.27  ? 2208 HOH A O   1 
HETATM 1522 O  O   . HOH E 5 .   ? 10.206  -6.044  12.364  1.00 37.20  ? 2209 HOH A O   1 
HETATM 1523 O  O   . HOH E 5 .   ? 14.580  -2.510  12.716  1.00 59.91  ? 2210 HOH A O   1 
# 
loop_
_pdbx_poly_seq_scheme.asym_id 
_pdbx_poly_seq_scheme.entity_id 
_pdbx_poly_seq_scheme.seq_id 
_pdbx_poly_seq_scheme.mon_id 
_pdbx_poly_seq_scheme.ndb_seq_num 
_pdbx_poly_seq_scheme.pdb_seq_num 
_pdbx_poly_seq_scheme.auth_seq_num 
_pdbx_poly_seq_scheme.pdb_mon_id 
_pdbx_poly_seq_scheme.auth_mon_id 
_pdbx_poly_seq_scheme.pdb_strand_id 
_pdbx_poly_seq_scheme.pdb_ins_code 
_pdbx_poly_seq_scheme.hetero 
A 1 1   MET 1   1   ?   ?   ?   A . n 
A 1 2   ASP 2   2   ?   ?   ?   A . n 
A 1 3   PRO 3   3   ?   ?   ?   A . n 
A 1 4   SER 4   4   4   SER SER A . n 
A 1 5   GLN 5   5   5   GLN GLN A . n 
A 1 6   THR 6   6   6   THR THR A . n 
A 1 7   PRO 7   7   7   PRO PRO A . n 
A 1 8   ASP 8   8   8   ASP ASP A . n 
A 1 9   ALA 9   9   9   ALA ALA A . n 
A 1 10  ASN 10  10  10  ASN ASN A . n 
A 1 11  ALA 11  11  11  ALA ALA A . n 
A 1 12  SER 12  12  12  SER SER A . n 
A 1 13  ILE 13  13  13  ILE ILE A . n 
A 1 14  SER 14  14  14  SER SER A . n 
A 1 15  VAL 15  15  15  VAL VAL A . n 
A 1 16  SER 16  16  16  SER SER A . n 
A 1 17  TYR 17  17  17  TYR TYR A . n 
A 1 18  LYS 18  18  18  LYS LYS A . n 
A 1 19  CYS 19  19  19  CYS CYS A . n 
A 1 20  GLY 20  20  20  GLY GLY A . n 
A 1 21  VAL 21  21  21  VAL VAL A . n 
A 1 22  LYS 22  22  22  LYS LYS A . n 
A 1 23  ASP 23  23  23  ASP ASP A . n 
A 1 24  GLY 24  24  24  GLY GLY A . n 
A 1 25  THR 25  25  25  THR THR A . n 
A 1 26  LYS 26  26  26  LYS LYS A . n 
A 1 27  ASN 27  27  27  ASN ASN A . n 
A 1 28  THR 28  28  28  THR THR A . n 
A 1 29  ILE 29  29  29  ILE ILE A . n 
A 1 30  ARG 30  30  30  ARG ARG A . n 
A 1 31  ALA 31  31  31  ALA ALA A . n 
A 1 32  THR 32  32  32  THR THR A . n 
A 1 33  ILE 33  33  33  ILE ILE A . n 
A 1 34  ASN 34  34  34  ASN ASN A . n 
A 1 35  ILE 35  35  35  ILE ILE A . n 
A 1 36  LYS 36  36  36  LYS LYS A . n 
A 1 37  ASN 37  37  37  ASN ASN A . n 
A 1 38  THR 38  38  38  THR THR A . n 
A 1 39  GLY 39  39  39  GLY GLY A . n 
A 1 40  THR 40  40  40  THR THR A . n 
A 1 41  THR 41  41  41  THR THR A . n 
A 1 42  PRO 42  42  42  PRO PRO A . n 
A 1 43  VAL 43  43  43  VAL VAL A . n 
A 1 44  ASN 44  44  44  ASN ASN A . n 
A 1 45  LEU 45  45  45  LEU LEU A . n 
A 1 46  SER 46  46  46  SER SER A . n 
A 1 47  ASP 47  47  47  ASP ASP A . n 
A 1 48  ILE 48  48  48  ILE ILE A . n 
A 1 49  LYS 49  49  49  LYS LYS A . n 
A 1 50  VAL 50  50  50  VAL VAL A . n 
A 1 51  ARG 51  51  51  ARG ARG A . n 
A 1 52  TYR 52  52  52  TYR TYR A . n 
A 1 53  TRP 53  53  53  TRP TRP A . n 
A 1 54  PHE 54  54  54  PHE PHE A . n 
A 1 55  THR 55  55  55  THR THR A . n 
A 1 56  SER 56  56  56  SER SER A . n 
A 1 57  ASP 57  57  57  ASP ASP A . n 
A 1 58  GLY 58  58  58  GLY GLY A . n 
A 1 59  ASN 59  59  59  ASN ASN A . n 
A 1 60  GLU 60  60  60  GLU GLU A . n 
A 1 61  GLN 61  61  61  GLN GLN A . n 
A 1 62  ASN 62  62  62  ASN ASN A . n 
A 1 63  ASN 63  63  63  ASN ASN A . n 
A 1 64  PHE 64  64  64  PHE PHE A . n 
A 1 65  VAL 65  65  65  VAL VAL A . n 
A 1 66  CYS 66  66  66  CYS CYS A . n 
A 1 67  ASP 67  67  67  ASP ASP A . n 
A 1 68  TYR 68  68  68  TYR TYR A . n 
A 1 69  ALA 69  69  69  ALA ALA A . n 
A 1 70  ALA 70  70  70  ALA ALA A . n 
A 1 71  PHE 71  71  71  PHE PHE A . n 
A 1 72  GLY 72  72  72  GLY GLY A . n 
A 1 73  THR 73  73  73  THR THR A . n 
A 1 74  ASP 74  74  74  ASP ASP A . n 
A 1 75  LYS 75  75  75  LYS LYS A . n 
A 1 76  VAL 76  76  76  VAL VAL A . n 
A 1 77  LYS 77  77  77  LYS LYS A . n 
A 1 78  GLY 78  78  78  GLY GLY A . n 
A 1 79  ILE 79  79  79  ILE ILE A . n 
A 1 80  VAL 80  80  80  VAL VAL A . n 
A 1 81  LYS 81  81  81  LYS LYS A . n 
A 1 82  LYS 82  82  82  LYS LYS A . n 
A 1 83  ILE 83  83  83  ILE ILE A . n 
A 1 84  GLU 84  84  84  GLU GLU A . n 
A 1 85  ASN 85  85  85  ASN ASN A . n 
A 1 86  SER 86  86  86  SER SER A . n 
A 1 87  VAL 87  87  87  VAL VAL A . n 
A 1 88  PRO 88  88  88  PRO PRO A . n 
A 1 89  GLY 89  89  89  GLY GLY A . n 
A 1 90  ALA 90  90  90  ALA ALA A . n 
A 1 91  ASP 91  91  91  ASP ASP A . n 
A 1 92  THR 92  92  92  THR THR A . n 
A 1 93  TYR 93  93  93  TYR TYR A . n 
A 1 94  CYS 94  94  94  CYS CYS A . n 
A 1 95  GLU 95  95  95  GLU GLU A . n 
A 1 96  ILE 96  96  96  ILE ILE A . n 
A 1 97  SER 97  97  97  SER SER A . n 
A 1 98  PHE 98  98  98  PHE PHE A . n 
A 1 99  THR 99  99  99  THR THR A . n 
A 1 100 GLU 100 100 100 GLU GLU A . n 
A 1 101 ASP 101 101 101 ASP ASP A . n 
A 1 102 ALA 102 102 102 ALA ALA A . n 
A 1 103 GLY 103 103 103 GLY GLY A . n 
A 1 104 ARG 104 104 104 ARG ARG A . n 
A 1 105 LEU 105 105 105 LEU LEU A . n 
A 1 106 ALA 106 106 106 ALA ALA A . n 
A 1 107 PRO 107 107 107 PRO PRO A . n 
A 1 108 GLY 108 108 108 GLY GLY A . n 
A 1 109 GLY 109 109 109 GLY GLY A . n 
A 1 110 SER 110 110 110 SER SER A . n 
A 1 111 THR 111 111 111 THR THR A . n 
A 1 112 GLY 112 112 112 GLY GLY A . n 
A 1 113 THR 113 113 113 THR THR A . n 
A 1 114 ILE 114 114 114 ILE ILE A . n 
A 1 115 PRO 115 115 115 PRO PRO A . n 
A 1 116 PHE 116 116 116 PHE PHE A . n 
A 1 117 ARG 117 117 117 ARG ARG A . n 
A 1 118 ILE 118 118 118 ILE ILE A . n 
A 1 119 GLU 119 119 119 GLU GLU A . n 
A 1 120 GLY 120 120 120 GLY GLY A . n 
A 1 121 ALA 121 121 121 ALA ALA A . n 
A 1 122 ALA 122 122 122 ALA ALA A . n 
A 1 123 GLU 123 123 123 GLU GLU A . n 
A 1 124 TYR 124 124 124 TYR TYR A . n 
A 1 125 ASP 125 125 125 ASP ASP A . n 
A 1 126 GLN 126 126 126 GLN GLN A . n 
A 1 127 THR 127 127 127 THR THR A . n 
A 1 128 ASP 128 128 128 ASP ASP A . n 
A 1 129 ASP 129 129 129 ASP ASP A . n 
A 1 130 TYR 130 130 130 TYR TYR A . n 
A 1 131 SER 131 131 131 SER SER A . n 
A 1 132 TYR 132 132 132 TYR TYR A . n 
A 1 133 ASN 133 133 133 ASN ASN A . n 
A 1 134 SER 134 134 134 SER SER A . n 
A 1 135 GLU 135 135 135 GLU GLU A . n 
A 1 136 MET 136 136 136 MET MET A . n 
A 1 137 SER 137 137 137 SER SER A . n 
A 1 138 ASP 138 138 138 ASP ASP A . n 
A 1 139 ASP 139 139 139 ASP ASP A . n 
A 1 140 PHE 140 140 140 PHE PHE A . n 
A 1 141 GLY 141 141 141 GLY GLY A . n 
A 1 142 ASP 142 142 142 ASP ASP A . n 
A 1 143 ASN 143 143 143 ASN ASN A . n 
A 1 144 THR 144 144 144 THR THR A . n 
A 1 145 LYS 145 145 145 LYS LYS A . n 
A 1 146 ILE 146 146 146 ILE ILE A . n 
A 1 147 THR 147 147 147 THR THR A . n 
A 1 148 ALA 148 148 148 ALA ALA A . n 
A 1 149 TYR 149 149 149 TYR TYR A . n 
A 1 150 ILE 150 150 150 ILE ILE A . n 
A 1 151 LYS 151 151 151 LYS LYS A . n 
A 1 152 ASP 152 152 152 ASP ASP A . n 
A 1 153 LYS 153 153 153 LYS LYS A . n 
A 1 154 LEU 154 154 154 LEU LEU A . n 
A 1 155 LYS 155 155 155 LYS LYS A . n 
A 1 156 TYR 156 156 156 TYR TYR A . n 
A 1 157 GLY 157 157 157 GLY GLY A . n 
A 1 158 VAL 158 158 158 VAL VAL A . n 
A 1 159 GLU 159 159 159 GLU GLU A . n 
A 1 160 ALA 160 160 160 ALA ALA A . n 
A 1 161 ALA 161 161 161 ALA ALA A . n 
A 1 162 ALA 162 162 162 ALA ALA A . n 
A 1 163 LEU 163 163 ?   ?   ?   A . n 
A 1 164 GLU 164 164 ?   ?   ?   A . n 
A 1 165 HIS 165 165 ?   ?   ?   A . n 
A 1 166 HIS 166 166 ?   ?   ?   A . n 
A 1 167 HIS 167 167 ?   ?   ?   A . n 
A 1 168 HIS 168 168 ?   ?   ?   A . n 
A 1 169 HIS 169 169 ?   ?   ?   A . n 
A 1 170 HIS 170 170 ?   ?   ?   A . n 
# 
loop_
_pdbx_nonpoly_scheme.asym_id 
_pdbx_nonpoly_scheme.entity_id 
_pdbx_nonpoly_scheme.mon_id 
_pdbx_nonpoly_scheme.ndb_seq_num 
_pdbx_nonpoly_scheme.pdb_seq_num 
_pdbx_nonpoly_scheme.auth_seq_num 
_pdbx_nonpoly_scheme.pdb_mon_id 
_pdbx_nonpoly_scheme.auth_mon_id 
_pdbx_nonpoly_scheme.pdb_strand_id 
_pdbx_nonpoly_scheme.pdb_ins_code 
B 2 CA  1   1163 1163 CA  CA  A . 
C 3 SO4 1   1164 1164 SO4 SO4 A . 
D 4 CL  1   1165 1165 CL  CL  A . 
E 5 HOH 1   2001 2001 HOH HOH A . 
E 5 HOH 2   2002 2002 HOH HOH A . 
E 5 HOH 3   2003 2003 HOH HOH A . 
E 5 HOH 4   2004 2004 HOH HOH A . 
E 5 HOH 5   2005 2005 HOH HOH A . 
E 5 HOH 6   2006 2006 HOH HOH A . 
E 5 HOH 7   2007 2007 HOH HOH A . 
E 5 HOH 8   2008 2008 HOH HOH A . 
E 5 HOH 9   2009 2009 HOH HOH A . 
E 5 HOH 10  2010 2010 HOH HOH A . 
E 5 HOH 11  2011 2011 HOH HOH A . 
E 5 HOH 12  2012 2012 HOH HOH A . 
E 5 HOH 13  2013 2013 HOH HOH A . 
E 5 HOH 14  2014 2014 HOH HOH A . 
E 5 HOH 15  2015 2015 HOH HOH A . 
E 5 HOH 16  2016 2016 HOH HOH A . 
E 5 HOH 17  2017 2017 HOH HOH A . 
E 5 HOH 18  2018 2018 HOH HOH A . 
E 5 HOH 19  2019 2019 HOH HOH A . 
E 5 HOH 20  2020 2020 HOH HOH A . 
E 5 HOH 21  2021 2021 HOH HOH A . 
E 5 HOH 22  2022 2022 HOH HOH A . 
E 5 HOH 23  2023 2023 HOH HOH A . 
E 5 HOH 24  2024 2024 HOH HOH A . 
E 5 HOH 25  2025 2025 HOH HOH A . 
E 5 HOH 26  2026 2026 HOH HOH A . 
E 5 HOH 27  2027 2027 HOH HOH A . 
E 5 HOH 28  2028 2028 HOH HOH A . 
E 5 HOH 29  2029 2029 HOH HOH A . 
E 5 HOH 30  2030 2030 HOH HOH A . 
E 5 HOH 31  2031 2031 HOH HOH A . 
E 5 HOH 32  2032 2032 HOH HOH A . 
E 5 HOH 33  2033 2033 HOH HOH A . 
E 5 HOH 34  2034 2034 HOH HOH A . 
E 5 HOH 35  2035 2035 HOH HOH A . 
E 5 HOH 36  2036 2036 HOH HOH A . 
E 5 HOH 37  2037 2037 HOH HOH A . 
E 5 HOH 38  2038 2038 HOH HOH A . 
E 5 HOH 39  2039 2039 HOH HOH A . 
E 5 HOH 40  2040 2040 HOH HOH A . 
E 5 HOH 41  2041 2041 HOH HOH A . 
E 5 HOH 42  2042 2042 HOH HOH A . 
E 5 HOH 43  2043 2043 HOH HOH A . 
E 5 HOH 44  2044 2044 HOH HOH A . 
E 5 HOH 45  2045 2045 HOH HOH A . 
E 5 HOH 46  2046 2046 HOH HOH A . 
E 5 HOH 47  2047 2047 HOH HOH A . 
E 5 HOH 48  2048 2048 HOH HOH A . 
E 5 HOH 49  2049 2049 HOH HOH A . 
E 5 HOH 50  2050 2050 HOH HOH A . 
E 5 HOH 51  2051 2051 HOH HOH A . 
E 5 HOH 52  2052 2052 HOH HOH A . 
E 5 HOH 53  2053 2053 HOH HOH A . 
E 5 HOH 54  2054 2054 HOH HOH A . 
E 5 HOH 55  2055 2055 HOH HOH A . 
E 5 HOH 56  2056 2056 HOH HOH A . 
E 5 HOH 57  2057 2057 HOH HOH A . 
E 5 HOH 58  2058 2058 HOH HOH A . 
E 5 HOH 59  2059 2059 HOH HOH A . 
E 5 HOH 60  2060 2060 HOH HOH A . 
E 5 HOH 61  2061 2061 HOH HOH A . 
E 5 HOH 62  2062 2062 HOH HOH A . 
E 5 HOH 63  2063 2063 HOH HOH A . 
E 5 HOH 64  2064 2064 HOH HOH A . 
E 5 HOH 65  2065 2065 HOH HOH A . 
E 5 HOH 66  2066 2066 HOH HOH A . 
E 5 HOH 67  2067 2067 HOH HOH A . 
E 5 HOH 68  2068 2068 HOH HOH A . 
E 5 HOH 69  2069 2069 HOH HOH A . 
E 5 HOH 70  2070 2070 HOH HOH A . 
E 5 HOH 71  2071 2071 HOH HOH A . 
E 5 HOH 72  2072 2072 HOH HOH A . 
E 5 HOH 73  2073 2073 HOH HOH A . 
E 5 HOH 74  2074 2074 HOH HOH A . 
E 5 HOH 75  2075 2075 HOH HOH A . 
E 5 HOH 76  2076 2076 HOH HOH A . 
E 5 HOH 77  2077 2077 HOH HOH A . 
E 5 HOH 78  2078 2078 HOH HOH A . 
E 5 HOH 79  2079 2079 HOH HOH A . 
E 5 HOH 80  2080 2080 HOH HOH A . 
E 5 HOH 81  2081 2081 HOH HOH A . 
E 5 HOH 82  2082 2082 HOH HOH A . 
E 5 HOH 83  2083 2083 HOH HOH A . 
E 5 HOH 84  2084 2084 HOH HOH A . 
E 5 HOH 85  2085 2085 HOH HOH A . 
E 5 HOH 86  2086 2086 HOH HOH A . 
E 5 HOH 87  2087 2087 HOH HOH A . 
E 5 HOH 88  2088 2088 HOH HOH A . 
E 5 HOH 89  2089 2089 HOH HOH A . 
E 5 HOH 90  2090 2090 HOH HOH A . 
E 5 HOH 91  2091 2091 HOH HOH A . 
E 5 HOH 92  2092 2092 HOH HOH A . 
E 5 HOH 93  2093 2093 HOH HOH A . 
E 5 HOH 94  2094 2094 HOH HOH A . 
E 5 HOH 95  2095 2095 HOH HOH A . 
E 5 HOH 96  2096 2096 HOH HOH A . 
E 5 HOH 97  2097 2097 HOH HOH A . 
E 5 HOH 98  2098 2098 HOH HOH A . 
E 5 HOH 99  2099 2099 HOH HOH A . 
E 5 HOH 100 2100 2100 HOH HOH A . 
E 5 HOH 101 2101 2101 HOH HOH A . 
E 5 HOH 102 2102 2102 HOH HOH A . 
E 5 HOH 103 2103 2103 HOH HOH A . 
E 5 HOH 104 2104 2104 HOH HOH A . 
E 5 HOH 105 2105 2105 HOH HOH A . 
E 5 HOH 106 2106 2106 HOH HOH A . 
E 5 HOH 107 2107 2107 HOH HOH A . 
E 5 HOH 108 2108 2108 HOH HOH A . 
E 5 HOH 109 2109 2109 HOH HOH A . 
E 5 HOH 110 2110 2110 HOH HOH A . 
E 5 HOH 111 2111 2111 HOH HOH A . 
E 5 HOH 112 2112 2112 HOH HOH A . 
E 5 HOH 113 2113 2113 HOH HOH A . 
E 5 HOH 114 2114 2114 HOH HOH A . 
E 5 HOH 115 2115 2115 HOH HOH A . 
E 5 HOH 116 2116 2116 HOH HOH A . 
E 5 HOH 117 2117 2117 HOH HOH A . 
E 5 HOH 118 2118 2118 HOH HOH A . 
E 5 HOH 119 2119 2119 HOH HOH A . 
E 5 HOH 120 2120 2120 HOH HOH A . 
E 5 HOH 121 2121 2121 HOH HOH A . 
E 5 HOH 122 2122 2122 HOH HOH A . 
E 5 HOH 123 2123 2123 HOH HOH A . 
E 5 HOH 124 2124 2124 HOH HOH A . 
E 5 HOH 125 2125 2125 HOH HOH A . 
E 5 HOH 126 2126 2126 HOH HOH A . 
E 5 HOH 127 2127 2127 HOH HOH A . 
E 5 HOH 128 2128 2128 HOH HOH A . 
E 5 HOH 129 2129 2129 HOH HOH A . 
E 5 HOH 130 2130 2130 HOH HOH A . 
E 5 HOH 131 2131 2131 HOH HOH A . 
E 5 HOH 132 2132 2132 HOH HOH A . 
E 5 HOH 133 2133 2133 HOH HOH A . 
E 5 HOH 134 2134 2134 HOH HOH A . 
E 5 HOH 135 2135 2135 HOH HOH A . 
E 5 HOH 136 2136 2136 HOH HOH A . 
E 5 HOH 137 2137 2137 HOH HOH A . 
E 5 HOH 138 2138 2138 HOH HOH A . 
E 5 HOH 139 2139 2139 HOH HOH A . 
E 5 HOH 140 2140 2140 HOH HOH A . 
E 5 HOH 141 2141 2141 HOH HOH A . 
E 5 HOH 142 2142 2142 HOH HOH A . 
E 5 HOH 143 2143 2143 HOH HOH A . 
E 5 HOH 144 2144 2144 HOH HOH A . 
E 5 HOH 145 2145 2145 HOH HOH A . 
E 5 HOH 146 2146 2146 HOH HOH A . 
E 5 HOH 147 2147 2147 HOH HOH A . 
E 5 HOH 148 2148 2148 HOH HOH A . 
E 5 HOH 149 2149 2149 HOH HOH A . 
E 5 HOH 150 2150 2150 HOH HOH A . 
E 5 HOH 151 2151 2151 HOH HOH A . 
E 5 HOH 152 2152 2152 HOH HOH A . 
E 5 HOH 153 2153 2153 HOH HOH A . 
E 5 HOH 154 2154 2154 HOH HOH A . 
E 5 HOH 155 2155 2155 HOH HOH A . 
E 5 HOH 156 2156 2156 HOH HOH A . 
E 5 HOH 157 2157 2157 HOH HOH A . 
E 5 HOH 158 2158 2158 HOH HOH A . 
E 5 HOH 159 2159 2159 HOH HOH A . 
E 5 HOH 160 2160 2160 HOH HOH A . 
E 5 HOH 161 2161 2161 HOH HOH A . 
E 5 HOH 162 2162 2162 HOH HOH A . 
E 5 HOH 163 2163 2163 HOH HOH A . 
E 5 HOH 164 2164 2164 HOH HOH A . 
E 5 HOH 165 2165 2165 HOH HOH A . 
E 5 HOH 166 2166 2166 HOH HOH A . 
E 5 HOH 167 2167 2167 HOH HOH A . 
E 5 HOH 168 2168 2168 HOH HOH A . 
E 5 HOH 169 2169 2169 HOH HOH A . 
E 5 HOH 170 2170 2170 HOH HOH A . 
E 5 HOH 171 2171 2171 HOH HOH A . 
E 5 HOH 172 2172 2172 HOH HOH A . 
E 5 HOH 173 2173 2173 HOH HOH A . 
E 5 HOH 174 2174 2174 HOH HOH A . 
E 5 HOH 175 2175 2175 HOH HOH A . 
E 5 HOH 176 2176 2176 HOH HOH A . 
E 5 HOH 177 2177 2177 HOH HOH A . 
E 5 HOH 178 2178 2178 HOH HOH A . 
E 5 HOH 179 2179 2179 HOH HOH A . 
E 5 HOH 180 2180 2180 HOH HOH A . 
E 5 HOH 181 2181 2181 HOH HOH A . 
E 5 HOH 182 2182 2182 HOH HOH A . 
E 5 HOH 183 2183 2183 HOH HOH A . 
E 5 HOH 184 2184 2184 HOH HOH A . 
E 5 HOH 185 2185 2185 HOH HOH A . 
E 5 HOH 186 2186 2186 HOH HOH A . 
E 5 HOH 187 2187 2187 HOH HOH A . 
E 5 HOH 188 2188 2188 HOH HOH A . 
E 5 HOH 189 2189 2189 HOH HOH A . 
E 5 HOH 190 2190 2190 HOH HOH A . 
E 5 HOH 191 2191 2191 HOH HOH A . 
E 5 HOH 192 2192 2192 HOH HOH A . 
E 5 HOH 193 2193 2193 HOH HOH A . 
E 5 HOH 194 2194 2194 HOH HOH A . 
E 5 HOH 195 2195 2195 HOH HOH A . 
E 5 HOH 196 2196 2196 HOH HOH A . 
E 5 HOH 197 2197 2197 HOH HOH A . 
E 5 HOH 198 2198 2198 HOH HOH A . 
E 5 HOH 199 2199 2199 HOH HOH A . 
E 5 HOH 200 2200 2200 HOH HOH A . 
E 5 HOH 201 2201 2201 HOH HOH A . 
E 5 HOH 202 2202 2202 HOH HOH A . 
E 5 HOH 203 2203 2203 HOH HOH A . 
E 5 HOH 204 2204 2204 HOH HOH A . 
E 5 HOH 205 2205 2205 HOH HOH A . 
E 5 HOH 206 2206 2206 HOH HOH A . 
E 5 HOH 207 2207 2207 HOH HOH A . 
E 5 HOH 208 2208 2208 HOH HOH A . 
E 5 HOH 209 2209 2209 HOH HOH A . 
E 5 HOH 210 2210 2210 HOH HOH A . 
# 
_pdbx_struct_assembly.id                   1 
_pdbx_struct_assembly.details              author_and_software_defined_assembly 
_pdbx_struct_assembly.method_details       PISA 
_pdbx_struct_assembly.oligomeric_details   monomeric 
_pdbx_struct_assembly.oligomeric_count     1 
# 
_pdbx_struct_assembly_gen.assembly_id       1 
_pdbx_struct_assembly_gen.oper_expression   1 
_pdbx_struct_assembly_gen.asym_id_list      A,B,C,D,E 
# 
_pdbx_struct_oper_list.id                   1 
_pdbx_struct_oper_list.type                 'identity operation' 
_pdbx_struct_oper_list.name                 1_555 
_pdbx_struct_oper_list.symmetry_operation   x,y,z 
_pdbx_struct_oper_list.matrix[1][1]         1.0000000000 
_pdbx_struct_oper_list.matrix[1][2]         0.0000000000 
_pdbx_struct_oper_list.matrix[1][3]         0.0000000000 
_pdbx_struct_oper_list.vector[1]            0.0000000000 
_pdbx_struct_oper_list.matrix[2][1]         0.0000000000 
_pdbx_struct_oper_list.matrix[2][2]         1.0000000000 
_pdbx_struct_oper_list.matrix[2][3]         0.0000000000 
_pdbx_struct_oper_list.vector[2]            0.0000000000 
_pdbx_struct_oper_list.matrix[3][1]         0.0000000000 
_pdbx_struct_oper_list.matrix[3][2]         0.0000000000 
_pdbx_struct_oper_list.matrix[3][3]         1.0000000000 
_pdbx_struct_oper_list.vector[3]            0.0000000000 
# 
loop_
_pdbx_struct_conn_angle.id 
_pdbx_struct_conn_angle.ptnr1_label_atom_id 
_pdbx_struct_conn_angle.ptnr1_label_alt_id 
_pdbx_struct_conn_angle.ptnr1_label_asym_id 
_pdbx_struct_conn_angle.ptnr1_label_comp_id 
_pdbx_struct_conn_angle.ptnr1_label_seq_id 
_pdbx_struct_conn_angle.ptnr1_auth_atom_id 
_pdbx_struct_conn_angle.ptnr1_auth_asym_id 
_pdbx_struct_conn_angle.ptnr1_auth_comp_id 
_pdbx_struct_conn_angle.ptnr1_auth_seq_id 
_pdbx_struct_conn_angle.ptnr1_PDB_ins_code 
_pdbx_struct_conn_angle.ptnr1_symmetry 
_pdbx_struct_conn_angle.ptnr2_label_atom_id 
_pdbx_struct_conn_angle.ptnr2_label_alt_id 
_pdbx_struct_conn_angle.ptnr2_label_asym_id 
_pdbx_struct_conn_angle.ptnr2_label_comp_id 
_pdbx_struct_conn_angle.ptnr2_label_seq_id 
_pdbx_struct_conn_angle.ptnr2_auth_atom_id 
_pdbx_struct_conn_angle.ptnr2_auth_asym_id 
_pdbx_struct_conn_angle.ptnr2_auth_comp_id 
_pdbx_struct_conn_angle.ptnr2_auth_seq_id 
_pdbx_struct_conn_angle.ptnr2_PDB_ins_code 
_pdbx_struct_conn_angle.ptnr2_symmetry 
_pdbx_struct_conn_angle.ptnr3_label_atom_id 
_pdbx_struct_conn_angle.ptnr3_label_alt_id 
_pdbx_struct_conn_angle.ptnr3_label_asym_id 
_pdbx_struct_conn_angle.ptnr3_label_comp_id 
_pdbx_struct_conn_angle.ptnr3_label_seq_id 
_pdbx_struct_conn_angle.ptnr3_auth_atom_id 
_pdbx_struct_conn_angle.ptnr3_auth_asym_id 
_pdbx_struct_conn_angle.ptnr3_auth_comp_id 
_pdbx_struct_conn_angle.ptnr3_auth_seq_id 
_pdbx_struct_conn_angle.ptnr3_PDB_ins_code 
_pdbx_struct_conn_angle.ptnr3_symmetry 
_pdbx_struct_conn_angle.value 
_pdbx_struct_conn_angle.value_esd 
1  O   ? A THR 55  ? A THR 55  ? 1_555 CA ? B CA . ? A CA 1163 ? 1_555 OG1 ? A THR 55  ? A THR 55   ? 1_555 75.8  ? 
2  O   ? A THR 55  ? A THR 55  ? 1_555 CA ? B CA . ? A CA 1163 ? 1_555 OD2 ? A ASP 57  ? A ASP 57   ? 1_555 83.0  ? 
3  OG1 ? A THR 55  ? A THR 55  ? 1_555 CA ? B CA . ? A CA 1163 ? 1_555 OD2 ? A ASP 57  ? A ASP 57   ? 1_555 130.0 ? 
4  O   ? A THR 55  ? A THR 55  ? 1_555 CA ? B CA . ? A CA 1163 ? 1_555 OD1 ? A ASP 57  ? A ASP 57   ? 1_555 77.7  ? 
5  OG1 ? A THR 55  ? A THR 55  ? 1_555 CA ? B CA . ? A CA 1163 ? 1_555 OD1 ? A ASP 57  ? A ASP 57   ? 1_555 80.4  ? 
6  OD2 ? A ASP 57  ? A ASP 57  ? 1_555 CA ? B CA . ? A CA 1163 ? 1_555 OD1 ? A ASP 57  ? A ASP 57   ? 1_555 50.7  ? 
7  O   ? A THR 55  ? A THR 55  ? 1_555 CA ? B CA . ? A CA 1163 ? 1_555 O   ? A ASP 125 ? A ASP 125  ? 1_555 147.3 ? 
8  OG1 ? A THR 55  ? A THR 55  ? 1_555 CA ? B CA . ? A CA 1163 ? 1_555 O   ? A ASP 125 ? A ASP 125  ? 1_555 135.3 ? 
9  OD2 ? A ASP 57  ? A ASP 57  ? 1_555 CA ? B CA . ? A CA 1163 ? 1_555 O   ? A ASP 125 ? A ASP 125  ? 1_555 81.0  ? 
10 OD1 ? A ASP 57  ? A ASP 57  ? 1_555 CA ? B CA . ? A CA 1163 ? 1_555 O   ? A ASP 125 ? A ASP 125  ? 1_555 112.3 ? 
11 O   ? A THR 55  ? A THR 55  ? 1_555 CA ? B CA . ? A CA 1163 ? 1_555 OD1 ? A ASP 128 ? A ASP 128  ? 1_555 145.0 ? 
12 OG1 ? A THR 55  ? A THR 55  ? 1_555 CA ? B CA . ? A CA 1163 ? 1_555 OD1 ? A ASP 128 ? A ASP 128  ? 1_555 69.6  ? 
13 OD2 ? A ASP 57  ? A ASP 57  ? 1_555 CA ? B CA . ? A CA 1163 ? 1_555 OD1 ? A ASP 128 ? A ASP 128  ? 1_555 115.8 ? 
14 OD1 ? A ASP 57  ? A ASP 57  ? 1_555 CA ? B CA . ? A CA 1163 ? 1_555 OD1 ? A ASP 128 ? A ASP 128  ? 1_555 91.7  ? 
15 O   ? A ASP 125 ? A ASP 125 ? 1_555 CA ? B CA . ? A CA 1163 ? 1_555 OD1 ? A ASP 128 ? A ASP 128  ? 1_555 67.5  ? 
16 O   ? A THR 55  ? A THR 55  ? 1_555 CA ? B CA . ? A CA 1163 ? 1_555 OD1 ? A ASP 129 ? A ASP 129  ? 1_555 84.0  ? 
17 OG1 ? A THR 55  ? A THR 55  ? 1_555 CA ? B CA . ? A CA 1163 ? 1_555 OD1 ? A ASP 129 ? A ASP 129  ? 1_555 72.4  ? 
18 OD2 ? A ASP 57  ? A ASP 57  ? 1_555 CA ? B CA . ? A CA 1163 ? 1_555 OD1 ? A ASP 129 ? A ASP 129  ? 1_555 149.5 ? 
19 OD1 ? A ASP 57  ? A ASP 57  ? 1_555 CA ? B CA . ? A CA 1163 ? 1_555 OD1 ? A ASP 129 ? A ASP 129  ? 1_555 150.2 ? 
20 O   ? A ASP 125 ? A ASP 125 ? 1_555 CA ? B CA . ? A CA 1163 ? 1_555 OD1 ? A ASP 129 ? A ASP 129  ? 1_555 95.8  ? 
21 OD1 ? A ASP 128 ? A ASP 128 ? 1_555 CA ? B CA . ? A CA 1163 ? 1_555 OD1 ? A ASP 129 ? A ASP 129  ? 1_555 90.1  ? 
22 O   ? A THR 55  ? A THR 55  ? 1_555 CA ? B CA . ? A CA 1163 ? 1_555 O   ? E HOH .   ? A HOH 2166 ? 1_555 72.5  ? 
23 OG1 ? A THR 55  ? A THR 55  ? 1_555 CA ? B CA . ? A CA 1163 ? 1_555 O   ? E HOH .   ? A HOH 2166 ? 1_555 135.2 ? 
24 OD2 ? A ASP 57  ? A ASP 57  ? 1_555 CA ? B CA . ? A CA 1163 ? 1_555 O   ? E HOH .   ? A HOH 2166 ? 1_555 76.2  ? 
25 OD1 ? A ASP 57  ? A ASP 57  ? 1_555 CA ? B CA . ? A CA 1163 ? 1_555 O   ? E HOH .   ? A HOH 2166 ? 1_555 121.4 ? 
26 O   ? A ASP 125 ? A ASP 125 ? 1_555 CA ? B CA . ? A CA 1163 ? 1_555 O   ? E HOH .   ? A HOH 2166 ? 1_555 76.1  ? 
27 OD1 ? A ASP 128 ? A ASP 128 ? 1_555 CA ? B CA . ? A CA 1163 ? 1_555 O   ? E HOH .   ? A HOH 2166 ? 1_555 138.3 ? 
28 OD1 ? A ASP 129 ? A ASP 129 ? 1_555 CA ? B CA . ? A CA 1163 ? 1_555 O   ? E HOH .   ? A HOH 2166 ? 1_555 73.6  ? 
# 
loop_
_pdbx_audit_revision_history.ordinal 
_pdbx_audit_revision_history.data_content_type 
_pdbx_audit_revision_history.major_revision 
_pdbx_audit_revision_history.minor_revision 
_pdbx_audit_revision_history.revision_date 
1 'Structure model' 1 0 2009-12-29 
2 'Structure model' 1 1 2013-04-17 
3 'Structure model' 1 2 2023-12-20 
# 
_pdbx_audit_revision_details.ordinal             1 
_pdbx_audit_revision_details.revision_ordinal    1 
_pdbx_audit_revision_details.data_content_type   'Structure model' 
_pdbx_audit_revision_details.provider            repository 
_pdbx_audit_revision_details.type                'Initial release' 
_pdbx_audit_revision_details.description         ? 
_pdbx_audit_revision_details.details             ? 
# 
loop_
_pdbx_audit_revision_group.ordinal 
_pdbx_audit_revision_group.revision_ordinal 
_pdbx_audit_revision_group.data_content_type 
_pdbx_audit_revision_group.group 
1  2 'Structure model' 'Database references'       
2  2 'Structure model' 'Derived calculations'      
3  2 'Structure model' 'Non-polymer description'   
4  2 'Structure model' Other                       
5  2 'Structure model' 'Refinement description'    
6  2 'Structure model' 'Source and taxonomy'       
7  2 'Structure model' 'Version format compliance' 
8  3 'Structure model' 'Data collection'           
9  3 'Structure model' 'Database references'       
10 3 'Structure model' 'Derived calculations'      
11 3 'Structure model' Other                       
12 3 'Structure model' 'Refinement description'    
# 
loop_
_pdbx_audit_revision_category.ordinal 
_pdbx_audit_revision_category.revision_ordinal 
_pdbx_audit_revision_category.data_content_type 
_pdbx_audit_revision_category.category 
1 3 'Structure model' chem_comp_atom                
2 3 'Structure model' chem_comp_bond                
3 3 'Structure model' database_2                    
4 3 'Structure model' pdbx_database_status          
5 3 'Structure model' pdbx_initial_refinement_model 
6 3 'Structure model' pdbx_struct_conn_angle        
7 3 'Structure model' struct_conn                   
8 3 'Structure model' struct_site                   
# 
loop_
_pdbx_audit_revision_item.ordinal 
_pdbx_audit_revision_item.revision_ordinal 
_pdbx_audit_revision_item.data_content_type 
_pdbx_audit_revision_item.item 
1  3 'Structure model' '_database_2.pdbx_DOI'                        
2  3 'Structure model' '_database_2.pdbx_database_accession'         
3  3 'Structure model' '_pdbx_database_status.status_code_sf'        
4  3 'Structure model' '_pdbx_struct_conn_angle.ptnr1_auth_comp_id'  
5  3 'Structure model' '_pdbx_struct_conn_angle.ptnr1_auth_seq_id'   
6  3 'Structure model' '_pdbx_struct_conn_angle.ptnr1_label_asym_id' 
7  3 'Structure model' '_pdbx_struct_conn_angle.ptnr1_label_atom_id' 
8  3 'Structure model' '_pdbx_struct_conn_angle.ptnr1_label_comp_id' 
9  3 'Structure model' '_pdbx_struct_conn_angle.ptnr1_label_seq_id'  
10 3 'Structure model' '_pdbx_struct_conn_angle.ptnr3_auth_comp_id'  
11 3 'Structure model' '_pdbx_struct_conn_angle.ptnr3_auth_seq_id'   
12 3 'Structure model' '_pdbx_struct_conn_angle.ptnr3_label_asym_id' 
13 3 'Structure model' '_pdbx_struct_conn_angle.ptnr3_label_atom_id' 
14 3 'Structure model' '_pdbx_struct_conn_angle.ptnr3_label_comp_id' 
15 3 'Structure model' '_pdbx_struct_conn_angle.ptnr3_label_seq_id'  
16 3 'Structure model' '_pdbx_struct_conn_angle.value'               
17 3 'Structure model' '_struct_conn.pdbx_dist_value'                
18 3 'Structure model' '_struct_conn.ptnr1_auth_comp_id'             
19 3 'Structure model' '_struct_conn.ptnr1_auth_seq_id'              
20 3 'Structure model' '_struct_conn.ptnr1_label_asym_id'            
21 3 'Structure model' '_struct_conn.ptnr1_label_atom_id'            
22 3 'Structure model' '_struct_conn.ptnr1_label_comp_id'            
23 3 'Structure model' '_struct_conn.ptnr1_label_seq_id'             
24 3 'Structure model' '_struct_conn.ptnr2_auth_comp_id'             
25 3 'Structure model' '_struct_conn.ptnr2_auth_seq_id'              
26 3 'Structure model' '_struct_conn.ptnr2_label_asym_id'            
27 3 'Structure model' '_struct_conn.ptnr2_label_atom_id'            
28 3 'Structure model' '_struct_conn.ptnr2_label_comp_id'            
29 3 'Structure model' '_struct_conn.ptnr2_label_seq_id'             
30 3 'Structure model' '_struct_site.pdbx_auth_asym_id'              
31 3 'Structure model' '_struct_site.pdbx_auth_comp_id'              
32 3 'Structure model' '_struct_site.pdbx_auth_seq_id'               
# 
loop_
_software.name 
_software.classification 
_software.version 
_software.citation_id 
_software.pdbx_ordinal 
REFMAC    refinement       5.5.0102 ? 1 
DENZO     'data reduction' .        ? 2 
SCALEPACK 'data scaling'   .        ? 3 
MOLREP    phasing          .        ? 4 
# 
loop_
_pdbx_validate_close_contact.id 
_pdbx_validate_close_contact.PDB_model_num 
_pdbx_validate_close_contact.auth_atom_id_1 
_pdbx_validate_close_contact.auth_asym_id_1 
_pdbx_validate_close_contact.auth_comp_id_1 
_pdbx_validate_close_contact.auth_seq_id_1 
_pdbx_validate_close_contact.PDB_ins_code_1 
_pdbx_validate_close_contact.label_alt_id_1 
_pdbx_validate_close_contact.auth_atom_id_2 
_pdbx_validate_close_contact.auth_asym_id_2 
_pdbx_validate_close_contact.auth_comp_id_2 
_pdbx_validate_close_contact.auth_seq_id_2 
_pdbx_validate_close_contact.PDB_ins_code_2 
_pdbx_validate_close_contact.label_alt_id_2 
_pdbx_validate_close_contact.dist 
1  1 O   A HOH 2084 ? ? O A HOH 2165 ? ? 1.18 
2  1 O   A HOH 2020 ? ? O A HOH 2197 ? ? 1.74 
3  1 O   A HOH 2067 ? ? O A HOH 2134 ? ? 1.83 
4  1 OG  A SER 86   ? A O A HOH 2124 ? ? 1.84 
5  1 CB  A SER 86   ? A O A HOH 2124 ? ? 1.97 
6  1 OH  A TYR 156  ? ? O A HOH 2197 ? ? 1.98 
7  1 O   A HOH 2006 ? ? O A HOH 2052 ? ? 2.00 
8  1 OD1 A ASP 23   ? ? O A HOH 2035 ? ? 2.06 
9  1 O   A HOH 2116 ? ? O A HOH 2117 ? ? 2.14 
10 1 ND2 A ASN 44   ? B O A HOH 2067 ? ? 2.19 
# 
loop_
_pdbx_validate_symm_contact.id 
_pdbx_validate_symm_contact.PDB_model_num 
_pdbx_validate_symm_contact.auth_atom_id_1 
_pdbx_validate_symm_contact.auth_asym_id_1 
_pdbx_validate_symm_contact.auth_comp_id_1 
_pdbx_validate_symm_contact.auth_seq_id_1 
_pdbx_validate_symm_contact.PDB_ins_code_1 
_pdbx_validate_symm_contact.label_alt_id_1 
_pdbx_validate_symm_contact.site_symmetry_1 
_pdbx_validate_symm_contact.auth_atom_id_2 
_pdbx_validate_symm_contact.auth_asym_id_2 
_pdbx_validate_symm_contact.auth_comp_id_2 
_pdbx_validate_symm_contact.auth_seq_id_2 
_pdbx_validate_symm_contact.PDB_ins_code_2 
_pdbx_validate_symm_contact.label_alt_id_2 
_pdbx_validate_symm_contact.site_symmetry_2 
_pdbx_validate_symm_contact.dist 
1 1 O A HOH 2054 ? ? 1_555 O A HOH 2054 ? ? 7_555 1.85 
2 1 O A HOH 2097 ? ? 1_555 O A HOH 2165 ? ? 4_454 1.97 
# 
loop_
_pdbx_validate_rmsd_angle.id 
_pdbx_validate_rmsd_angle.PDB_model_num 
_pdbx_validate_rmsd_angle.auth_atom_id_1 
_pdbx_validate_rmsd_angle.auth_asym_id_1 
_pdbx_validate_rmsd_angle.auth_comp_id_1 
_pdbx_validate_rmsd_angle.auth_seq_id_1 
_pdbx_validate_rmsd_angle.PDB_ins_code_1 
_pdbx_validate_rmsd_angle.label_alt_id_1 
_pdbx_validate_rmsd_angle.auth_atom_id_2 
_pdbx_validate_rmsd_angle.auth_asym_id_2 
_pdbx_validate_rmsd_angle.auth_comp_id_2 
_pdbx_validate_rmsd_angle.auth_seq_id_2 
_pdbx_validate_rmsd_angle.PDB_ins_code_2 
_pdbx_validate_rmsd_angle.label_alt_id_2 
_pdbx_validate_rmsd_angle.auth_atom_id_3 
_pdbx_validate_rmsd_angle.auth_asym_id_3 
_pdbx_validate_rmsd_angle.auth_comp_id_3 
_pdbx_validate_rmsd_angle.auth_seq_id_3 
_pdbx_validate_rmsd_angle.PDB_ins_code_3 
_pdbx_validate_rmsd_angle.label_alt_id_3 
_pdbx_validate_rmsd_angle.angle_value 
_pdbx_validate_rmsd_angle.angle_target_value 
_pdbx_validate_rmsd_angle.angle_deviation 
_pdbx_validate_rmsd_angle.angle_standard_deviation 
_pdbx_validate_rmsd_angle.linker_flag 
1 1 CB A ASP 125 ? ? CG A ASP 125 ? ? OD1 A ASP 125 ? ? 125.62 118.30 7.32 0.90 N 
2 1 CB A ASP 128 ? ? CG A ASP 128 ? ? OD1 A ASP 128 ? ? 123.79 118.30 5.49 0.90 N 
3 1 CB A ASP 129 ? ? CG A ASP 129 ? ? OD1 A ASP 129 ? ? 124.24 118.30 5.94 0.90 N 
# 
loop_
_pdbx_validate_torsion.id 
_pdbx_validate_torsion.PDB_model_num 
_pdbx_validate_torsion.auth_comp_id 
_pdbx_validate_torsion.auth_asym_id 
_pdbx_validate_torsion.auth_seq_id 
_pdbx_validate_torsion.PDB_ins_code 
_pdbx_validate_torsion.label_alt_id 
_pdbx_validate_torsion.phi 
_pdbx_validate_torsion.psi 
1 1 GLN A 5   ? ? 38.13   -42.57  
2 1 THR A 6   ? ? 82.75   152.28  
3 1 ASP A 23  ? ? -109.30 -141.69 
4 1 MET A 136 ? ? -112.00 52.54   
# 
_pdbx_validate_peptide_omega.id               1 
_pdbx_validate_peptide_omega.PDB_model_num    1 
_pdbx_validate_peptide_omega.auth_comp_id_1   SER 
_pdbx_validate_peptide_omega.auth_asym_id_1   A 
_pdbx_validate_peptide_omega.auth_seq_id_1    86 
_pdbx_validate_peptide_omega.PDB_ins_code_1   ? 
_pdbx_validate_peptide_omega.label_alt_id_1   B 
_pdbx_validate_peptide_omega.auth_comp_id_2   VAL 
_pdbx_validate_peptide_omega.auth_asym_id_2   A 
_pdbx_validate_peptide_omega.auth_seq_id_2    87 
_pdbx_validate_peptide_omega.PDB_ins_code_2   ? 
_pdbx_validate_peptide_omega.label_alt_id_2   ? 
_pdbx_validate_peptide_omega.omega            -145.81 
# 
loop_
_pdbx_distant_solvent_atoms.id 
_pdbx_distant_solvent_atoms.PDB_model_num 
_pdbx_distant_solvent_atoms.auth_atom_id 
_pdbx_distant_solvent_atoms.label_alt_id 
_pdbx_distant_solvent_atoms.auth_asym_id 
_pdbx_distant_solvent_atoms.auth_comp_id 
_pdbx_distant_solvent_atoms.auth_seq_id 
_pdbx_distant_solvent_atoms.PDB_ins_code 
_pdbx_distant_solvent_atoms.neighbor_macromolecule_distance 
_pdbx_distant_solvent_atoms.neighbor_ligand_distance 
1 1 O ? A HOH 2008 ? 8.45 . 
2 1 O ? A HOH 2011 ? 6.16 . 
3 1 O ? A HOH 2012 ? 6.34 . 
4 1 O ? A HOH 2018 ? 6.15 . 
5 1 O ? A HOH 2019 ? 5.89 . 
6 1 O ? A HOH 2043 ? 6.79 . 
7 1 O ? A HOH 2044 ? 6.35 . 
8 1 O ? A HOH 2045 ? 6.61 . 
9 1 O ? A HOH 2061 ? 6.41 . 
# 
loop_
_pdbx_unobs_or_zero_occ_residues.id 
_pdbx_unobs_or_zero_occ_residues.PDB_model_num 
_pdbx_unobs_or_zero_occ_residues.polymer_flag 
_pdbx_unobs_or_zero_occ_residues.occupancy_flag 
_pdbx_unobs_or_zero_occ_residues.auth_asym_id 
_pdbx_unobs_or_zero_occ_residues.auth_comp_id 
_pdbx_unobs_or_zero_occ_residues.auth_seq_id 
_pdbx_unobs_or_zero_occ_residues.PDB_ins_code 
_pdbx_unobs_or_zero_occ_residues.label_asym_id 
_pdbx_unobs_or_zero_occ_residues.label_comp_id 
_pdbx_unobs_or_zero_occ_residues.label_seq_id 
1  1 Y 1 A MET 1   ? A MET 1   
2  1 Y 1 A ASP 2   ? A ASP 2   
3  1 Y 1 A PRO 3   ? A PRO 3   
4  1 Y 1 A LEU 163 ? A LEU 163 
5  1 Y 1 A GLU 164 ? A GLU 164 
6  1 Y 1 A HIS 165 ? A HIS 165 
7  1 Y 1 A HIS 166 ? A HIS 166 
8  1 Y 1 A HIS 167 ? A HIS 167 
9  1 Y 1 A HIS 168 ? A HIS 168 
10 1 Y 1 A HIS 169 ? A HIS 169 
11 1 Y 1 A HIS 170 ? A HIS 170 
# 
loop_
_chem_comp_atom.comp_id 
_chem_comp_atom.atom_id 
_chem_comp_atom.type_symbol 
_chem_comp_atom.pdbx_aromatic_flag 
_chem_comp_atom.pdbx_stereo_config 
_chem_comp_atom.pdbx_ordinal 
ALA N    N  N N 1   
ALA CA   C  N S 2   
ALA C    C  N N 3   
ALA O    O  N N 4   
ALA CB   C  N N 5   
ALA OXT  O  N N 6   
ALA H    H  N N 7   
ALA H2   H  N N 8   
ALA HA   H  N N 9   
ALA HB1  H  N N 10  
ALA HB2  H  N N 11  
ALA HB3  H  N N 12  
ALA HXT  H  N N 13  
ARG N    N  N N 14  
ARG CA   C  N S 15  
ARG C    C  N N 16  
ARG O    O  N N 17  
ARG CB   C  N N 18  
ARG CG   C  N N 19  
ARG CD   C  N N 20  
ARG NE   N  N N 21  
ARG CZ   C  N N 22  
ARG NH1  N  N N 23  
ARG NH2  N  N N 24  
ARG OXT  O  N N 25  
ARG H    H  N N 26  
ARG H2   H  N N 27  
ARG HA   H  N N 28  
ARG HB2  H  N N 29  
ARG HB3  H  N N 30  
ARG HG2  H  N N 31  
ARG HG3  H  N N 32  
ARG HD2  H  N N 33  
ARG HD3  H  N N 34  
ARG HE   H  N N 35  
ARG HH11 H  N N 36  
ARG HH12 H  N N 37  
ARG HH21 H  N N 38  
ARG HH22 H  N N 39  
ARG HXT  H  N N 40  
ASN N    N  N N 41  
ASN CA   C  N S 42  
ASN C    C  N N 43  
ASN O    O  N N 44  
ASN CB   C  N N 45  
ASN CG   C  N N 46  
ASN OD1  O  N N 47  
ASN ND2  N  N N 48  
ASN OXT  O  N N 49  
ASN H    H  N N 50  
ASN H2   H  N N 51  
ASN HA   H  N N 52  
ASN HB2  H  N N 53  
ASN HB3  H  N N 54  
ASN HD21 H  N N 55  
ASN HD22 H  N N 56  
ASN HXT  H  N N 57  
ASP N    N  N N 58  
ASP CA   C  N S 59  
ASP C    C  N N 60  
ASP O    O  N N 61  
ASP CB   C  N N 62  
ASP CG   C  N N 63  
ASP OD1  O  N N 64  
ASP OD2  O  N N 65  
ASP OXT  O  N N 66  
ASP H    H  N N 67  
ASP H2   H  N N 68  
ASP HA   H  N N 69  
ASP HB2  H  N N 70  
ASP HB3  H  N N 71  
ASP HD2  H  N N 72  
ASP HXT  H  N N 73  
CA  CA   CA N N 74  
CL  CL   CL N N 75  
CYS N    N  N N 76  
CYS CA   C  N R 77  
CYS C    C  N N 78  
CYS O    O  N N 79  
CYS CB   C  N N 80  
CYS SG   S  N N 81  
CYS OXT  O  N N 82  
CYS H    H  N N 83  
CYS H2   H  N N 84  
CYS HA   H  N N 85  
CYS HB2  H  N N 86  
CYS HB3  H  N N 87  
CYS HG   H  N N 88  
CYS HXT  H  N N 89  
GLN N    N  N N 90  
GLN CA   C  N S 91  
GLN C    C  N N 92  
GLN O    O  N N 93  
GLN CB   C  N N 94  
GLN CG   C  N N 95  
GLN CD   C  N N 96  
GLN OE1  O  N N 97  
GLN NE2  N  N N 98  
GLN OXT  O  N N 99  
GLN H    H  N N 100 
GLN H2   H  N N 101 
GLN HA   H  N N 102 
GLN HB2  H  N N 103 
GLN HB3  H  N N 104 
GLN HG2  H  N N 105 
GLN HG3  H  N N 106 
GLN HE21 H  N N 107 
GLN HE22 H  N N 108 
GLN HXT  H  N N 109 
GLU N    N  N N 110 
GLU CA   C  N S 111 
GLU C    C  N N 112 
GLU O    O  N N 113 
GLU CB   C  N N 114 
GLU CG   C  N N 115 
GLU CD   C  N N 116 
GLU OE1  O  N N 117 
GLU OE2  O  N N 118 
GLU OXT  O  N N 119 
GLU H    H  N N 120 
GLU H2   H  N N 121 
GLU HA   H  N N 122 
GLU HB2  H  N N 123 
GLU HB3  H  N N 124 
GLU HG2  H  N N 125 
GLU HG3  H  N N 126 
GLU HE2  H  N N 127 
GLU HXT  H  N N 128 
GLY N    N  N N 129 
GLY CA   C  N N 130 
GLY C    C  N N 131 
GLY O    O  N N 132 
GLY OXT  O  N N 133 
GLY H    H  N N 134 
GLY H2   H  N N 135 
GLY HA2  H  N N 136 
GLY HA3  H  N N 137 
GLY HXT  H  N N 138 
HIS N    N  N N 139 
HIS CA   C  N S 140 
HIS C    C  N N 141 
HIS O    O  N N 142 
HIS CB   C  N N 143 
HIS CG   C  Y N 144 
HIS ND1  N  Y N 145 
HIS CD2  C  Y N 146 
HIS CE1  C  Y N 147 
HIS NE2  N  Y N 148 
HIS OXT  O  N N 149 
HIS H    H  N N 150 
HIS H2   H  N N 151 
HIS HA   H  N N 152 
HIS HB2  H  N N 153 
HIS HB3  H  N N 154 
HIS HD1  H  N N 155 
HIS HD2  H  N N 156 
HIS HE1  H  N N 157 
HIS HE2  H  N N 158 
HIS HXT  H  N N 159 
HOH O    O  N N 160 
HOH H1   H  N N 161 
HOH H2   H  N N 162 
ILE N    N  N N 163 
ILE CA   C  N S 164 
ILE C    C  N N 165 
ILE O    O  N N 166 
ILE CB   C  N S 167 
ILE CG1  C  N N 168 
ILE CG2  C  N N 169 
ILE CD1  C  N N 170 
ILE OXT  O  N N 171 
ILE H    H  N N 172 
ILE H2   H  N N 173 
ILE HA   H  N N 174 
ILE HB   H  N N 175 
ILE HG12 H  N N 176 
ILE HG13 H  N N 177 
ILE HG21 H  N N 178 
ILE HG22 H  N N 179 
ILE HG23 H  N N 180 
ILE HD11 H  N N 181 
ILE HD12 H  N N 182 
ILE HD13 H  N N 183 
ILE HXT  H  N N 184 
LEU N    N  N N 185 
LEU CA   C  N S 186 
LEU C    C  N N 187 
LEU O    O  N N 188 
LEU CB   C  N N 189 
LEU CG   C  N N 190 
LEU CD1  C  N N 191 
LEU CD2  C  N N 192 
LEU OXT  O  N N 193 
LEU H    H  N N 194 
LEU H2   H  N N 195 
LEU HA   H  N N 196 
LEU HB2  H  N N 197 
LEU HB3  H  N N 198 
LEU HG   H  N N 199 
LEU HD11 H  N N 200 
LEU HD12 H  N N 201 
LEU HD13 H  N N 202 
LEU HD21 H  N N 203 
LEU HD22 H  N N 204 
LEU HD23 H  N N 205 
LEU HXT  H  N N 206 
LYS N    N  N N 207 
LYS CA   C  N S 208 
LYS C    C  N N 209 
LYS O    O  N N 210 
LYS CB   C  N N 211 
LYS CG   C  N N 212 
LYS CD   C  N N 213 
LYS CE   C  N N 214 
LYS NZ   N  N N 215 
LYS OXT  O  N N 216 
LYS H    H  N N 217 
LYS H2   H  N N 218 
LYS HA   H  N N 219 
LYS HB2  H  N N 220 
LYS HB3  H  N N 221 
LYS HG2  H  N N 222 
LYS HG3  H  N N 223 
LYS HD2  H  N N 224 
LYS HD3  H  N N 225 
LYS HE2  H  N N 226 
LYS HE3  H  N N 227 
LYS HZ1  H  N N 228 
LYS HZ2  H  N N 229 
LYS HZ3  H  N N 230 
LYS HXT  H  N N 231 
MET N    N  N N 232 
MET CA   C  N S 233 
MET C    C  N N 234 
MET O    O  N N 235 
MET CB   C  N N 236 
MET CG   C  N N 237 
MET SD   S  N N 238 
MET CE   C  N N 239 
MET OXT  O  N N 240 
MET H    H  N N 241 
MET H2   H  N N 242 
MET HA   H  N N 243 
MET HB2  H  N N 244 
MET HB3  H  N N 245 
MET HG2  H  N N 246 
MET HG3  H  N N 247 
MET HE1  H  N N 248 
MET HE2  H  N N 249 
MET HE3  H  N N 250 
MET HXT  H  N N 251 
PHE N    N  N N 252 
PHE CA   C  N S 253 
PHE C    C  N N 254 
PHE O    O  N N 255 
PHE CB   C  N N 256 
PHE CG   C  Y N 257 
PHE CD1  C  Y N 258 
PHE CD2  C  Y N 259 
PHE CE1  C  Y N 260 
PHE CE2  C  Y N 261 
PHE CZ   C  Y N 262 
PHE OXT  O  N N 263 
PHE H    H  N N 264 
PHE H2   H  N N 265 
PHE HA   H  N N 266 
PHE HB2  H  N N 267 
PHE HB3  H  N N 268 
PHE HD1  H  N N 269 
PHE HD2  H  N N 270 
PHE HE1  H  N N 271 
PHE HE2  H  N N 272 
PHE HZ   H  N N 273 
PHE HXT  H  N N 274 
PRO N    N  N N 275 
PRO CA   C  N S 276 
PRO C    C  N N 277 
PRO O    O  N N 278 
PRO CB   C  N N 279 
PRO CG   C  N N 280 
PRO CD   C  N N 281 
PRO OXT  O  N N 282 
PRO H    H  N N 283 
PRO HA   H  N N 284 
PRO HB2  H  N N 285 
PRO HB3  H  N N 286 
PRO HG2  H  N N 287 
PRO HG3  H  N N 288 
PRO HD2  H  N N 289 
PRO HD3  H  N N 290 
PRO HXT  H  N N 291 
SER N    N  N N 292 
SER CA   C  N S 293 
SER C    C  N N 294 
SER O    O  N N 295 
SER CB   C  N N 296 
SER OG   O  N N 297 
SER OXT  O  N N 298 
SER H    H  N N 299 
SER H2   H  N N 300 
SER HA   H  N N 301 
SER HB2  H  N N 302 
SER HB3  H  N N 303 
SER HG   H  N N 304 
SER HXT  H  N N 305 
SO4 S    S  N N 306 
SO4 O1   O  N N 307 
SO4 O2   O  N N 308 
SO4 O3   O  N N 309 
SO4 O4   O  N N 310 
THR N    N  N N 311 
THR CA   C  N S 312 
THR C    C  N N 313 
THR O    O  N N 314 
THR CB   C  N R 315 
THR OG1  O  N N 316 
THR CG2  C  N N 317 
THR OXT  O  N N 318 
THR H    H  N N 319 
THR H2   H  N N 320 
THR HA   H  N N 321 
THR HB   H  N N 322 
THR HG1  H  N N 323 
THR HG21 H  N N 324 
THR HG22 H  N N 325 
THR HG23 H  N N 326 
THR HXT  H  N N 327 
TRP N    N  N N 328 
TRP CA   C  N S 329 
TRP C    C  N N 330 
TRP O    O  N N 331 
TRP CB   C  N N 332 
TRP CG   C  Y N 333 
TRP CD1  C  Y N 334 
TRP CD2  C  Y N 335 
TRP NE1  N  Y N 336 
TRP CE2  C  Y N 337 
TRP CE3  C  Y N 338 
TRP CZ2  C  Y N 339 
TRP CZ3  C  Y N 340 
TRP CH2  C  Y N 341 
TRP OXT  O  N N 342 
TRP H    H  N N 343 
TRP H2   H  N N 344 
TRP HA   H  N N 345 
TRP HB2  H  N N 346 
TRP HB3  H  N N 347 
TRP HD1  H  N N 348 
TRP HE1  H  N N 349 
TRP HE3  H  N N 350 
TRP HZ2  H  N N 351 
TRP HZ3  H  N N 352 
TRP HH2  H  N N 353 
TRP HXT  H  N N 354 
TYR N    N  N N 355 
TYR CA   C  N S 356 
TYR C    C  N N 357 
TYR O    O  N N 358 
TYR CB   C  N N 359 
TYR CG   C  Y N 360 
TYR CD1  C  Y N 361 
TYR CD2  C  Y N 362 
TYR CE1  C  Y N 363 
TYR CE2  C  Y N 364 
TYR CZ   C  Y N 365 
TYR OH   O  N N 366 
TYR OXT  O  N N 367 
TYR H    H  N N 368 
TYR H2   H  N N 369 
TYR HA   H  N N 370 
TYR HB2  H  N N 371 
TYR HB3  H  N N 372 
TYR HD1  H  N N 373 
TYR HD2  H  N N 374 
TYR HE1  H  N N 375 
TYR HE2  H  N N 376 
TYR HH   H  N N 377 
TYR HXT  H  N N 378 
VAL N    N  N N 379 
VAL CA   C  N S 380 
VAL C    C  N N 381 
VAL O    O  N N 382 
VAL CB   C  N N 383 
VAL CG1  C  N N 384 
VAL CG2  C  N N 385 
VAL OXT  O  N N 386 
VAL H    H  N N 387 
VAL H2   H  N N 388 
VAL HA   H  N N 389 
VAL HB   H  N N 390 
VAL HG11 H  N N 391 
VAL HG12 H  N N 392 
VAL HG13 H  N N 393 
VAL HG21 H  N N 394 
VAL HG22 H  N N 395 
VAL HG23 H  N N 396 
VAL HXT  H  N N 397 
# 
loop_
_chem_comp_bond.comp_id 
_chem_comp_bond.atom_id_1 
_chem_comp_bond.atom_id_2 
_chem_comp_bond.value_order 
_chem_comp_bond.pdbx_aromatic_flag 
_chem_comp_bond.pdbx_stereo_config 
_chem_comp_bond.pdbx_ordinal 
ALA N   CA   sing N N 1   
ALA N   H    sing N N 2   
ALA N   H2   sing N N 3   
ALA CA  C    sing N N 4   
ALA CA  CB   sing N N 5   
ALA CA  HA   sing N N 6   
ALA C   O    doub N N 7   
ALA C   OXT  sing N N 8   
ALA CB  HB1  sing N N 9   
ALA CB  HB2  sing N N 10  
ALA CB  HB3  sing N N 11  
ALA OXT HXT  sing N N 12  
ARG N   CA   sing N N 13  
ARG N   H    sing N N 14  
ARG N   H2   sing N N 15  
ARG CA  C    sing N N 16  
ARG CA  CB   sing N N 17  
ARG CA  HA   sing N N 18  
ARG C   O    doub N N 19  
ARG C   OXT  sing N N 20  
ARG CB  CG   sing N N 21  
ARG CB  HB2  sing N N 22  
ARG CB  HB3  sing N N 23  
ARG CG  CD   sing N N 24  
ARG CG  HG2  sing N N 25  
ARG CG  HG3  sing N N 26  
ARG CD  NE   sing N N 27  
ARG CD  HD2  sing N N 28  
ARG CD  HD3  sing N N 29  
ARG NE  CZ   sing N N 30  
ARG NE  HE   sing N N 31  
ARG CZ  NH1  sing N N 32  
ARG CZ  NH2  doub N N 33  
ARG NH1 HH11 sing N N 34  
ARG NH1 HH12 sing N N 35  
ARG NH2 HH21 sing N N 36  
ARG NH2 HH22 sing N N 37  
ARG OXT HXT  sing N N 38  
ASN N   CA   sing N N 39  
ASN N   H    sing N N 40  
ASN N   H2   sing N N 41  
ASN CA  C    sing N N 42  
ASN CA  CB   sing N N 43  
ASN CA  HA   sing N N 44  
ASN C   O    doub N N 45  
ASN C   OXT  sing N N 46  
ASN CB  CG   sing N N 47  
ASN CB  HB2  sing N N 48  
ASN CB  HB3  sing N N 49  
ASN CG  OD1  doub N N 50  
ASN CG  ND2  sing N N 51  
ASN ND2 HD21 sing N N 52  
ASN ND2 HD22 sing N N 53  
ASN OXT HXT  sing N N 54  
ASP N   CA   sing N N 55  
ASP N   H    sing N N 56  
ASP N   H2   sing N N 57  
ASP CA  C    sing N N 58  
ASP CA  CB   sing N N 59  
ASP CA  HA   sing N N 60  
ASP C   O    doub N N 61  
ASP C   OXT  sing N N 62  
ASP CB  CG   sing N N 63  
ASP CB  HB2  sing N N 64  
ASP CB  HB3  sing N N 65  
ASP CG  OD1  doub N N 66  
ASP CG  OD2  sing N N 67  
ASP OD2 HD2  sing N N 68  
ASP OXT HXT  sing N N 69  
CYS N   CA   sing N N 70  
CYS N   H    sing N N 71  
CYS N   H2   sing N N 72  
CYS CA  C    sing N N 73  
CYS CA  CB   sing N N 74  
CYS CA  HA   sing N N 75  
CYS C   O    doub N N 76  
CYS C   OXT  sing N N 77  
CYS CB  SG   sing N N 78  
CYS CB  HB2  sing N N 79  
CYS CB  HB3  sing N N 80  
CYS SG  HG   sing N N 81  
CYS OXT HXT  sing N N 82  
GLN N   CA   sing N N 83  
GLN N   H    sing N N 84  
GLN N   H2   sing N N 85  
GLN CA  C    sing N N 86  
GLN CA  CB   sing N N 87  
GLN CA  HA   sing N N 88  
GLN C   O    doub N N 89  
GLN C   OXT  sing N N 90  
GLN CB  CG   sing N N 91  
GLN CB  HB2  sing N N 92  
GLN CB  HB3  sing N N 93  
GLN CG  CD   sing N N 94  
GLN CG  HG2  sing N N 95  
GLN CG  HG3  sing N N 96  
GLN CD  OE1  doub N N 97  
GLN CD  NE2  sing N N 98  
GLN NE2 HE21 sing N N 99  
GLN NE2 HE22 sing N N 100 
GLN OXT HXT  sing N N 101 
GLU N   CA   sing N N 102 
GLU N   H    sing N N 103 
GLU N   H2   sing N N 104 
GLU CA  C    sing N N 105 
GLU CA  CB   sing N N 106 
GLU CA  HA   sing N N 107 
GLU C   O    doub N N 108 
GLU C   OXT  sing N N 109 
GLU CB  CG   sing N N 110 
GLU CB  HB2  sing N N 111 
GLU CB  HB3  sing N N 112 
GLU CG  CD   sing N N 113 
GLU CG  HG2  sing N N 114 
GLU CG  HG3  sing N N 115 
GLU CD  OE1  doub N N 116 
GLU CD  OE2  sing N N 117 
GLU OE2 HE2  sing N N 118 
GLU OXT HXT  sing N N 119 
GLY N   CA   sing N N 120 
GLY N   H    sing N N 121 
GLY N   H2   sing N N 122 
GLY CA  C    sing N N 123 
GLY CA  HA2  sing N N 124 
GLY CA  HA3  sing N N 125 
GLY C   O    doub N N 126 
GLY C   OXT  sing N N 127 
GLY OXT HXT  sing N N 128 
HIS N   CA   sing N N 129 
HIS N   H    sing N N 130 
HIS N   H2   sing N N 131 
HIS CA  C    sing N N 132 
HIS CA  CB   sing N N 133 
HIS CA  HA   sing N N 134 
HIS C   O    doub N N 135 
HIS C   OXT  sing N N 136 
HIS CB  CG   sing N N 137 
HIS CB  HB2  sing N N 138 
HIS CB  HB3  sing N N 139 
HIS CG  ND1  sing Y N 140 
HIS CG  CD2  doub Y N 141 
HIS ND1 CE1  doub Y N 142 
HIS ND1 HD1  sing N N 143 
HIS CD2 NE2  sing Y N 144 
HIS CD2 HD2  sing N N 145 
HIS CE1 NE2  sing Y N 146 
HIS CE1 HE1  sing N N 147 
HIS NE2 HE2  sing N N 148 
HIS OXT HXT  sing N N 149 
HOH O   H1   sing N N 150 
HOH O   H2   sing N N 151 
ILE N   CA   sing N N 152 
ILE N   H    sing N N 153 
ILE N   H2   sing N N 154 
ILE CA  C    sing N N 155 
ILE CA  CB   sing N N 156 
ILE CA  HA   sing N N 157 
ILE C   O    doub N N 158 
ILE C   OXT  sing N N 159 
ILE CB  CG1  sing N N 160 
ILE CB  CG2  sing N N 161 
ILE CB  HB   sing N N 162 
ILE CG1 CD1  sing N N 163 
ILE CG1 HG12 sing N N 164 
ILE CG1 HG13 sing N N 165 
ILE CG2 HG21 sing N N 166 
ILE CG2 HG22 sing N N 167 
ILE CG2 HG23 sing N N 168 
ILE CD1 HD11 sing N N 169 
ILE CD1 HD12 sing N N 170 
ILE CD1 HD13 sing N N 171 
ILE OXT HXT  sing N N 172 
LEU N   CA   sing N N 173 
LEU N   H    sing N N 174 
LEU N   H2   sing N N 175 
LEU CA  C    sing N N 176 
LEU CA  CB   sing N N 177 
LEU CA  HA   sing N N 178 
LEU C   O    doub N N 179 
LEU C   OXT  sing N N 180 
LEU CB  CG   sing N N 181 
LEU CB  HB2  sing N N 182 
LEU CB  HB3  sing N N 183 
LEU CG  CD1  sing N N 184 
LEU CG  CD2  sing N N 185 
LEU CG  HG   sing N N 186 
LEU CD1 HD11 sing N N 187 
LEU CD1 HD12 sing N N 188 
LEU CD1 HD13 sing N N 189 
LEU CD2 HD21 sing N N 190 
LEU CD2 HD22 sing N N 191 
LEU CD2 HD23 sing N N 192 
LEU OXT HXT  sing N N 193 
LYS N   CA   sing N N 194 
LYS N   H    sing N N 195 
LYS N   H2   sing N N 196 
LYS CA  C    sing N N 197 
LYS CA  CB   sing N N 198 
LYS CA  HA   sing N N 199 
LYS C   O    doub N N 200 
LYS C   OXT  sing N N 201 
LYS CB  CG   sing N N 202 
LYS CB  HB2  sing N N 203 
LYS CB  HB3  sing N N 204 
LYS CG  CD   sing N N 205 
LYS CG  HG2  sing N N 206 
LYS CG  HG3  sing N N 207 
LYS CD  CE   sing N N 208 
LYS CD  HD2  sing N N 209 
LYS CD  HD3  sing N N 210 
LYS CE  NZ   sing N N 211 
LYS CE  HE2  sing N N 212 
LYS CE  HE3  sing N N 213 
LYS NZ  HZ1  sing N N 214 
LYS NZ  HZ2  sing N N 215 
LYS NZ  HZ3  sing N N 216 
LYS OXT HXT  sing N N 217 
MET N   CA   sing N N 218 
MET N   H    sing N N 219 
MET N   H2   sing N N 220 
MET CA  C    sing N N 221 
MET CA  CB   sing N N 222 
MET CA  HA   sing N N 223 
MET C   O    doub N N 224 
MET C   OXT  sing N N 225 
MET CB  CG   sing N N 226 
MET CB  HB2  sing N N 227 
MET CB  HB3  sing N N 228 
MET CG  SD   sing N N 229 
MET CG  HG2  sing N N 230 
MET CG  HG3  sing N N 231 
MET SD  CE   sing N N 232 
MET CE  HE1  sing N N 233 
MET CE  HE2  sing N N 234 
MET CE  HE3  sing N N 235 
MET OXT HXT  sing N N 236 
PHE N   CA   sing N N 237 
PHE N   H    sing N N 238 
PHE N   H2   sing N N 239 
PHE CA  C    sing N N 240 
PHE CA  CB   sing N N 241 
PHE CA  HA   sing N N 242 
PHE C   O    doub N N 243 
PHE C   OXT  sing N N 244 
PHE CB  CG   sing N N 245 
PHE CB  HB2  sing N N 246 
PHE CB  HB3  sing N N 247 
PHE CG  CD1  doub Y N 248 
PHE CG  CD2  sing Y N 249 
PHE CD1 CE1  sing Y N 250 
PHE CD1 HD1  sing N N 251 
PHE CD2 CE2  doub Y N 252 
PHE CD2 HD2  sing N N 253 
PHE CE1 CZ   doub Y N 254 
PHE CE1 HE1  sing N N 255 
PHE CE2 CZ   sing Y N 256 
PHE CE2 HE2  sing N N 257 
PHE CZ  HZ   sing N N 258 
PHE OXT HXT  sing N N 259 
PRO N   CA   sing N N 260 
PRO N   CD   sing N N 261 
PRO N   H    sing N N 262 
PRO CA  C    sing N N 263 
PRO CA  CB   sing N N 264 
PRO CA  HA   sing N N 265 
PRO C   O    doub N N 266 
PRO C   OXT  sing N N 267 
PRO CB  CG   sing N N 268 
PRO CB  HB2  sing N N 269 
PRO CB  HB3  sing N N 270 
PRO CG  CD   sing N N 271 
PRO CG  HG2  sing N N 272 
PRO CG  HG3  sing N N 273 
PRO CD  HD2  sing N N 274 
PRO CD  HD3  sing N N 275 
PRO OXT HXT  sing N N 276 
SER N   CA   sing N N 277 
SER N   H    sing N N 278 
SER N   H2   sing N N 279 
SER CA  C    sing N N 280 
SER CA  CB   sing N N 281 
SER CA  HA   sing N N 282 
SER C   O    doub N N 283 
SER C   OXT  sing N N 284 
SER CB  OG   sing N N 285 
SER CB  HB2  sing N N 286 
SER CB  HB3  sing N N 287 
SER OG  HG   sing N N 288 
SER OXT HXT  sing N N 289 
SO4 S   O1   doub N N 290 
SO4 S   O2   doub N N 291 
SO4 S   O3   sing N N 292 
SO4 S   O4   sing N N 293 
THR N   CA   sing N N 294 
THR N   H    sing N N 295 
THR N   H2   sing N N 296 
THR CA  C    sing N N 297 
THR CA  CB   sing N N 298 
THR CA  HA   sing N N 299 
THR C   O    doub N N 300 
THR C   OXT  sing N N 301 
THR CB  OG1  sing N N 302 
THR CB  CG2  sing N N 303 
THR CB  HB   sing N N 304 
THR OG1 HG1  sing N N 305 
THR CG2 HG21 sing N N 306 
THR CG2 HG22 sing N N 307 
THR CG2 HG23 sing N N 308 
THR OXT HXT  sing N N 309 
TRP N   CA   sing N N 310 
TRP N   H    sing N N 311 
TRP N   H2   sing N N 312 
TRP CA  C    sing N N 313 
TRP CA  CB   sing N N 314 
TRP CA  HA   sing N N 315 
TRP C   O    doub N N 316 
TRP C   OXT  sing N N 317 
TRP CB  CG   sing N N 318 
TRP CB  HB2  sing N N 319 
TRP CB  HB3  sing N N 320 
TRP CG  CD1  doub Y N 321 
TRP CG  CD2  sing Y N 322 
TRP CD1 NE1  sing Y N 323 
TRP CD1 HD1  sing N N 324 
TRP CD2 CE2  doub Y N 325 
TRP CD2 CE3  sing Y N 326 
TRP NE1 CE2  sing Y N 327 
TRP NE1 HE1  sing N N 328 
TRP CE2 CZ2  sing Y N 329 
TRP CE3 CZ3  doub Y N 330 
TRP CE3 HE3  sing N N 331 
TRP CZ2 CH2  doub Y N 332 
TRP CZ2 HZ2  sing N N 333 
TRP CZ3 CH2  sing Y N 334 
TRP CZ3 HZ3  sing N N 335 
TRP CH2 HH2  sing N N 336 
TRP OXT HXT  sing N N 337 
TYR N   CA   sing N N 338 
TYR N   H    sing N N 339 
TYR N   H2   sing N N 340 
TYR CA  C    sing N N 341 
TYR CA  CB   sing N N 342 
TYR CA  HA   sing N N 343 
TYR C   O    doub N N 344 
TYR C   OXT  sing N N 345 
TYR CB  CG   sing N N 346 
TYR CB  HB2  sing N N 347 
TYR CB  HB3  sing N N 348 
TYR CG  CD1  doub Y N 349 
TYR CG  CD2  sing Y N 350 
TYR CD1 CE1  sing Y N 351 
TYR CD1 HD1  sing N N 352 
TYR CD2 CE2  doub Y N 353 
TYR CD2 HD2  sing N N 354 
TYR CE1 CZ   doub Y N 355 
TYR CE1 HE1  sing N N 356 
TYR CE2 CZ   sing Y N 357 
TYR CE2 HE2  sing N N 358 
TYR CZ  OH   sing N N 359 
TYR OH  HH   sing N N 360 
TYR OXT HXT  sing N N 361 
VAL N   CA   sing N N 362 
VAL N   H    sing N N 363 
VAL N   H2   sing N N 364 
VAL CA  C    sing N N 365 
VAL CA  CB   sing N N 366 
VAL CA  HA   sing N N 367 
VAL C   O    doub N N 368 
VAL C   OXT  sing N N 369 
VAL CB  CG1  sing N N 370 
VAL CB  CG2  sing N N 371 
VAL CB  HB   sing N N 372 
VAL CG1 HG11 sing N N 373 
VAL CG1 HG12 sing N N 374 
VAL CG1 HG13 sing N N 375 
VAL CG2 HG21 sing N N 376 
VAL CG2 HG22 sing N N 377 
VAL CG2 HG23 sing N N 378 
VAL OXT HXT  sing N N 379 
# 
loop_
_pdbx_entity_nonpoly.entity_id 
_pdbx_entity_nonpoly.name 
_pdbx_entity_nonpoly.comp_id 
2 'CALCIUM ION'  CA  
3 'SULFATE ION'  SO4 
4 'CHLORIDE ION' CL  
5 water          HOH 
# 
_pdbx_initial_refinement_model.id               1 
_pdbx_initial_refinement_model.entity_id_list   ? 
_pdbx_initial_refinement_model.type             'experimental model' 
_pdbx_initial_refinement_model.source_name      PDB 
_pdbx_initial_refinement_model.accession_code   1NBC 
_pdbx_initial_refinement_model.details          'PDB ENTRY 1NBC' 
# 
